data_2HOP
# 
_entry.id   2HOP 
# 
_audit_conform.dict_name       mmcif_pdbx.dic 
_audit_conform.dict_version    5.387 
_audit_conform.dict_location   http://mmcif.pdb.org/dictionaries/ascii/mmcif_pdbx.dic 
# 
loop_
_database_2.database_id 
_database_2.database_code 
_database_2.pdbx_database_accession 
_database_2.pdbx_DOI 
PDB   2HOP         pdb_00002hop 10.2210/pdb2hop/pdb 
NDB   UR0104       ?            ?                   
RCSB  RCSB038585   ?            ?                   
WWPDB D_1000038585 ?            ?                   
# 
loop_
_pdbx_audit_revision_history.ordinal 
_pdbx_audit_revision_history.data_content_type 
_pdbx_audit_revision_history.major_revision 
_pdbx_audit_revision_history.minor_revision 
_pdbx_audit_revision_history.revision_date 
1 'Structure model' 1 0 2006-09-19 
2 'Structure model' 1 1 2008-05-01 
3 'Structure model' 1 2 2011-07-13 
4 'Structure model' 1 3 2024-02-14 
# 
_pdbx_audit_revision_details.ordinal             1 
_pdbx_audit_revision_details.revision_ordinal    1 
_pdbx_audit_revision_details.data_content_type   'Structure model' 
_pdbx_audit_revision_details.provider            repository 
_pdbx_audit_revision_details.type                'Initial release' 
_pdbx_audit_revision_details.description         ? 
_pdbx_audit_revision_details.details             ? 
# 
loop_
_pdbx_audit_revision_group.ordinal 
_pdbx_audit_revision_group.revision_ordinal 
_pdbx_audit_revision_group.data_content_type 
_pdbx_audit_revision_group.group 
1 2 'Structure model' 'Version format compliance' 
2 3 'Structure model' 'Version format compliance' 
3 4 'Structure model' 'Data collection'           
4 4 'Structure model' 'Database references'       
5 4 'Structure model' 'Derived calculations'      
# 
loop_
_pdbx_audit_revision_category.ordinal 
_pdbx_audit_revision_category.revision_ordinal 
_pdbx_audit_revision_category.data_content_type 
_pdbx_audit_revision_category.category 
1 4 'Structure model' chem_comp_atom 
2 4 'Structure model' chem_comp_bond 
3 4 'Structure model' database_2     
4 4 'Structure model' struct_conn    
5 4 'Structure model' struct_site    
# 
loop_
_pdbx_audit_revision_item.ordinal 
_pdbx_audit_revision_item.revision_ordinal 
_pdbx_audit_revision_item.data_content_type 
_pdbx_audit_revision_item.item 
1  4 'Structure model' '_database_2.pdbx_DOI'                
2  4 'Structure model' '_database_2.pdbx_database_accession' 
3  4 'Structure model' '_struct_conn.ptnr1_auth_comp_id'     
4  4 'Structure model' '_struct_conn.ptnr1_auth_seq_id'      
5  4 'Structure model' '_struct_conn.ptnr1_label_asym_id'    
6  4 'Structure model' '_struct_conn.ptnr1_label_atom_id'    
7  4 'Structure model' '_struct_conn.ptnr1_label_comp_id'    
8  4 'Structure model' '_struct_conn.ptnr1_label_seq_id'     
9  4 'Structure model' '_struct_conn.ptnr2_auth_comp_id'     
10 4 'Structure model' '_struct_conn.ptnr2_auth_seq_id'      
11 4 'Structure model' '_struct_conn.ptnr2_label_asym_id'    
12 4 'Structure model' '_struct_conn.ptnr2_label_atom_id'    
13 4 'Structure model' '_struct_conn.ptnr2_label_comp_id'    
14 4 'Structure model' '_struct_conn.ptnr2_label_seq_id'     
15 4 'Structure model' '_struct_site.pdbx_auth_asym_id'      
16 4 'Structure model' '_struct_site.pdbx_auth_comp_id'      
17 4 'Structure model' '_struct_site.pdbx_auth_seq_id'       
# 
_pdbx_database_status.entry_id                        2HOP 
_pdbx_database_status.status_code                     REL 
_pdbx_database_status.status_code_sf                  REL 
_pdbx_database_status.deposit_site                    RCSB 
_pdbx_database_status.process_site                    RCSB 
_pdbx_database_status.recvd_initial_deposition_date   2006-07-14 
_pdbx_database_status.SG_entry                        N 
_pdbx_database_status.status_code_mr                  ? 
_pdbx_database_status.pdb_format_compatible           Y 
_pdbx_database_status.status_code_cs                  ? 
_pdbx_database_status.status_code_nmr_data            ? 
_pdbx_database_status.methods_development_category    ? 
# 
loop_
_pdbx_database_related.db_name 
_pdbx_database_related.db_id 
_pdbx_database_related.details 
_pdbx_database_related.content_type 
PDB 2HOJ 'Mn, 2.5 Ang resolution, TPP'             unspecified 
PDB 2HOK 'Ca, 3.2 Ang resolution, TPP'             unspecified 
PDB 2HOL 'Ba, 2.9 Ang resolution, TPP'             unspecified 
PDB 2HOM '2.85 Ang resolution, TPS'                unspecified 
PDB 2HOO '3.0 Ang resolution, BzTP (BENFOTIAMINE)' unspecified 
# 
loop_
_audit_author.name 
_audit_author.pdbx_ordinal 
'Edwards, T.E.'       1 
;Ferre-D'Amare, A.R.
;
2 
# 
_citation.id                        primary 
_citation.title                     
'Crystal Structures of the Thi-Box Riboswitch Bound to Thiamine Pyrophosphate Analogs Reveal Adaptive RNA-Small Molecule Recognition' 
_citation.journal_abbrev            Structure 
_citation.journal_volume            14 
_citation.page_first                1459 
_citation.page_last                 1468 
_citation.year                      2006 
_citation.journal_id_ASTM           STRUE6 
_citation.country                   UK 
_citation.journal_id_ISSN           0969-2126 
_citation.journal_id_CSD            2005 
_citation.book_publisher            ? 
_citation.pdbx_database_id_PubMed   16962976 
_citation.pdbx_database_id_DOI      10.1016/j.str.2006.07.008 
# 
loop_
_citation_author.citation_id 
_citation_author.name 
_citation_author.ordinal 
_citation_author.identifier_ORCID 
primary 'Edwards, T.E.'       1 ? 
primary 
;Ferre-D'Amare, A.R.
;
2 ? 
# 
loop_
_entity.id 
_entity.type 
_entity.src_method 
_entity.pdbx_description 
_entity.formula_weight 
_entity.pdbx_number_of_molecules 
_entity.pdbx_ec 
_entity.pdbx_mutation 
_entity.pdbx_fragment 
_entity.details 
1 polymer     syn 'thi-box riboswitch'                                                               26798.936 1 ? ? ? ? 
2 non-polymer syn 'MAGNESIUM ION'                                                                    24.305    3 ? ? ? ? 
3 non-polymer syn 'CALCIUM ION'                                                                      40.078    1 ? ? ? ? 
4 non-polymer syn '1-[(4-AMINO-2-METHYLPYRIMIDIN-5-YL)METHYL]-3-(2-HYDROXYETHYL)-2-METHYLPYRIDINIUM' 259.327   1 ? ? ? ? 
# 
_entity_poly.entity_id                      1 
_entity_poly.type                           polyribonucleotide 
_entity_poly.nstd_linkage                   no 
_entity_poly.nstd_monomer                   no 
_entity_poly.pdbx_seq_one_letter_code       
;GCGACUCGGGGUGCCCUUCUGCGUGAAGGCUGAGAAAUACCCGUAUCACCUGAUCUGGAUAAUGCCAGCGUAGGGAAGUC
GCA
;
_entity_poly.pdbx_seq_one_letter_code_can   
;GCGACUCGGGGUGCCCUUCUGCGUGAAGGCUGAGAAAUACCCGUAUCACCUGAUCUGGAUAAUGCCAGCGUAGGGAAGUC
GCA
;
_entity_poly.pdbx_strand_id                 A 
_entity_poly.pdbx_target_identifier         ? 
# 
loop_
_pdbx_entity_nonpoly.entity_id 
_pdbx_entity_nonpoly.name 
_pdbx_entity_nonpoly.comp_id 
2 'MAGNESIUM ION'                                                                    MG  
3 'CALCIUM ION'                                                                      CA  
4 '1-[(4-AMINO-2-METHYLPYRIMIDIN-5-YL)METHYL]-3-(2-HYDROXYETHYL)-2-METHYLPYRIDINIUM' 218 
# 
loop_
_entity_poly_seq.entity_id 
_entity_poly_seq.num 
_entity_poly_seq.mon_id 
_entity_poly_seq.hetero 
1 1  G n 
1 2  C n 
1 3  G n 
1 4  A n 
1 5  C n 
1 6  U n 
1 7  C n 
1 8  G n 
1 9  G n 
1 10 G n 
1 11 G n 
1 12 U n 
1 13 G n 
1 14 C n 
1 15 C n 
1 16 C n 
1 17 U n 
1 18 U n 
1 19 C n 
1 20 U n 
1 21 G n 
1 22 C n 
1 23 G n 
1 24 U n 
1 25 G n 
1 26 A n 
1 27 A n 
1 28 G n 
1 29 G n 
1 30 C n 
1 31 U n 
1 32 G n 
1 33 A n 
1 34 G n 
1 35 A n 
1 36 A n 
1 37 A n 
1 38 U n 
1 39 A n 
1 40 C n 
1 41 C n 
1 42 C n 
1 43 G n 
1 44 U n 
1 45 A n 
1 46 U n 
1 47 C n 
1 48 A n 
1 49 C n 
1 50 C n 
1 51 U n 
1 52 G n 
1 53 A n 
1 54 U n 
1 55 C n 
1 56 U n 
1 57 G n 
1 58 G n 
1 59 A n 
1 60 U n 
1 61 A n 
1 62 A n 
1 63 U n 
1 64 G n 
1 65 C n 
1 66 C n 
1 67 A n 
1 68 G n 
1 69 C n 
1 70 G n 
1 71 U n 
1 72 A n 
1 73 G n 
1 74 G n 
1 75 G n 
1 76 A n 
1 77 A n 
1 78 G n 
1 79 U n 
1 80 C n 
1 81 G n 
1 82 C n 
1 83 A n 
# 
_pdbx_entity_src_syn.entity_id              1 
_pdbx_entity_src_syn.pdbx_src_id            1 
_pdbx_entity_src_syn.pdbx_alt_source_flag   sample 
_pdbx_entity_src_syn.pdbx_beg_seq_num       ? 
_pdbx_entity_src_syn.pdbx_end_seq_num       ? 
_pdbx_entity_src_syn.organism_scientific    ? 
_pdbx_entity_src_syn.organism_common_name   ? 
_pdbx_entity_src_syn.ncbi_taxonomy_id       ? 
_pdbx_entity_src_syn.details                
;in vitro T7 RNA polymerase with 5'cis-hammerhead ribozyme and 5'-trans VS ribozyme
;
# 
loop_
_chem_comp.id 
_chem_comp.type 
_chem_comp.mon_nstd_flag 
_chem_comp.name 
_chem_comp.pdbx_synonyms 
_chem_comp.formula 
_chem_comp.formula_weight 
218 non-polymer   . '1-[(4-AMINO-2-METHYLPYRIMIDIN-5-YL)METHYL]-3-(2-HYDROXYETHYL)-2-METHYLPYRIDINIUM' ? 'C14 H19 N4 O 1'  259.327 
A   'RNA linking' y "ADENOSINE-5'-MONOPHOSPHATE"                                                       ? 'C10 H14 N5 O7 P' 347.221 
C   'RNA linking' y "CYTIDINE-5'-MONOPHOSPHATE"                                                        ? 'C9 H14 N3 O8 P'  323.197 
CA  non-polymer   . 'CALCIUM ION'                                                                      ? 'Ca 2'            40.078  
G   'RNA linking' y "GUANOSINE-5'-MONOPHOSPHATE"                                                       ? 'C10 H14 N5 O8 P' 363.221 
MG  non-polymer   . 'MAGNESIUM ION'                                                                    ? 'Mg 2'            24.305  
U   'RNA linking' y "URIDINE-5'-MONOPHOSPHATE"                                                         ? 'C9 H13 N2 O9 P'  324.181 
# 
loop_
_pdbx_poly_seq_scheme.asym_id 
_pdbx_poly_seq_scheme.entity_id 
_pdbx_poly_seq_scheme.seq_id 
_pdbx_poly_seq_scheme.mon_id 
_pdbx_poly_seq_scheme.ndb_seq_num 
_pdbx_poly_seq_scheme.pdb_seq_num 
_pdbx_poly_seq_scheme.auth_seq_num 
_pdbx_poly_seq_scheme.pdb_mon_id 
_pdbx_poly_seq_scheme.auth_mon_id 
_pdbx_poly_seq_scheme.pdb_strand_id 
_pdbx_poly_seq_scheme.pdb_ins_code 
_pdbx_poly_seq_scheme.hetero 
A 1 1  G 1  9  9  G G A . n 
A 1 2  C 2  10 10 C C A . n 
A 1 3  G 3  11 11 G G A . n 
A 1 4  A 4  12 12 A A A . n 
A 1 5  C 5  13 13 C C A . n 
A 1 6  U 6  14 14 U U A . n 
A 1 7  C 7  15 15 C C A . n 
A 1 8  G 8  16 16 G G A . n 
A 1 9  G 9  17 17 G G A . n 
A 1 10 G 10 18 18 G G A . n 
A 1 11 G 11 19 19 G G A . n 
A 1 12 U 12 20 20 U U A . n 
A 1 13 G 13 21 21 G G A . n 
A 1 14 C 14 22 22 C C A . n 
A 1 15 C 15 23 23 C C A . n 
A 1 16 C 16 24 24 C C A . n 
A 1 17 U 17 25 ?  ? ? A . n 
A 1 18 U 18 26 ?  ? ? A . n 
A 1 19 C 19 27 ?  ? ? A . n 
A 1 20 U 20 28 ?  ? ? A . n 
A 1 21 G 21 29 29 G G A . n 
A 1 22 C 22 30 30 C C A . n 
A 1 23 G 23 31 31 G G A . n 
A 1 24 U 24 32 32 U U A . n 
A 1 25 G 25 33 33 G G A . n 
A 1 26 A 26 34 34 A A A . n 
A 1 27 A 27 35 35 A A A . n 
A 1 28 G 28 36 36 G G A . n 
A 1 29 G 29 37 37 G G A . n 
A 1 30 C 30 38 38 C C A . n 
A 1 31 U 31 39 39 U U A . n 
A 1 32 G 32 40 40 G G A . n 
A 1 33 A 33 41 41 A A A . n 
A 1 34 G 34 42 42 G G A . n 
A 1 35 A 35 43 43 A A A . n 
A 1 36 A 36 44 44 A A A . n 
A 1 37 A 37 45 45 A A A . n 
A 1 38 U 38 46 46 U U A . n 
A 1 39 A 39 47 47 A A A . n 
A 1 40 C 40 48 48 C C A . n 
A 1 41 C 41 49 49 C C A . n 
A 1 42 C 42 50 50 C C A . n 
A 1 43 G 43 51 51 G G A . n 
A 1 44 U 44 52 52 U U A . n 
A 1 45 A 45 53 53 A A A . n 
A 1 46 U 46 54 54 U U A . n 
A 1 47 C 47 55 55 C C A . n 
A 1 48 A 48 56 56 A A A . n 
A 1 49 C 49 57 57 C C A . n 
A 1 50 C 50 58 58 C C A . n 
A 1 51 U 51 59 59 U U A . n 
A 1 52 G 52 60 60 G G A . n 
A 1 53 A 53 61 61 A A A . n 
A 1 54 U 54 62 ?  ? ? A . n 
A 1 55 C 55 63 63 C C A . n 
A 1 56 U 56 64 64 U U A . n 
A 1 57 G 57 65 65 G G A . n 
A 1 58 G 58 66 66 G G A . n 
A 1 59 A 59 67 67 A A A . n 
A 1 60 U 60 68 68 U U A . n 
A 1 61 A 61 69 69 A A A . n 
A 1 62 A 62 70 70 A A A . n 
A 1 63 U 63 71 71 U U A . n 
A 1 64 G 64 72 72 G G A . n 
A 1 65 C 65 73 73 C C A . n 
A 1 66 C 66 74 74 C C A . n 
A 1 67 A 67 75 75 A A A . n 
A 1 68 G 68 76 76 G G A . n 
A 1 69 C 69 77 77 C C A . n 
A 1 70 G 70 78 ?  ? ? A . n 
A 1 71 U 71 79 ?  ? ? A . n 
A 1 72 A 72 80 80 A A A . n 
A 1 73 G 73 81 81 G G A . n 
A 1 74 G 74 82 82 G G A . n 
A 1 75 G 75 83 83 G G A . n 
A 1 76 A 76 84 84 A A A . n 
A 1 77 A 77 85 85 A A A . n 
A 1 78 G 78 86 86 G G A . n 
A 1 79 U 79 87 87 U U A . n 
A 1 80 C 80 88 88 C C A . n 
A 1 81 G 81 89 89 G G A . n 
A 1 82 C 82 90 90 C C A . n 
A 1 83 A 83 91 91 A A A . n 
# 
loop_
_pdbx_nonpoly_scheme.asym_id 
_pdbx_nonpoly_scheme.entity_id 
_pdbx_nonpoly_scheme.mon_id 
_pdbx_nonpoly_scheme.ndb_seq_num 
_pdbx_nonpoly_scheme.pdb_seq_num 
_pdbx_nonpoly_scheme.auth_seq_num 
_pdbx_nonpoly_scheme.pdb_mon_id 
_pdbx_nonpoly_scheme.auth_mon_id 
_pdbx_nonpoly_scheme.pdb_strand_id 
_pdbx_nonpoly_scheme.pdb_ins_code 
B 2 MG  1 93 93 MG  MG  A . 
C 2 MG  1 94 94 MG  MG  A . 
D 3 CA  1 95 95 CA  CA  A . 
E 2 MG  1 96 96 MG  MG  A . 
F 4 218 1 92 92 218 218 A . 
# 
loop_
_pdbx_unobs_or_zero_occ_atoms.id 
_pdbx_unobs_or_zero_occ_atoms.PDB_model_num 
_pdbx_unobs_or_zero_occ_atoms.polymer_flag 
_pdbx_unobs_or_zero_occ_atoms.occupancy_flag 
_pdbx_unobs_or_zero_occ_atoms.auth_asym_id 
_pdbx_unobs_or_zero_occ_atoms.auth_comp_id 
_pdbx_unobs_or_zero_occ_atoms.auth_seq_id 
_pdbx_unobs_or_zero_occ_atoms.PDB_ins_code 
_pdbx_unobs_or_zero_occ_atoms.auth_atom_id 
_pdbx_unobs_or_zero_occ_atoms.label_alt_id 
_pdbx_unobs_or_zero_occ_atoms.label_asym_id 
_pdbx_unobs_or_zero_occ_atoms.label_comp_id 
_pdbx_unobs_or_zero_occ_atoms.label_seq_id 
_pdbx_unobs_or_zero_occ_atoms.label_atom_id 
1  1 Y 1 A G 29 ? P     ? A G 21 P     
2  1 Y 1 A G 29 ? OP1   ? A G 21 OP1   
3  1 Y 1 A G 29 ? OP2   ? A G 21 OP2   
4  1 Y 1 A G 33 ? N9    ? A G 25 N9    
5  1 Y 1 A G 33 ? C8    ? A G 25 C8    
6  1 Y 1 A G 33 ? N7    ? A G 25 N7    
7  1 Y 1 A G 33 ? C5    ? A G 25 C5    
8  1 Y 1 A G 33 ? C6    ? A G 25 C6    
9  1 Y 1 A G 33 ? O6    ? A G 25 O6    
10 1 Y 1 A G 33 ? N1    ? A G 25 N1    
11 1 Y 1 A G 33 ? C2    ? A G 25 C2    
12 1 Y 1 A G 33 ? N2    ? A G 25 N2    
13 1 Y 1 A G 33 ? N3    ? A G 25 N3    
14 1 Y 1 A G 33 ? C4    ? A G 25 C4    
15 1 Y 1 A U 46 ? N1    ? A U 38 N1    
16 1 Y 1 A U 46 ? C2    ? A U 38 C2    
17 1 Y 1 A U 46 ? O2    ? A U 38 O2    
18 1 Y 1 A U 46 ? N3    ? A U 38 N3    
19 1 Y 1 A U 46 ? C4    ? A U 38 C4    
20 1 Y 1 A U 46 ? O4    ? A U 38 O4    
21 1 Y 1 A U 46 ? C5    ? A U 38 C5    
22 1 Y 1 A U 46 ? C6    ? A U 38 C6    
23 1 Y 1 A U 54 ? N1    ? A U 46 N1    
24 1 Y 1 A U 54 ? C2    ? A U 46 C2    
25 1 Y 1 A U 54 ? O2    ? A U 46 O2    
26 1 Y 1 A U 54 ? N3    ? A U 46 N3    
27 1 Y 1 A U 54 ? C4    ? A U 46 C4    
28 1 Y 1 A U 54 ? O4    ? A U 46 O4    
29 1 Y 1 A U 54 ? C5    ? A U 46 C5    
30 1 Y 1 A U 54 ? C6    ? A U 46 C6    
31 1 Y 1 A C 55 ? N1    ? A C 47 N1    
32 1 Y 1 A C 55 ? C2    ? A C 47 C2    
33 1 Y 1 A C 55 ? O2    ? A C 47 O2    
34 1 Y 1 A C 55 ? N3    ? A C 47 N3    
35 1 Y 1 A C 55 ? C4    ? A C 47 C4    
36 1 Y 1 A C 55 ? N4    ? A C 47 N4    
37 1 Y 1 A C 55 ? C5    ? A C 47 C5    
38 1 Y 1 A C 55 ? C6    ? A C 47 C6    
39 1 Y 1 A A 61 ? "O3'" ? A A 53 "O3'" 
40 1 Y 1 A C 63 ? N1    ? A C 55 N1    
41 1 Y 1 A C 63 ? C2    ? A C 55 C2    
42 1 Y 1 A C 63 ? O2    ? A C 55 O2    
43 1 Y 1 A C 63 ? N3    ? A C 55 N3    
44 1 Y 1 A C 63 ? C4    ? A C 55 C4    
45 1 Y 1 A C 63 ? N4    ? A C 55 N4    
46 1 Y 1 A C 63 ? C5    ? A C 55 C5    
47 1 Y 1 A C 63 ? C6    ? A C 55 C6    
48 1 Y 1 A G 72 ? N9    ? A G 64 N9    
49 1 Y 1 A G 72 ? C8    ? A G 64 C8    
50 1 Y 1 A G 72 ? N7    ? A G 64 N7    
51 1 Y 1 A G 72 ? C5    ? A G 64 C5    
52 1 Y 1 A G 72 ? C6    ? A G 64 C6    
53 1 Y 1 A G 72 ? O6    ? A G 64 O6    
54 1 Y 1 A G 72 ? N1    ? A G 64 N1    
55 1 Y 1 A G 72 ? C2    ? A G 64 C2    
56 1 Y 1 A G 72 ? N2    ? A G 64 N2    
57 1 Y 1 A G 72 ? N3    ? A G 64 N3    
58 1 Y 1 A G 72 ? C4    ? A G 64 C4    
59 1 Y 1 A C 77 ? N1    ? A C 69 N1    
60 1 Y 1 A C 77 ? C2    ? A C 69 C2    
61 1 Y 1 A C 77 ? O2    ? A C 69 O2    
62 1 Y 1 A C 77 ? N3    ? A C 69 N3    
63 1 Y 1 A C 77 ? C4    ? A C 69 C4    
64 1 Y 1 A C 77 ? N4    ? A C 69 N4    
65 1 Y 1 A C 77 ? C5    ? A C 69 C5    
66 1 Y 1 A C 77 ? C6    ? A C 69 C6    
67 1 Y 1 A A 80 ? P     ? A A 72 P     
68 1 Y 1 A A 80 ? OP1   ? A A 72 OP1   
69 1 Y 1 A A 80 ? OP2   ? A A 72 OP2   
# 
loop_
_software.name 
_software.classification 
_software.version 
_software.citation_id 
_software.pdbx_ordinal 
CNS       refinement       . ? 1 
DENZO     'data reduction' . ? 2 
SCALEPACK 'data scaling'   . ? 3 
CNS       phasing          . ? 4 
# 
_cell.entry_id           2HOP 
_cell.length_a           61.300 
_cell.length_b           61.300 
_cell.length_c           103.600 
_cell.angle_alpha        90.00 
_cell.angle_beta         90.00 
_cell.angle_gamma        120.00 
_cell.Z_PDB              6 
_cell.pdbx_unique_axis   ? 
_cell.length_a_esd       ? 
_cell.length_b_esd       ? 
_cell.length_c_esd       ? 
_cell.angle_alpha_esd    ? 
_cell.angle_beta_esd     ? 
_cell.angle_gamma_esd    ? 
# 
_symmetry.entry_id                         2HOP 
_symmetry.space_group_name_H-M             'P 32 1 2' 
_symmetry.pdbx_full_space_group_name_H-M   ? 
_symmetry.Int_Tables_number                153 
_symmetry.cell_setting                     ? 
_symmetry.space_group_name_Hall            ? 
# 
_exptl.entry_id          2HOP 
_exptl.method            'X-RAY DIFFRACTION' 
_exptl.crystals_number   1 
# 
_exptl_crystal.id                    1 
_exptl_crystal.density_meas          ? 
_exptl_crystal.density_Matthews      2.10 
_exptl_crystal.density_percent_sol   41.34 
_exptl_crystal.description           ? 
_exptl_crystal.F_000                 ? 
_exptl_crystal.preparation           ? 
# 
_exptl_crystal_grow.crystal_id      1 
_exptl_crystal_grow.method          'VAPOR DIFFUSION, HANGING DROP' 
_exptl_crystal_grow.temp            295 
_exptl_crystal_grow.pH              6.5 
_exptl_crystal_grow.pdbx_details    
;grown: 30% PEG 2000, 0.2 M NH4Cl, 50 mM Bis-Tris pH 6.5, 15 mM CaCl2; 0.5 mM PT, 0.5 mM spermine, 100 mM KCl, 3 mM MgCl2; cryo: above with 20% sucrose; 680 x 80 x 80 um xtal., VAPOR DIFFUSION, HANGING DROP, temperature 295K
;
_exptl_crystal_grow.temp_details    ? 
_exptl_crystal_grow.pdbx_pH_range   . 
# 
loop_
_exptl_crystal_grow_comp.crystal_id 
_exptl_crystal_grow_comp.id 
_exptl_crystal_grow_comp.sol_id 
_exptl_crystal_grow_comp.name 
_exptl_crystal_grow_comp.conc 
_exptl_crystal_grow_comp.volume 
_exptl_crystal_grow_comp.details 
1 1  1 'PEG 2000' ? ? ? 
1 2  1 CaCl2      ? ? ? 
1 3  1 NH4Cl      ? ? ? 
1 4  1 MgCl2      ? ? ? 
1 5  1 KCl        ? ? ? 
1 6  1 Bis-Tris   ? ? ? 
1 7  1 spermine   ? ? ? 
1 8  1 PT         ? ? ? 
1 9  1 TPP        ? ? ? 
1 10 2 'PEG 2000' ? ? ? 
1 11 2 CaCl2      ? ? ? 
1 12 2 NH4Cl      ? ? ? 
1 13 2 MgCl2      ? ? ? 
1 14 2 KCl        ? ? ? 
1 15 2 Bis-Tris   ? ? ? 
# 
_diffrn.id                     1 
_diffrn.ambient_temp           100 
_diffrn.ambient_temp_details   ? 
_diffrn.crystal_id             1 
# 
_diffrn_detector.diffrn_id              1 
_diffrn_detector.detector               'IMAGE PLATE' 
_diffrn_detector.type                   RIGAKU 
_diffrn_detector.pdbx_collection_date   2006-02-25 
_diffrn_detector.details                ? 
# 
_diffrn_radiation.diffrn_id                        1 
_diffrn_radiation.wavelength_id                    1 
_diffrn_radiation.pdbx_monochromatic_or_laue_m_l   M 
_diffrn_radiation.monochromator                    ? 
_diffrn_radiation.pdbx_diffrn_protocol             'SINGLE WAVELENGTH' 
_diffrn_radiation.pdbx_scattering_type             x-ray 
# 
_diffrn_radiation_wavelength.id           1 
_diffrn_radiation_wavelength.wavelength   1.5418 
_diffrn_radiation_wavelength.wt           1.0 
# 
_diffrn_source.diffrn_id                   1 
_diffrn_source.source                      'ROTATING ANODE' 
_diffrn_source.type                        RIGAKU 
_diffrn_source.pdbx_synchrotron_site       ? 
_diffrn_source.pdbx_synchrotron_beamline   ? 
_diffrn_source.pdbx_wavelength             ? 
_diffrn_source.pdbx_wavelength_list        1.5418 
# 
_reflns.entry_id                     2HOP 
_reflns.observed_criterion_sigma_F   ? 
_reflns.observed_criterion_sigma_I   ? 
_reflns.d_resolution_high            3.30 
_reflns.d_resolution_low             15 
_reflns.number_all                   3231 
_reflns.number_obs                   2978 
_reflns.percent_possible_obs         91.5 
_reflns.pdbx_Rmerge_I_obs            0.146 
_reflns.pdbx_Rsym_value              ? 
_reflns.pdbx_netI_over_sigmaI        10.5 
_reflns.B_iso_Wilson_estimate        ? 
_reflns.pdbx_redundancy              2.5 
_reflns.R_free_details               ? 
_reflns.pdbx_chi_squared             ? 
_reflns.pdbx_scaling_rejects         ? 
_reflns.pdbx_diffrn_id               1 
_reflns.pdbx_ordinal                 1 
# 
_reflns_shell.d_res_high             3.30 
_reflns_shell.d_res_low              3.42 
_reflns_shell.percent_possible_all   92.9 
_reflns_shell.Rmerge_I_obs           0.431 
_reflns_shell.pdbx_Rsym_value        ? 
_reflns_shell.meanI_over_sigI_obs    3.3 
_reflns_shell.pdbx_redundancy        2.5 
_reflns_shell.percent_possible_obs   ? 
_reflns_shell.number_unique_all      303 
_reflns_shell.number_measured_all    ? 
_reflns_shell.number_measured_obs    ? 
_reflns_shell.number_unique_obs      ? 
_reflns_shell.pdbx_chi_squared       ? 
_reflns_shell.pdbx_diffrn_id         ? 
_reflns_shell.pdbx_ordinal           1 
# 
_refine.entry_id                                 2HOP 
_refine.ls_d_res_high                            3.30 
_refine.ls_d_res_low                             15. 
_refine.pdbx_ls_sigma_F                          0 
_refine.pdbx_ls_sigma_I                          ? 
_refine.ls_number_reflns_all                     3455 
_refine.ls_number_reflns_obs                     2934 
_refine.ls_number_reflns_R_free                  187 
_refine.ls_percent_reflns_obs                    84.9 
_refine.ls_R_factor_all                          ? 
_refine.ls_R_factor_obs                          ? 
_refine.ls_R_factor_R_work                       0.251 
_refine.ls_R_factor_R_free                       0.331 
_refine.ls_redundancy_reflns_obs                 ? 
_refine.pdbx_data_cutoff_high_absF               ? 
_refine.pdbx_data_cutoff_low_absF                ? 
_refine.ls_number_parameters                     ? 
_refine.ls_number_restraints                     ? 
_refine.ls_percent_reflns_R_free                 ? 
_refine.ls_R_factor_R_free_error                 ? 
_refine.ls_R_factor_R_free_error_details         ? 
_refine.pdbx_method_to_determine_struct          'MOLECULAR REPLACEMENT' 
_refine.pdbx_starting_model                      ? 
_refine.pdbx_ls_cross_valid_method               THROUGHOUT 
_refine.pdbx_R_Free_selection_details            random 
_refine.pdbx_stereochem_target_val_spec_case     ? 
_refine.pdbx_stereochemistry_target_values       ? 
_refine.solvent_model_details                    ? 
_refine.solvent_model_param_bsol                 ? 
_refine.solvent_model_param_ksol                 ? 
_refine.occupancy_max                            ? 
_refine.occupancy_min                            ? 
_refine.pdbx_isotropic_thermal_model             ? 
_refine.B_iso_mean                               52.2 
_refine.aniso_B[1][1]                            ? 
_refine.aniso_B[1][2]                            ? 
_refine.aniso_B[1][3]                            ? 
_refine.aniso_B[2][2]                            ? 
_refine.aniso_B[2][3]                            ? 
_refine.aniso_B[3][3]                            ? 
_refine.details                                  ? 
_refine.overall_SU_ML                            ? 
_refine.overall_SU_B                             ? 
_refine.pdbx_overall_ESU_R                       ? 
_refine.pdbx_overall_ESU_R_Free                  ? 
_refine.pdbx_data_cutoff_high_rms_absF           ? 
_refine.correlation_coeff_Fo_to_Fc               ? 
_refine.correlation_coeff_Fo_to_Fc_free          ? 
_refine.pdbx_solvent_vdw_probe_radii             ? 
_refine.pdbx_solvent_ion_probe_radii             ? 
_refine.pdbx_solvent_shrinkage_radii             ? 
_refine.overall_SU_R_Cruickshank_DPI             ? 
_refine.overall_SU_R_free                        ? 
_refine.ls_wR_factor_R_free                      ? 
_refine.ls_wR_factor_R_work                      ? 
_refine.overall_FOM_free_R_set                   ? 
_refine.overall_FOM_work_R_set                   ? 
_refine.pdbx_refine_id                           'X-RAY DIFFRACTION' 
_refine.pdbx_diffrn_id                           1 
_refine.pdbx_TLS_residual_ADP_flag               ? 
_refine.pdbx_overall_phase_error                 ? 
_refine.pdbx_overall_SU_R_free_Cruickshank_DPI   ? 
_refine.pdbx_overall_SU_R_Blow_DPI               ? 
_refine.pdbx_overall_SU_R_free_Blow_DPI          ? 
# 
_refine_analyze.entry_id                        2HOP 
_refine_analyze.Luzzati_coordinate_error_obs    0.49 
_refine_analyze.Luzzati_sigma_a_obs             0.82 
_refine_analyze.Luzzati_d_res_low_obs           5 
_refine_analyze.Luzzati_coordinate_error_free   0.63 
_refine_analyze.Luzzati_sigma_a_free            1.66 
_refine_analyze.Luzzati_d_res_low_free          ? 
_refine_analyze.number_disordered_residues      ? 
_refine_analyze.occupancy_sum_non_hydrogen      ? 
_refine_analyze.occupancy_sum_hydrogen          ? 
_refine_analyze.pdbx_refine_id                  'X-RAY DIFFRACTION' 
# 
_refine_hist.pdbx_refine_id                   'X-RAY DIFFRACTION' 
_refine_hist.cycle_id                         LAST 
_refine_hist.pdbx_number_atoms_protein        0 
_refine_hist.pdbx_number_atoms_nucleic_acid   1561 
_refine_hist.pdbx_number_atoms_ligand         23 
_refine_hist.number_atoms_solvent             0 
_refine_hist.number_atoms_total               1584 
_refine_hist.d_res_high                       3.30 
_refine_hist.d_res_low                        15. 
# 
loop_
_refine_ls_restr.type 
_refine_ls_restr.dev_ideal 
_refine_ls_restr.dev_ideal_target 
_refine_ls_restr.weight 
_refine_ls_restr.number 
_refine_ls_restr.pdbx_refine_id 
_refine_ls_restr.pdbx_restraint_function 
c_bond_d    0.007 ? ? ? 'X-RAY DIFFRACTION' ? 
c_angle_deg 1.23  ? ? ? 'X-RAY DIFFRACTION' ? 
# 
_struct.entry_id                  2HOP 
_struct.title                     'Crystal structure of an E. coli thi-box riboswitch bound to pyrithiamine' 
_struct.pdbx_model_details        ? 
_struct.pdbx_CASP_flag            ? 
_struct.pdbx_model_type_details   ? 
# 
_struct_keywords.entry_id        2HOP 
_struct_keywords.pdbx_keywords   RNA 
_struct_keywords.text            'RNA; riboswitch, RNA' 
# 
loop_
_struct_asym.id 
_struct_asym.pdbx_blank_PDB_chainid_flag 
_struct_asym.pdbx_modified 
_struct_asym.entity_id 
_struct_asym.details 
A N N 1 ? 
B N N 2 ? 
C N N 2 ? 
D N N 3 ? 
E N N 2 ? 
F N N 4 ? 
# 
_struct_ref.id                         1 
_struct_ref.entity_id                  1 
_struct_ref.db_name                    PDB 
_struct_ref.db_code                    2HOP 
_struct_ref.pdbx_db_accession          2HOP 
_struct_ref.pdbx_db_isoform            ? 
_struct_ref.pdbx_seq_one_letter_code   ? 
_struct_ref.pdbx_align_begin           ? 
# 
_struct_ref_seq.align_id                      1 
_struct_ref_seq.ref_id                        1 
_struct_ref_seq.pdbx_PDB_id_code              2HOP 
_struct_ref_seq.pdbx_strand_id                A 
_struct_ref_seq.seq_align_beg                 1 
_struct_ref_seq.pdbx_seq_align_beg_ins_code   ? 
_struct_ref_seq.seq_align_end                 83 
_struct_ref_seq.pdbx_seq_align_end_ins_code   ? 
_struct_ref_seq.pdbx_db_accession             2HOP 
_struct_ref_seq.db_align_beg                  9 
_struct_ref_seq.pdbx_db_align_beg_ins_code    ? 
_struct_ref_seq.db_align_end                  91 
_struct_ref_seq.pdbx_db_align_end_ins_code    ? 
_struct_ref_seq.pdbx_auth_seq_align_beg       9 
_struct_ref_seq.pdbx_auth_seq_align_end       91 
# 
_pdbx_struct_assembly.id                   1 
_pdbx_struct_assembly.details              author_defined_assembly 
_pdbx_struct_assembly.method_details       ? 
_pdbx_struct_assembly.oligomeric_details   monomeric 
_pdbx_struct_assembly.oligomeric_count     1 
# 
_pdbx_struct_assembly_gen.assembly_id       1 
_pdbx_struct_assembly_gen.oper_expression   1 
_pdbx_struct_assembly_gen.asym_id_list      A,B,C,D,E,F 
# 
_pdbx_struct_oper_list.id                   1 
_pdbx_struct_oper_list.type                 'identity operation' 
_pdbx_struct_oper_list.name                 1_555 
_pdbx_struct_oper_list.symmetry_operation   x,y,z 
_pdbx_struct_oper_list.matrix[1][1]         1.0000000000 
_pdbx_struct_oper_list.matrix[1][2]         0.0000000000 
_pdbx_struct_oper_list.matrix[1][3]         0.0000000000 
_pdbx_struct_oper_list.vector[1]            0.0000000000 
_pdbx_struct_oper_list.matrix[2][1]         0.0000000000 
_pdbx_struct_oper_list.matrix[2][2]         1.0000000000 
_pdbx_struct_oper_list.matrix[2][3]         0.0000000000 
_pdbx_struct_oper_list.vector[2]            0.0000000000 
_pdbx_struct_oper_list.matrix[3][1]         0.0000000000 
_pdbx_struct_oper_list.matrix[3][2]         0.0000000000 
_pdbx_struct_oper_list.matrix[3][3]         1.0000000000 
_pdbx_struct_oper_list.vector[3]            0.0000000000 
# 
_struct_biol.id                    1 
_struct_biol.details               'The biological assembly is a monomer' 
_struct_biol.pdbx_parent_biol_id   ? 
# 
loop_
_struct_conn.id 
_struct_conn.conn_type_id 
_struct_conn.pdbx_leaving_atom_flag 
_struct_conn.pdbx_PDB_id 
_struct_conn.ptnr1_label_asym_id 
_struct_conn.ptnr1_label_comp_id 
_struct_conn.ptnr1_label_seq_id 
_struct_conn.ptnr1_label_atom_id 
_struct_conn.pdbx_ptnr1_label_alt_id 
_struct_conn.pdbx_ptnr1_PDB_ins_code 
_struct_conn.pdbx_ptnr1_standard_comp_id 
_struct_conn.ptnr1_symmetry 
_struct_conn.ptnr2_label_asym_id 
_struct_conn.ptnr2_label_comp_id 
_struct_conn.ptnr2_label_seq_id 
_struct_conn.ptnr2_label_atom_id 
_struct_conn.pdbx_ptnr2_label_alt_id 
_struct_conn.pdbx_ptnr2_PDB_ins_code 
_struct_conn.ptnr1_auth_asym_id 
_struct_conn.ptnr1_auth_comp_id 
_struct_conn.ptnr1_auth_seq_id 
_struct_conn.ptnr2_auth_asym_id 
_struct_conn.ptnr2_auth_comp_id 
_struct_conn.ptnr2_auth_seq_id 
_struct_conn.ptnr2_symmetry 
_struct_conn.pdbx_ptnr3_label_atom_id 
_struct_conn.pdbx_ptnr3_label_seq_id 
_struct_conn.pdbx_ptnr3_label_comp_id 
_struct_conn.pdbx_ptnr3_label_asym_id 
_struct_conn.pdbx_ptnr3_label_alt_id 
_struct_conn.pdbx_ptnr3_PDB_ins_code 
_struct_conn.details 
_struct_conn.pdbx_dist_value 
_struct_conn.pdbx_value_order 
_struct_conn.pdbx_role 
metalc1  metalc ? ? A G 32 O6 ? ? ? 1_555 B MG .  MG ? ? A G 40 A MG 93 1_555 ? ? ? ? ? ? ?                    2.224 ? ? 
hydrog1  hydrog ? ? A G 1  N1 ? ? ? 1_555 A C  82 N3 ? ? A G 9  A C  90 1_555 ? ? ? ? ? ? WATSON-CRICK         ?     ? ? 
hydrog2  hydrog ? ? A G 1  N2 ? ? ? 1_555 A C  82 O2 ? ? A G 9  A C  90 1_555 ? ? ? ? ? ? WATSON-CRICK         ?     ? ? 
hydrog3  hydrog ? ? A G 1  O6 ? ? ? 1_555 A C  82 N4 ? ? A G 9  A C  90 1_555 ? ? ? ? ? ? WATSON-CRICK         ?     ? ? 
hydrog4  hydrog ? ? A C 2  N3 ? ? ? 1_555 A G  81 N1 ? ? A C 10 A G  89 1_555 ? ? ? ? ? ? WATSON-CRICK         ?     ? ? 
hydrog5  hydrog ? ? A C 2  N4 ? ? ? 1_555 A G  81 O6 ? ? A C 10 A G  89 1_555 ? ? ? ? ? ? WATSON-CRICK         ?     ? ? 
hydrog6  hydrog ? ? A C 2  O2 ? ? ? 1_555 A G  81 N2 ? ? A C 10 A G  89 1_555 ? ? ? ? ? ? WATSON-CRICK         ?     ? ? 
hydrog7  hydrog ? ? A G 3  N1 ? ? ? 1_555 A C  80 N3 ? ? A G 11 A C  88 1_555 ? ? ? ? ? ? WATSON-CRICK         ?     ? ? 
hydrog8  hydrog ? ? A G 3  N2 ? ? ? 1_555 A C  80 O2 ? ? A G 11 A C  88 1_555 ? ? ? ? ? ? WATSON-CRICK         ?     ? ? 
hydrog9  hydrog ? ? A G 3  O6 ? ? ? 1_555 A C  80 N4 ? ? A G 11 A C  88 1_555 ? ? ? ? ? ? WATSON-CRICK         ?     ? ? 
hydrog10 hydrog ? ? A A 4  N1 ? ? ? 1_555 A U  79 N3 ? ? A A 12 A U  87 1_555 ? ? ? ? ? ? WATSON-CRICK         ?     ? ? 
hydrog11 hydrog ? ? A A 4  N6 ? ? ? 1_555 A U  79 O4 ? ? A A 12 A U  87 1_555 ? ? ? ? ? ? WATSON-CRICK         ?     ? ? 
hydrog12 hydrog ? ? A C 5  N3 ? ? ? 1_555 A G  78 N1 ? ? A C 13 A G  86 1_555 ? ? ? ? ? ? WATSON-CRICK         ?     ? ? 
hydrog13 hydrog ? ? A C 5  N4 ? ? ? 1_555 A G  78 O6 ? ? A C 13 A G  86 1_555 ? ? ? ? ? ? WATSON-CRICK         ?     ? ? 
hydrog14 hydrog ? ? A C 5  O2 ? ? ? 1_555 A G  78 N2 ? ? A C 13 A G  86 1_555 ? ? ? ? ? ? WATSON-CRICK         ?     ? ? 
hydrog15 hydrog ? ? A U 6  N3 ? ? ? 1_555 A A  77 N1 ? ? A U 14 A A  85 1_555 ? ? ? ? ? ? WATSON-CRICK         ?     ? ? 
hydrog16 hydrog ? ? A U 6  O4 ? ? ? 1_555 A A  77 N6 ? ? A U 14 A A  85 1_555 ? ? ? ? ? ? WATSON-CRICK         ?     ? ? 
hydrog17 hydrog ? ? A C 7  N3 ? ? ? 1_555 A G  43 N1 ? ? A C 15 A G  51 1_555 ? ? ? ? ? ? WATSON-CRICK         ?     ? ? 
hydrog18 hydrog ? ? A C 7  N4 ? ? ? 1_555 A G  43 O6 ? ? A C 15 A G  51 1_555 ? ? ? ? ? ? WATSON-CRICK         ?     ? ? 
hydrog19 hydrog ? ? A C 7  O2 ? ? ? 1_555 A G  43 N2 ? ? A C 15 A G  51 1_555 ? ? ? ? ? ? WATSON-CRICK         ?     ? ? 
hydrog20 hydrog ? ? A G 8  N1 ? ? ? 1_555 A C  42 N3 ? ? A G 16 A C  50 1_555 ? ? ? ? ? ? WATSON-CRICK         ?     ? ? 
hydrog21 hydrog ? ? A G 8  N2 ? ? ? 1_555 A C  42 O2 ? ? A G 16 A C  50 1_555 ? ? ? ? ? ? WATSON-CRICK         ?     ? ? 
hydrog22 hydrog ? ? A G 8  O6 ? ? ? 1_555 A C  42 N4 ? ? A G 16 A C  50 1_555 ? ? ? ? ? ? WATSON-CRICK         ?     ? ? 
hydrog23 hydrog ? ? A G 8  N2 ? ? ? 1_555 A A  76 N3 ? ? A G 16 A A  84 1_555 ? ? ? ? ? ? 'G-A MISPAIR'        ?     ? ? 
hydrog24 hydrog ? ? A G 9  N1 ? ? ? 1_555 A C  41 N3 ? ? A G 17 A C  49 1_555 ? ? ? ? ? ? WATSON-CRICK         ?     ? ? 
hydrog25 hydrog ? ? A G 9  N2 ? ? ? 1_555 A C  41 O2 ? ? A G 17 A C  49 1_555 ? ? ? ? ? ? WATSON-CRICK         ?     ? ? 
hydrog26 hydrog ? ? A G 9  O6 ? ? ? 1_555 A C  41 N4 ? ? A G 17 A C  49 1_555 ? ? ? ? ? ? WATSON-CRICK         ?     ? ? 
hydrog27 hydrog ? ? A G 9  N2 ? ? ? 1_555 A A  48 N3 ? ? A G 17 A A  56 1_555 ? ? ? ? ? ? 'G-A MISPAIR'        ?     ? ? 
hydrog28 hydrog ? ? A G 10 O6 ? ? ? 1_555 A A  39 N6 ? ? A G 18 A A  47 1_555 ? ? ? ? ? ? 'G-A MISPAIR'        ?     ? ? 
hydrog29 hydrog ? ? A G 10 N1 ? ? ? 1_555 A C  40 N3 ? ? A G 18 A C  48 1_555 ? ? ? ? ? ? WATSON-CRICK         ?     ? ? 
hydrog30 hydrog ? ? A G 10 N2 ? ? ? 1_555 A C  40 O2 ? ? A G 18 A C  48 1_555 ? ? ? ? ? ? WATSON-CRICK         ?     ? ? 
hydrog31 hydrog ? ? A G 10 O6 ? ? ? 1_555 A C  40 N4 ? ? A G 18 A C  48 1_555 ? ? ? ? ? ? WATSON-CRICK         ?     ? ? 
hydrog32 hydrog ? ? A G 11 N2 ? ? ? 1_555 A G  34 N3 ? ? A G 19 A G  42 1_555 ? ? ? ? ? ? TYPE_4_PAIR          ?     ? ? 
hydrog33 hydrog ? ? A G 11 N3 ? ? ? 1_555 A G  34 N2 ? ? A G 19 A G  42 1_555 ? ? ? ? ? ? TYPE_4_PAIR          ?     ? ? 
hydrog34 hydrog ? ? A G 11 N1 ? ? ? 1_555 A A  39 N1 ? ? A G 19 A A  47 1_555 ? ? ? ? ? ? TYPE_8_PAIR          ?     ? ? 
hydrog35 hydrog ? ? A G 11 O6 ? ? ? 1_555 A A  39 N6 ? ? A G 19 A A  47 1_555 ? ? ? ? ? ? TYPE_8_PAIR          ?     ? ? 
hydrog36 hydrog ? ? A U 12 N3 ? ? ? 1_555 A A  37 N1 ? ? A U 20 A A  45 1_555 ? ? ? ? ? ? 'U-A PAIR'           ?     ? ? 
hydrog37 hydrog ? ? A G 13 N1 ? ? ? 1_555 A C  30 O2 ? ? A G 21 A C  38 1_555 ? ? ? ? ? ? 'G-C PAIR'           ?     ? ? 
hydrog38 hydrog ? ? A C 14 N3 ? ? ? 1_555 A G  29 N1 ? ? A C 22 A G  37 1_555 ? ? ? ? ? ? WATSON-CRICK         ?     ? ? 
hydrog39 hydrog ? ? A C 14 N4 ? ? ? 1_555 A G  29 O6 ? ? A C 22 A G  37 1_555 ? ? ? ? ? ? WATSON-CRICK         ?     ? ? 
hydrog40 hydrog ? ? A C 14 O2 ? ? ? 1_555 A G  29 N2 ? ? A C 22 A G  37 1_555 ? ? ? ? ? ? WATSON-CRICK         ?     ? ? 
hydrog41 hydrog ? ? A C 15 N3 ? ? ? 1_555 A G  28 N1 ? ? A C 23 A G  36 1_555 ? ? ? ? ? ? WATSON-CRICK         ?     ? ? 
hydrog42 hydrog ? ? A C 15 N4 ? ? ? 1_555 A G  28 O6 ? ? A C 23 A G  36 1_555 ? ? ? ? ? ? WATSON-CRICK         ?     ? ? 
hydrog43 hydrog ? ? A C 15 O2 ? ? ? 1_555 A G  28 N2 ? ? A C 23 A G  36 1_555 ? ? ? ? ? ? WATSON-CRICK         ?     ? ? 
hydrog44 hydrog ? ? A C 16 N3 ? ? ? 1_555 A A  27 N6 ? ? A C 24 A A  35 1_555 ? ? ? ? ? ? 'C-A MISPAIR'        ?     ? ? 
hydrog45 hydrog ? ? A G 29 N2 ? ? ? 1_555 A A  62 N1 ? ? A G 37 A A  70 1_555 ? ? ? ? ? ? 'G-A MISPAIR'        ?     ? ? 
hydrog46 hydrog ? ? A U 31 N3 ? ? ? 1_555 A A  35 N7 ? ? A U 39 A A  43 1_555 ? ? ? ? ? ? 'REVERSED HOOGSTEEN' ?     ? ? 
hydrog47 hydrog ? ? A U 31 O2 ? ? ? 1_555 A A  35 N6 ? ? A U 39 A A  43 1_555 ? ? ? ? ? ? 'REVERSED HOOGSTEEN' ?     ? ? 
hydrog48 hydrog ? ? A A 45 N7 ? ? ? 1_555 A A  76 N6 ? ? A A 53 A A  84 1_555 ? ? ? ? ? ? 'A-A MISPAIR'        ?     ? ? 
hydrog49 hydrog ? ? A A 48 N7 ? ? ? 1_555 A G  75 N2 ? ? A A 56 A G  83 1_555 ? ? ? ? ? ? 'A-G MISPAIR'        ?     ? ? 
hydrog50 hydrog ? ? A C 49 N3 ? ? ? 1_555 A G  74 N1 ? ? A C 57 A G  82 1_555 ? ? ? ? ? ? WATSON-CRICK         ?     ? ? 
hydrog51 hydrog ? ? A C 49 N4 ? ? ? 1_555 A G  74 O6 ? ? A C 57 A G  82 1_555 ? ? ? ? ? ? WATSON-CRICK         ?     ? ? 
hydrog52 hydrog ? ? A C 49 O2 ? ? ? 1_555 A G  74 N2 ? ? A C 57 A G  82 1_555 ? ? ? ? ? ? WATSON-CRICK         ?     ? ? 
hydrog53 hydrog ? ? A C 50 N3 ? ? ? 1_555 A G  73 N1 ? ? A C 58 A G  81 1_555 ? ? ? ? ? ? WATSON-CRICK         ?     ? ? 
hydrog54 hydrog ? ? A C 50 N4 ? ? ? 1_555 A G  73 O6 ? ? A C 58 A G  81 1_555 ? ? ? ? ? ? WATSON-CRICK         ?     ? ? 
hydrog55 hydrog ? ? A C 50 O2 ? ? ? 1_555 A G  73 N2 ? ? A C 58 A G  81 1_555 ? ? ? ? ? ? WATSON-CRICK         ?     ? ? 
hydrog56 hydrog ? ? A U 51 N3 ? ? ? 1_555 A A  72 N1 ? ? A U 59 A A  80 1_555 ? ? ? ? ? ? WATSON-CRICK         ?     ? ? 
hydrog57 hydrog ? ? A U 51 O4 ? ? ? 1_555 A A  72 N6 ? ? A U 59 A A  80 1_555 ? ? ? ? ? ? WATSON-CRICK         ?     ? ? 
hydrog58 hydrog ? ? A U 56 N3 ? ? ? 1_555 A A  67 N1 ? ? A U 64 A A  75 1_555 ? ? ? ? ? ? WATSON-CRICK         ?     ? ? 
hydrog59 hydrog ? ? A U 56 O4 ? ? ? 1_555 A A  67 N6 ? ? A U 64 A A  75 1_555 ? ? ? ? ? ? WATSON-CRICK         ?     ? ? 
hydrog60 hydrog ? ? A G 58 N1 ? ? ? 1_555 A C  66 N3 ? ? A G 66 A C  74 1_555 ? ? ? ? ? ? 'G-C PAIR'           ?     ? ? 
# 
loop_
_struct_conn_type.id 
_struct_conn_type.criteria 
_struct_conn_type.reference 
metalc ? ? 
hydrog ? ? 
# 
loop_
_struct_site.id 
_struct_site.pdbx_evidence_code 
_struct_site.pdbx_auth_asym_id 
_struct_site.pdbx_auth_comp_id 
_struct_site.pdbx_auth_seq_id 
_struct_site.pdbx_auth_ins_code 
_struct_site.pdbx_num_residues 
_struct_site.details 
AC1 Software A MG  93 ? 1 'BINDING SITE FOR RESIDUE MG A 93'  
AC2 Software A MG  96 ? 1 'BINDING SITE FOR RESIDUE MG A 96'  
AC3 Software A 218 92 ? 6 'BINDING SITE FOR RESIDUE 218 A 92' 
# 
loop_
_struct_site_gen.id 
_struct_site_gen.site_id 
_struct_site_gen.pdbx_num_res 
_struct_site_gen.label_comp_id 
_struct_site_gen.label_asym_id 
_struct_site_gen.label_seq_id 
_struct_site_gen.pdbx_auth_ins_code 
_struct_site_gen.auth_comp_id 
_struct_site_gen.auth_asym_id 
_struct_site_gen.auth_seq_id 
_struct_site_gen.label_atom_id 
_struct_site_gen.label_alt_id 
_struct_site_gen.symmetry 
_struct_site_gen.details 
1 AC1 1 G A 32 ? G A 40 . ? 1_555 ? 
2 AC2 1 A A 36 ? A A 44 . ? 1_555 ? 
3 AC3 6 G A 11 ? G A 19 . ? 1_555 ? 
4 AC3 6 U A 12 ? U A 20 . ? 1_555 ? 
5 AC3 6 G A 34 ? G A 42 . ? 1_555 ? 
6 AC3 6 A A 35 ? A A 43 . ? 1_555 ? 
7 AC3 6 C A 49 ? C A 57 . ? 1_555 ? 
8 AC3 6 C A 65 ? C A 73 . ? 1_555 ? 
# 
_pdbx_validate_rmsd_angle.id                         1 
_pdbx_validate_rmsd_angle.PDB_model_num              1 
_pdbx_validate_rmsd_angle.auth_atom_id_1             N9 
_pdbx_validate_rmsd_angle.auth_asym_id_1             A 
_pdbx_validate_rmsd_angle.auth_comp_id_1             A 
_pdbx_validate_rmsd_angle.auth_seq_id_1              85 
_pdbx_validate_rmsd_angle.PDB_ins_code_1             ? 
_pdbx_validate_rmsd_angle.label_alt_id_1             ? 
_pdbx_validate_rmsd_angle.auth_atom_id_2             "C1'" 
_pdbx_validate_rmsd_angle.auth_asym_id_2             A 
_pdbx_validate_rmsd_angle.auth_comp_id_2             A 
_pdbx_validate_rmsd_angle.auth_seq_id_2              85 
_pdbx_validate_rmsd_angle.PDB_ins_code_2             ? 
_pdbx_validate_rmsd_angle.label_alt_id_2             ? 
_pdbx_validate_rmsd_angle.auth_atom_id_3             "C2'" 
_pdbx_validate_rmsd_angle.auth_asym_id_3             A 
_pdbx_validate_rmsd_angle.auth_comp_id_3             A 
_pdbx_validate_rmsd_angle.auth_seq_id_3              85 
_pdbx_validate_rmsd_angle.PDB_ins_code_3             ? 
_pdbx_validate_rmsd_angle.label_alt_id_3             ? 
_pdbx_validate_rmsd_angle.angle_value                122.96 
_pdbx_validate_rmsd_angle.angle_target_value         114.00 
_pdbx_validate_rmsd_angle.angle_deviation            8.96 
_pdbx_validate_rmsd_angle.angle_standard_deviation   1.30 
_pdbx_validate_rmsd_angle.linker_flag                N 
# 
_pdbx_validate_planes.id              1 
_pdbx_validate_planes.PDB_model_num   1 
_pdbx_validate_planes.auth_comp_id    G 
_pdbx_validate_planes.auth_asym_id    A 
_pdbx_validate_planes.auth_seq_id     36 
_pdbx_validate_planes.PDB_ins_code    ? 
_pdbx_validate_planes.label_alt_id    ? 
_pdbx_validate_planes.rmsd            0.055 
_pdbx_validate_planes.type            'SIDE CHAIN' 
# 
loop_
_pdbx_unobs_or_zero_occ_residues.id 
_pdbx_unobs_or_zero_occ_residues.PDB_model_num 
_pdbx_unobs_or_zero_occ_residues.polymer_flag 
_pdbx_unobs_or_zero_occ_residues.occupancy_flag 
_pdbx_unobs_or_zero_occ_residues.auth_asym_id 
_pdbx_unobs_or_zero_occ_residues.auth_comp_id 
_pdbx_unobs_or_zero_occ_residues.auth_seq_id 
_pdbx_unobs_or_zero_occ_residues.PDB_ins_code 
_pdbx_unobs_or_zero_occ_residues.label_asym_id 
_pdbx_unobs_or_zero_occ_residues.label_comp_id 
_pdbx_unobs_or_zero_occ_residues.label_seq_id 
1 1 Y 1 A U 25 ? A U 17 
2 1 Y 1 A U 26 ? A U 18 
3 1 Y 1 A C 27 ? A C 19 
4 1 Y 1 A U 28 ? A U 20 
5 1 Y 1 A U 62 ? A U 54 
6 1 Y 1 A G 78 ? A G 70 
7 1 Y 1 A U 79 ? A U 71 
# 
loop_
_chem_comp_atom.comp_id 
_chem_comp_atom.atom_id 
_chem_comp_atom.type_symbol 
_chem_comp_atom.pdbx_aromatic_flag 
_chem_comp_atom.pdbx_stereo_config 
_chem_comp_atom.pdbx_ordinal 
218 CM2    C  N N 1   
218 C2A    C  Y N 2   
218 N1A    N  Y N 3   
218 C6A    C  Y N 4   
218 C5A    C  Y N 5   
218 C7A    C  N N 6   
218 N3     N  Y N 7   
218 C2     C  Y N 8   
218 C1     C  Y N 9   
218 C6     C  Y N 10  
218 C5     C  Y N 11  
218 CM6    C  N N 12  
218 CM7    C  N N 13  
218 OM7    O  N N 14  
218 C4     C  Y N 15  
218 CM4    C  N N 16  
218 C4A    C  Y N 17  
218 N4A    N  N N 18  
218 N3A    N  Y N 19  
218 HM21   H  N N 20  
218 HM22   H  N N 21  
218 HM23   H  N N 22  
218 H6A    H  N N 23  
218 H7A1   H  N N 24  
218 H7A2   H  N N 25  
218 H2     H  N N 26  
218 H1     H  N N 27  
218 H6     H  N N 28  
218 HM61   H  N N 29  
218 HM62   H  N N 30  
218 HM71   H  N N 31  
218 HM72   H  N N 32  
218 HOM7   H  N N 33  
218 HM41   H  N N 34  
218 HM42   H  N N 35  
218 HM43   H  N N 36  
218 H4A1   H  N N 37  
218 H4A2   H  N N 38  
A   OP3    O  N N 39  
A   P      P  N N 40  
A   OP1    O  N N 41  
A   OP2    O  N N 42  
A   "O5'"  O  N N 43  
A   "C5'"  C  N N 44  
A   "C4'"  C  N R 45  
A   "O4'"  O  N N 46  
A   "C3'"  C  N S 47  
A   "O3'"  O  N N 48  
A   "C2'"  C  N R 49  
A   "O2'"  O  N N 50  
A   "C1'"  C  N R 51  
A   N9     N  Y N 52  
A   C8     C  Y N 53  
A   N7     N  Y N 54  
A   C5     C  Y N 55  
A   C6     C  Y N 56  
A   N6     N  N N 57  
A   N1     N  Y N 58  
A   C2     C  Y N 59  
A   N3     N  Y N 60  
A   C4     C  Y N 61  
A   HOP3   H  N N 62  
A   HOP2   H  N N 63  
A   "H5'"  H  N N 64  
A   "H5''" H  N N 65  
A   "H4'"  H  N N 66  
A   "H3'"  H  N N 67  
A   "HO3'" H  N N 68  
A   "H2'"  H  N N 69  
A   "HO2'" H  N N 70  
A   "H1'"  H  N N 71  
A   H8     H  N N 72  
A   H61    H  N N 73  
A   H62    H  N N 74  
A   H2     H  N N 75  
C   OP3    O  N N 76  
C   P      P  N N 77  
C   OP1    O  N N 78  
C   OP2    O  N N 79  
C   "O5'"  O  N N 80  
C   "C5'"  C  N N 81  
C   "C4'"  C  N R 82  
C   "O4'"  O  N N 83  
C   "C3'"  C  N S 84  
C   "O3'"  O  N N 85  
C   "C2'"  C  N R 86  
C   "O2'"  O  N N 87  
C   "C1'"  C  N R 88  
C   N1     N  N N 89  
C   C2     C  N N 90  
C   O2     O  N N 91  
C   N3     N  N N 92  
C   C4     C  N N 93  
C   N4     N  N N 94  
C   C5     C  N N 95  
C   C6     C  N N 96  
C   HOP3   H  N N 97  
C   HOP2   H  N N 98  
C   "H5'"  H  N N 99  
C   "H5''" H  N N 100 
C   "H4'"  H  N N 101 
C   "H3'"  H  N N 102 
C   "HO3'" H  N N 103 
C   "H2'"  H  N N 104 
C   "HO2'" H  N N 105 
C   "H1'"  H  N N 106 
C   H41    H  N N 107 
C   H42    H  N N 108 
C   H5     H  N N 109 
C   H6     H  N N 110 
CA  CA     CA N N 111 
G   OP3    O  N N 112 
G   P      P  N N 113 
G   OP1    O  N N 114 
G   OP2    O  N N 115 
G   "O5'"  O  N N 116 
G   "C5'"  C  N N 117 
G   "C4'"  C  N R 118 
G   "O4'"  O  N N 119 
G   "C3'"  C  N S 120 
G   "O3'"  O  N N 121 
G   "C2'"  C  N R 122 
G   "O2'"  O  N N 123 
G   "C1'"  C  N R 124 
G   N9     N  Y N 125 
G   C8     C  Y N 126 
G   N7     N  Y N 127 
G   C5     C  Y N 128 
G   C6     C  N N 129 
G   O6     O  N N 130 
G   N1     N  N N 131 
G   C2     C  N N 132 
G   N2     N  N N 133 
G   N3     N  N N 134 
G   C4     C  Y N 135 
G   HOP3   H  N N 136 
G   HOP2   H  N N 137 
G   "H5'"  H  N N 138 
G   "H5''" H  N N 139 
G   "H4'"  H  N N 140 
G   "H3'"  H  N N 141 
G   "HO3'" H  N N 142 
G   "H2'"  H  N N 143 
G   "HO2'" H  N N 144 
G   "H1'"  H  N N 145 
G   H8     H  N N 146 
G   H1     H  N N 147 
G   H21    H  N N 148 
G   H22    H  N N 149 
MG  MG     MG N N 150 
U   OP3    O  N N 151 
U   P      P  N N 152 
U   OP1    O  N N 153 
U   OP2    O  N N 154 
U   "O5'"  O  N N 155 
U   "C5'"  C  N N 156 
U   "C4'"  C  N R 157 
U   "O4'"  O  N N 158 
U   "C3'"  C  N S 159 
U   "O3'"  O  N N 160 
U   "C2'"  C  N R 161 
U   "O2'"  O  N N 162 
U   "C1'"  C  N R 163 
U   N1     N  N N 164 
U   C2     C  N N 165 
U   O2     O  N N 166 
U   N3     N  N N 167 
U   C4     C  N N 168 
U   O4     O  N N 169 
U   C5     C  N N 170 
U   C6     C  N N 171 
U   HOP3   H  N N 172 
U   HOP2   H  N N 173 
U   "H5'"  H  N N 174 
U   "H5''" H  N N 175 
U   "H4'"  H  N N 176 
U   "H3'"  H  N N 177 
U   "HO3'" H  N N 178 
U   "H2'"  H  N N 179 
U   "HO2'" H  N N 180 
U   "H1'"  H  N N 181 
U   H3     H  N N 182 
U   H5     H  N N 183 
U   H6     H  N N 184 
# 
loop_
_chem_comp_bond.comp_id 
_chem_comp_bond.atom_id_1 
_chem_comp_bond.atom_id_2 
_chem_comp_bond.value_order 
_chem_comp_bond.pdbx_aromatic_flag 
_chem_comp_bond.pdbx_stereo_config 
_chem_comp_bond.pdbx_ordinal 
218 CM2   C2A    sing N N 1   
218 CM2   HM21   sing N N 2   
218 CM2   HM22   sing N N 3   
218 CM2   HM23   sing N N 4   
218 C2A   N1A    sing Y N 5   
218 C2A   N3A    doub Y N 6   
218 N1A   C6A    doub Y N 7   
218 C6A   C5A    sing Y N 8   
218 C6A   H6A    sing N N 9   
218 C5A   C7A    sing N N 10  
218 C5A   C4A    doub Y N 11  
218 C7A   N3     sing N N 12  
218 C7A   H7A1   sing N N 13  
218 C7A   H7A2   sing N N 14  
218 N3    C2     sing Y N 15  
218 N3    C4     doub Y N 16  
218 C2    C1     doub Y N 17  
218 C2    H2     sing N N 18  
218 C1    C6     sing Y N 19  
218 C1    H1     sing N N 20  
218 C6    C5     doub Y N 21  
218 C6    H6     sing N N 22  
218 C5    CM6    sing N N 23  
218 C5    C4     sing Y N 24  
218 CM6   CM7    sing N N 25  
218 CM6   HM61   sing N N 26  
218 CM6   HM62   sing N N 27  
218 CM7   OM7    sing N N 28  
218 CM7   HM71   sing N N 29  
218 CM7   HM72   sing N N 30  
218 OM7   HOM7   sing N N 31  
218 C4    CM4    sing N N 32  
218 CM4   HM41   sing N N 33  
218 CM4   HM42   sing N N 34  
218 CM4   HM43   sing N N 35  
218 C4A   N4A    sing N N 36  
218 C4A   N3A    sing Y N 37  
218 N4A   H4A1   sing N N 38  
218 N4A   H4A2   sing N N 39  
A   OP3   P      sing N N 40  
A   OP3   HOP3   sing N N 41  
A   P     OP1    doub N N 42  
A   P     OP2    sing N N 43  
A   P     "O5'"  sing N N 44  
A   OP2   HOP2   sing N N 45  
A   "O5'" "C5'"  sing N N 46  
A   "C5'" "C4'"  sing N N 47  
A   "C5'" "H5'"  sing N N 48  
A   "C5'" "H5''" sing N N 49  
A   "C4'" "O4'"  sing N N 50  
A   "C4'" "C3'"  sing N N 51  
A   "C4'" "H4'"  sing N N 52  
A   "O4'" "C1'"  sing N N 53  
A   "C3'" "O3'"  sing N N 54  
A   "C3'" "C2'"  sing N N 55  
A   "C3'" "H3'"  sing N N 56  
A   "O3'" "HO3'" sing N N 57  
A   "C2'" "O2'"  sing N N 58  
A   "C2'" "C1'"  sing N N 59  
A   "C2'" "H2'"  sing N N 60  
A   "O2'" "HO2'" sing N N 61  
A   "C1'" N9     sing N N 62  
A   "C1'" "H1'"  sing N N 63  
A   N9    C8     sing Y N 64  
A   N9    C4     sing Y N 65  
A   C8    N7     doub Y N 66  
A   C8    H8     sing N N 67  
A   N7    C5     sing Y N 68  
A   C5    C6     sing Y N 69  
A   C5    C4     doub Y N 70  
A   C6    N6     sing N N 71  
A   C6    N1     doub Y N 72  
A   N6    H61    sing N N 73  
A   N6    H62    sing N N 74  
A   N1    C2     sing Y N 75  
A   C2    N3     doub Y N 76  
A   C2    H2     sing N N 77  
A   N3    C4     sing Y N 78  
C   OP3   P      sing N N 79  
C   OP3   HOP3   sing N N 80  
C   P     OP1    doub N N 81  
C   P     OP2    sing N N 82  
C   P     "O5'"  sing N N 83  
C   OP2   HOP2   sing N N 84  
C   "O5'" "C5'"  sing N N 85  
C   "C5'" "C4'"  sing N N 86  
C   "C5'" "H5'"  sing N N 87  
C   "C5'" "H5''" sing N N 88  
C   "C4'" "O4'"  sing N N 89  
C   "C4'" "C3'"  sing N N 90  
C   "C4'" "H4'"  sing N N 91  
C   "O4'" "C1'"  sing N N 92  
C   "C3'" "O3'"  sing N N 93  
C   "C3'" "C2'"  sing N N 94  
C   "C3'" "H3'"  sing N N 95  
C   "O3'" "HO3'" sing N N 96  
C   "C2'" "O2'"  sing N N 97  
C   "C2'" "C1'"  sing N N 98  
C   "C2'" "H2'"  sing N N 99  
C   "O2'" "HO2'" sing N N 100 
C   "C1'" N1     sing N N 101 
C   "C1'" "H1'"  sing N N 102 
C   N1    C2     sing N N 103 
C   N1    C6     sing N N 104 
C   C2    O2     doub N N 105 
C   C2    N3     sing N N 106 
C   N3    C4     doub N N 107 
C   C4    N4     sing N N 108 
C   C4    C5     sing N N 109 
C   N4    H41    sing N N 110 
C   N4    H42    sing N N 111 
C   C5    C6     doub N N 112 
C   C5    H5     sing N N 113 
C   C6    H6     sing N N 114 
G   OP3   P      sing N N 115 
G   OP3   HOP3   sing N N 116 
G   P     OP1    doub N N 117 
G   P     OP2    sing N N 118 
G   P     "O5'"  sing N N 119 
G   OP2   HOP2   sing N N 120 
G   "O5'" "C5'"  sing N N 121 
G   "C5'" "C4'"  sing N N 122 
G   "C5'" "H5'"  sing N N 123 
G   "C5'" "H5''" sing N N 124 
G   "C4'" "O4'"  sing N N 125 
G   "C4'" "C3'"  sing N N 126 
G   "C4'" "H4'"  sing N N 127 
G   "O4'" "C1'"  sing N N 128 
G   "C3'" "O3'"  sing N N 129 
G   "C3'" "C2'"  sing N N 130 
G   "C3'" "H3'"  sing N N 131 
G   "O3'" "HO3'" sing N N 132 
G   "C2'" "O2'"  sing N N 133 
G   "C2'" "C1'"  sing N N 134 
G   "C2'" "H2'"  sing N N 135 
G   "O2'" "HO2'" sing N N 136 
G   "C1'" N9     sing N N 137 
G   "C1'" "H1'"  sing N N 138 
G   N9    C8     sing Y N 139 
G   N9    C4     sing Y N 140 
G   C8    N7     doub Y N 141 
G   C8    H8     sing N N 142 
G   N7    C5     sing Y N 143 
G   C5    C6     sing N N 144 
G   C5    C4     doub Y N 145 
G   C6    O6     doub N N 146 
G   C6    N1     sing N N 147 
G   N1    C2     sing N N 148 
G   N1    H1     sing N N 149 
G   C2    N2     sing N N 150 
G   C2    N3     doub N N 151 
G   N2    H21    sing N N 152 
G   N2    H22    sing N N 153 
G   N3    C4     sing N N 154 
U   OP3   P      sing N N 155 
U   OP3   HOP3   sing N N 156 
U   P     OP1    doub N N 157 
U   P     OP2    sing N N 158 
U   P     "O5'"  sing N N 159 
U   OP2   HOP2   sing N N 160 
U   "O5'" "C5'"  sing N N 161 
U   "C5'" "C4'"  sing N N 162 
U   "C5'" "H5'"  sing N N 163 
U   "C5'" "H5''" sing N N 164 
U   "C4'" "O4'"  sing N N 165 
U   "C4'" "C3'"  sing N N 166 
U   "C4'" "H4'"  sing N N 167 
U   "O4'" "C1'"  sing N N 168 
U   "C3'" "O3'"  sing N N 169 
U   "C3'" "C2'"  sing N N 170 
U   "C3'" "H3'"  sing N N 171 
U   "O3'" "HO3'" sing N N 172 
U   "C2'" "O2'"  sing N N 173 
U   "C2'" "C1'"  sing N N 174 
U   "C2'" "H2'"  sing N N 175 
U   "O2'" "HO2'" sing N N 176 
U   "C1'" N1     sing N N 177 
U   "C1'" "H1'"  sing N N 178 
U   N1    C2     sing N N 179 
U   N1    C6     sing N N 180 
U   C2    O2     doub N N 181 
U   C2    N3     sing N N 182 
U   N3    C4     sing N N 183 
U   N3    H3     sing N N 184 
U   C4    O4     doub N N 185 
U   C4    C5     sing N N 186 
U   C5    C6     doub N N 187 
U   C5    H5     sing N N 188 
U   C6    H6     sing N N 189 
# 
loop_
_ndb_struct_conf_na.entry_id 
_ndb_struct_conf_na.feature 
2HOP 'double helix'         
2HOP 'a-form double helix'  
2HOP 'hairpin loop'         
2HOP 'bulge loop'           
2HOP 'mismatched base pair' 
2HOP 'internal loop'        
2HOP 'three-way junction'   
# 
loop_
_ndb_struct_na_base_pair.model_number 
_ndb_struct_na_base_pair.i_label_asym_id 
_ndb_struct_na_base_pair.i_label_comp_id 
_ndb_struct_na_base_pair.i_label_seq_id 
_ndb_struct_na_base_pair.i_symmetry 
_ndb_struct_na_base_pair.j_label_asym_id 
_ndb_struct_na_base_pair.j_label_comp_id 
_ndb_struct_na_base_pair.j_label_seq_id 
_ndb_struct_na_base_pair.j_symmetry 
_ndb_struct_na_base_pair.shear 
_ndb_struct_na_base_pair.stretch 
_ndb_struct_na_base_pair.stagger 
_ndb_struct_na_base_pair.buckle 
_ndb_struct_na_base_pair.propeller 
_ndb_struct_na_base_pair.opening 
_ndb_struct_na_base_pair.pair_number 
_ndb_struct_na_base_pair.pair_name 
_ndb_struct_na_base_pair.i_auth_asym_id 
_ndb_struct_na_base_pair.i_auth_seq_id 
_ndb_struct_na_base_pair.i_PDB_ins_code 
_ndb_struct_na_base_pair.j_auth_asym_id 
_ndb_struct_na_base_pair.j_auth_seq_id 
_ndb_struct_na_base_pair.j_PDB_ins_code 
_ndb_struct_na_base_pair.hbond_type_28 
_ndb_struct_na_base_pair.hbond_type_12 
1 A G 1  1_555 A C 82 1_555 0.828  -0.323 -0.492 -23.380 -20.102 5.055   1  A_G9:C90_A  A 9  ? A 90 ? 19 1  
1 A C 2  1_555 A G 81 1_555 -1.293 -0.396 -0.026 6.234   -21.942 -5.599  2  A_C10:G89_A A 10 ? A 89 ? 19 1  
1 A G 3  1_555 A C 80 1_555 -0.032 -0.277 0.805  9.384   7.837   -5.756  3  A_G11:C88_A A 11 ? A 88 ? 19 1  
1 A A 4  1_555 A U 79 1_555 -0.100 -0.427 -1.516 -2.754  -34.848 9.147   4  A_A12:U87_A A 12 ? A 87 ? 20 1  
1 A C 5  1_555 A G 78 1_555 -0.420 -0.354 -0.312 -2.541  -27.956 1.889   5  A_C13:G86_A A 13 ? A 86 ? 19 1  
1 A U 6  1_555 A A 77 1_555 0.106  -0.127 1.015  -30.813 -7.778  3.479   6  A_U14:A85_A A 14 ? A 85 ? 20 1  
1 A C 7  1_555 A G 43 1_555 -0.555 -0.333 -0.333 24.248  -11.928 -5.287  7  A_C15:G51_A A 15 ? A 51 ? 19 1  
1 A G 8  1_555 A C 42 1_555 0.217  -0.207 -0.969 -17.445 -23.400 4.309   8  A_G16:C50_A A 16 ? A 50 ? 19 1  
1 A G 9  1_555 A C 41 1_555 -0.343 -0.386 0.727  -7.454  -22.007 2.216   9  A_G17:C49_A A 17 ? A 49 ? 19 1  
1 A G 10 1_555 A C 40 1_555 -1.154 -0.276 0.557  -11.471 -28.216 -1.468  10 A_G18:C48_A A 18 ? A 48 ? 19 1  
1 A G 11 1_555 A A 39 1_555 0.274  1.130  0.849  1.869   -14.248 -18.399 11 A_G19:A47_A A 19 ? A 47 ? 8  1  
1 A U 12 1_555 A A 37 1_555 -1.617 0.029  -1.508 35.089  15.263  39.274  12 A_U20:A45_A A 20 ? A 45 ? ?  1  
1 A A 27 1_555 A C 16 1_555 -2.683 -0.144 -0.430 13.758  -28.336 -20.143 13 A_A35:C24_A A 35 ? A 24 ? ?  ?  
1 A G 28 1_555 A C 15 1_555 0.533  -0.446 -0.620 -23.089 -50.089 16.104  14 A_G36:C23_A A 36 ? A 23 ? 19 1  
1 A G 29 1_555 A C 14 1_555 0.078  -0.043 0.122  -23.636 -1.581  -8.392  15 A_G37:C22_A A 37 ? A 22 ? 19 1  
1 A C 30 1_555 A G 13 1_555 2.234  -0.996 0.569  -5.585  11.165  -14.688 16 A_C38:G21_A A 38 ? A 21 ? ?  ?  
1 A U 31 1_555 A A 35 1_555 3.599  -1.875 -0.553 5.981   -4.752  -92.869 17 A_U39:A43_A A 39 ? A 43 ? 24 4  
1 A A 45 1_555 A A 76 1_555 6.912  -5.321 0.736  -10.558 15.956  144.083 18 A_A53:A84_A A 53 ? A 84 ? ?  ?  
1 A A 48 1_555 A G 75 1_555 -6.759 -4.400 -0.731 6.262   -6.293  -31.221 19 A_A56:G83_A A 56 ? A 83 ? ?  10 
1 A C 49 1_555 A G 74 1_555 1.267  -0.642 -0.333 7.582   -30.064 7.895   20 A_C57:G82_A A 57 ? A 82 ? 19 1  
1 A C 50 1_555 A G 73 1_555 0.023  -0.568 0.466  3.068   -3.704  -0.217  21 A_C58:G81_A A 58 ? A 81 ? 19 1  
1 A U 51 1_555 A A 72 1_555 0.748  -0.212 -0.466 13.947  -17.820 -25.245 22 A_U59:A80_A A 59 ? A 80 ? 20 1  
1 A U 56 1_555 A A 67 1_555 -1.039 -0.372 -1.035 30.240  -3.986  8.215   23 A_U64:A75_A A 64 ? A 75 ? 20 1  
1 A G 58 1_555 A C 66 1_555 -0.089 -0.237 1.671  -28.512 8.877   52.094  24 A_G66:C74_A A 66 ? A 74 ? ?  1  
# 
loop_
_ndb_struct_na_base_pair_step.model_number 
_ndb_struct_na_base_pair_step.i_label_asym_id_1 
_ndb_struct_na_base_pair_step.i_label_comp_id_1 
_ndb_struct_na_base_pair_step.i_label_seq_id_1 
_ndb_struct_na_base_pair_step.i_symmetry_1 
_ndb_struct_na_base_pair_step.j_label_asym_id_1 
_ndb_struct_na_base_pair_step.j_label_comp_id_1 
_ndb_struct_na_base_pair_step.j_label_seq_id_1 
_ndb_struct_na_base_pair_step.j_symmetry_1 
_ndb_struct_na_base_pair_step.i_label_asym_id_2 
_ndb_struct_na_base_pair_step.i_label_comp_id_2 
_ndb_struct_na_base_pair_step.i_label_seq_id_2 
_ndb_struct_na_base_pair_step.i_symmetry_2 
_ndb_struct_na_base_pair_step.j_label_asym_id_2 
_ndb_struct_na_base_pair_step.j_label_comp_id_2 
_ndb_struct_na_base_pair_step.j_label_seq_id_2 
_ndb_struct_na_base_pair_step.j_symmetry_2 
_ndb_struct_na_base_pair_step.shift 
_ndb_struct_na_base_pair_step.slide 
_ndb_struct_na_base_pair_step.rise 
_ndb_struct_na_base_pair_step.tilt 
_ndb_struct_na_base_pair_step.roll 
_ndb_struct_na_base_pair_step.twist 
_ndb_struct_na_base_pair_step.x_displacement 
_ndb_struct_na_base_pair_step.y_displacement 
_ndb_struct_na_base_pair_step.helical_rise 
_ndb_struct_na_base_pair_step.inclination 
_ndb_struct_na_base_pair_step.tip 
_ndb_struct_na_base_pair_step.helical_twist 
_ndb_struct_na_base_pair_step.step_number 
_ndb_struct_na_base_pair_step.step_name 
_ndb_struct_na_base_pair_step.i_auth_asym_id_1 
_ndb_struct_na_base_pair_step.i_auth_seq_id_1 
_ndb_struct_na_base_pair_step.i_PDB_ins_code_1 
_ndb_struct_na_base_pair_step.j_auth_asym_id_1 
_ndb_struct_na_base_pair_step.j_auth_seq_id_1 
_ndb_struct_na_base_pair_step.j_PDB_ins_code_1 
_ndb_struct_na_base_pair_step.i_auth_asym_id_2 
_ndb_struct_na_base_pair_step.i_auth_seq_id_2 
_ndb_struct_na_base_pair_step.i_PDB_ins_code_2 
_ndb_struct_na_base_pair_step.j_auth_asym_id_2 
_ndb_struct_na_base_pair_step.j_auth_seq_id_2 
_ndb_struct_na_base_pair_step.j_PDB_ins_code_2 
1 A G 1  1_555 A C 82 1_555 A C 2  1_555 A G 81 1_555 -0.286 -1.008 2.276  -9.587  3.033   25.273 -2.675 -1.068 2.109  6.607   
20.888  27.169  1  AA_G9C10:G89C90_AA  A 9  ? A 90 ? A 10 ? A 89 ? 
1 A C 2  1_555 A G 81 1_555 A G 3  1_555 A C 80 1_555 -0.194 -2.263 2.872  -8.703  2.668   35.193 -3.953 -0.736 2.670  4.324   
14.104  36.315  2  AA_C10G11:C88G89_AA A 10 ? A 89 ? A 11 ? A 88 ? 
1 A G 3  1_555 A C 80 1_555 A A 4  1_555 A U 79 1_555 0.105  -0.627 3.745  20.873  11.049  40.465 -1.853 1.870  3.177  14.575  
-27.535 46.602  3  AA_G11A12:U87C88_AA A 11 ? A 88 ? A 12 ? A 87 ? 
1 A A 4  1_555 A U 79 1_555 A C 5  1_555 A G 78 1_555 -0.381 -1.253 2.992  -14.062 14.575  25.700 -4.403 -1.416 1.981  27.898  
26.917  32.615  4  AA_A12C13:G86U87_AA A 12 ? A 87 ? A 13 ? A 86 ? 
1 A C 5  1_555 A G 78 1_555 A U 6  1_555 A A 77 1_555 0.520  -0.745 4.040  -8.681  7.921   35.451 -2.419 -2.188 3.577  12.588  
13.796  37.289  5  AA_C13U14:A85G86_AA A 13 ? A 86 ? A 14 ? A 85 ? 
1 A U 6  1_555 A A 77 1_555 A C 7  1_555 A G 43 1_555 0.479  -0.363 1.984  4.949   -9.709  38.505 0.172  -0.343 2.057  -14.374 
-7.328  39.961  6  AA_U14C15:G51A85_AA A 14 ? A 85 ? A 15 ? A 51 ? 
1 A C 7  1_555 A G 43 1_555 A G 8  1_555 A C 42 1_555 1.045  -1.422 4.582  8.312   14.753  31.518 -5.217 -0.074 3.727  25.027  
-14.100 35.677  7  AA_C15G16:C50G51_AA A 15 ? A 51 ? A 16 ? A 50 ? 
1 A G 8  1_555 A C 42 1_555 A G 9  1_555 A C 41 1_555 -0.291 -1.151 2.883  -11.693 6.042   34.634 -2.523 -0.911 2.613  9.725   
18.822  36.979  8  AA_G16G17:C49C50_AA A 16 ? A 50 ? A 17 ? A 49 ? 
1 A G 9  1_555 A C 41 1_555 A G 10 1_555 A C 40 1_555 -0.026 -1.934 3.200  4.695   10.919  26.979 -5.834 0.924  2.230  22.093  
-9.500  29.437  9  AA_G17G18:C48C49_AA A 17 ? A 49 ? A 18 ? A 48 ? 
1 A G 10 1_555 A C 40 1_555 A G 11 1_555 A A 39 1_555 -1.165 -0.611 2.997  -2.065  -1.997  42.173 -0.657 1.419  3.073  -2.772  
2.865   42.266  10 AA_G18G19:A47C48_AA A 18 ? A 48 ? A 19 ? A 47 ? 
1 A G 11 1_555 A A 39 1_555 A U 12 1_555 A A 37 1_555 1.329  0.703  2.832  14.718  13.690  -7.488 -5.020 6.938  -0.365 -47.521 
51.092  -21.437 11 AA_G19U20:A45A47_AA A 19 ? A 47 ? A 20 ? A 45 ? 
1 A A 27 1_555 A C 16 1_555 A G 28 1_555 A C 15 1_555 1.710  -0.695 4.511  2.347   37.320  47.940 -3.212 -1.549 3.317  39.717  
-2.498  60.112  12 AA_A35G36:C23C24_AA A 35 ? A 24 ? A 36 ? A 23 ? 
1 A G 28 1_555 A C 15 1_555 A G 29 1_555 A C 14 1_555 -1.888 -1.966 3.100  -26.497 12.674  22.265 -5.026 -0.983 2.576  23.138  
48.372  36.708  13 AA_G36G37:C22C23_AA A 36 ? A 23 ? A 37 ? A 22 ? 
1 A G 29 1_555 A C 14 1_555 A C 30 1_555 A G 13 1_555 -1.303 -1.488 3.164  1.038   -5.729  45.389 -1.420 1.765  3.290  -7.388  
-1.338  45.741  14 AA_G37C38:G21C22_AA A 37 ? A 22 ? A 38 ? A 21 ? 
1 A C 30 1_555 A G 13 1_555 A U 31 1_555 A A 35 1_555 -2.640 -1.131 2.880  15.368  3.901   56.969 -1.304 3.295  2.092  4.005   
-15.777 58.956  15 AA_C38U39:A43G21_AA A 38 ? A 21 ? A 39 ? A 43 ? 
1 A A 45 1_555 A A 76 1_555 A A 48 1_555 A G 75 1_555 -3.749 -1.155 -1.023 142.806 -78.824 36.529 -1.274 0.641  -2.908 -42.205 
-76.462 163.972 16 AA_A53A56:G83A84_AA A 53 ? A 84 ? A 56 ? A 83 ? 
1 A A 48 1_555 A G 75 1_555 A C 49 1_555 A G 74 1_555 1.666  -1.120 3.679  4.046   5.584   69.842 -1.198 -1.289 3.671  4.865   
-3.525  70.139  17 AA_A56C57:G82G83_AA A 56 ? A 83 ? A 57 ? A 82 ? 
1 A C 49 1_555 A G 74 1_555 A C 50 1_555 A G 73 1_555 -1.361 -1.750 3.410  -11.674 18.852  29.698 -5.255 0.607  2.308  31.799  
19.692  36.913  18 AA_C57C58:G81G82_AA A 57 ? A 82 ? A 58 ? A 81 ? 
1 A C 50 1_555 A G 73 1_555 A U 51 1_555 A A 72 1_555 -0.947 -2.171 2.724  3.983   -7.372  30.458 -2.769 2.402  3.009  -13.708 
-7.407  31.563  19 AA_C58U59:A80G81_AA A 58 ? A 81 ? A 59 ? A 80 ? 
1 A U 56 1_555 A A 67 1_555 A G 58 1_555 A C 66 1_555 0.098  -1.663 6.024  -3.540  30.212  49.825 -4.539 -0.432 4.427  32.615  
3.822   57.867  20 AA_U64G66:C74A75_AA A 64 ? A 75 ? A 66 ? A 74 ? 
# 
_atom_sites.entry_id                    2HOP 
_atom_sites.fract_transf_matrix[1][1]   0.00961813 
_atom_sites.fract_transf_matrix[1][2]   0.01261736 
_atom_sites.fract_transf_matrix[1][3]   -0.01015413 
_atom_sites.fract_transf_matrix[2][1]   0.00128426 
_atom_sites.fract_transf_matrix[2][2]   -0.00196021 
_atom_sites.fract_transf_matrix[2][3]   -0.01869066 
_atom_sites.fract_transf_matrix[3][1]   -0.00803342 
_atom_sites.fract_transf_matrix[3][2]   0.00523754 
_atom_sites.fract_transf_matrix[3][3]   -0.00110128 
_atom_sites.fract_transf_vector[1]      0.017710 
_atom_sites.fract_transf_vector[2]      0.321310 
_atom_sites.fract_transf_vector[3]      0.556820 
# 
loop_
_atom_type.symbol 
C  
CA 
MG 
N  
O  
P  
# 
loop_
_atom_site.group_PDB 
_atom_site.id 
_atom_site.type_symbol 
_atom_site.label_atom_id 
_atom_site.label_alt_id 
_atom_site.label_comp_id 
_atom_site.label_asym_id 
_atom_site.label_entity_id 
_atom_site.label_seq_id 
_atom_site.pdbx_PDB_ins_code 
_atom_site.Cartn_x 
_atom_site.Cartn_y 
_atom_site.Cartn_z 
_atom_site.occupancy 
_atom_site.B_iso_or_equiv 
_atom_site.pdbx_formal_charge 
_atom_site.auth_seq_id 
_atom_site.auth_comp_id 
_atom_site.auth_asym_id 
_atom_site.auth_atom_id 
_atom_site.pdbx_PDB_model_num 
ATOM   1    O  "O5'" . G   A 1 1  ? -11.248 21.357  -4.370  1.00 31.40  ? 9  G   A "O5'" 1 
ATOM   2    C  "C5'" . G   A 1 1  ? -12.289 22.308  -4.549  1.00 30.26  ? 9  G   A "C5'" 1 
ATOM   3    C  "C4'" . G   A 1 1  ? -13.289 22.167  -3.433  1.00 29.59  ? 9  G   A "C4'" 1 
ATOM   4    O  "O4'" . G   A 1 1  ? -14.461 22.956  -3.759  1.00 30.21  ? 9  G   A "O4'" 1 
ATOM   5    C  "C3'" . G   A 1 1  ? -13.824 20.760  -3.234  1.00 28.66  ? 9  G   A "C3'" 1 
ATOM   6    O  "O3'" . G   A 1 1  ? -12.960 20.008  -2.397  1.00 27.05  ? 9  G   A "O3'" 1 
ATOM   7    C  "C2'" . G   A 1 1  ? -15.176 21.035  -2.598  1.00 28.79  ? 9  G   A "C2'" 1 
ATOM   8    O  "O2'" . G   A 1 1  ? -15.048 21.442  -1.254  1.00 28.83  ? 9  G   A "O2'" 1 
ATOM   9    C  "C1'" . G   A 1 1  ? -15.634 22.232  -3.427  1.00 29.40  ? 9  G   A "C1'" 1 
ATOM   10   N  N9    . G   A 1 1  ? -16.262 21.851  -4.684  1.00 29.30  ? 9  G   A N9    1 
ATOM   11   C  C8    . G   A 1 1  ? -15.700 21.928  -5.935  1.00 28.56  ? 9  G   A C8    1 
ATOM   12   N  N7    . G   A 1 1  ? -16.507 21.540  -6.882  1.00 29.33  ? 9  G   A N7    1 
ATOM   13   C  C5    . G   A 1 1  ? -17.670 21.180  -6.214  1.00 29.57  ? 9  G   A C5    1 
ATOM   14   C  C6    . G   A 1 1  ? -18.900 20.679  -6.714  1.00 29.43  ? 9  G   A C6    1 
ATOM   15   O  O6    . G   A 1 1  ? -19.219 20.449  -7.894  1.00 29.52  ? 9  G   A O6    1 
ATOM   16   N  N1    . G   A 1 1  ? -19.809 20.440  -5.686  1.00 28.52  ? 9  G   A N1    1 
ATOM   17   C  C2    . G   A 1 1  ? -19.564 20.658  -4.354  1.00 28.77  ? 9  G   A C2    1 
ATOM   18   N  N2    . G   A 1 1  ? -20.559 20.374  -3.517  1.00 28.24  ? 9  G   A N2    1 
ATOM   19   N  N3    . G   A 1 1  ? -18.424 21.124  -3.877  1.00 29.14  ? 9  G   A N3    1 
ATOM   20   C  C4    . G   A 1 1  ? -17.529 21.362  -4.854  1.00 29.25  ? 9  G   A C4    1 
ATOM   21   P  P     . C   A 1 2  ? -12.663 18.462  -2.738  1.00 25.99  ? 10 C   A P     1 
ATOM   22   O  OP1   . C   A 1 2  ? -11.411 18.110  -2.029  1.00 26.36  ? 10 C   A OP1   1 
ATOM   23   O  OP2   . C   A 1 2  ? -12.753 18.260  -4.204  1.00 26.10  ? 10 C   A OP2   1 
ATOM   24   O  "O5'" . C   A 1 2  ? -13.852 17.668  -2.042  1.00 25.97  ? 10 C   A "O5'" 1 
ATOM   25   C  "C5'" . C   A 1 2  ? -13.941 17.634  -0.631  1.00 27.37  ? 10 C   A "C5'" 1 
ATOM   26   C  "C4'" . C   A 1 2  ? -15.375 17.624  -0.198  1.00 28.48  ? 10 C   A "C4'" 1 
ATOM   27   O  "O4'" . C   A 1 2  ? -16.099 18.628  -0.956  1.00 29.58  ? 10 C   A "O4'" 1 
ATOM   28   C  "C3'" . C   A 1 2  ? -16.132 16.358  -0.517  1.00 29.62  ? 10 C   A "C3'" 1 
ATOM   29   O  "O3'" . C   A 1 2  ? -15.876 15.368  0.458   1.00 31.01  ? 10 C   A "O3'" 1 
ATOM   30   C  "C2'" . C   A 1 2  ? -17.561 16.855  -0.442  1.00 30.21  ? 10 C   A "C2'" 1 
ATOM   31   O  "O2'" . C   A 1 2  ? -17.924 17.138  0.892   1.00 30.21  ? 10 C   A "O2'" 1 
ATOM   32   C  "C1'" . C   A 1 2  ? -17.431 18.185  -1.180  1.00 30.95  ? 10 C   A "C1'" 1 
ATOM   33   N  N1    . C   A 1 2  ? -17.662 18.071  -2.639  1.00 32.29  ? 10 C   A N1    1 
ATOM   34   C  C2    . C   A 1 2  ? -18.958 17.792  -3.106  1.00 32.28  ? 10 C   A C2    1 
ATOM   35   O  O2    . C   A 1 2  ? -19.872 17.640  -2.290  1.00 33.69  ? 10 C   A O2    1 
ATOM   36   N  N3    . C   A 1 2  ? -19.177 17.698  -4.428  1.00 32.08  ? 10 C   A N3    1 
ATOM   37   C  C4    . C   A 1 2  ? -18.172 17.865  -5.281  1.00 32.67  ? 10 C   A C4    1 
ATOM   38   N  N4    . C   A 1 2  ? -18.439 17.768  -6.578  1.00 34.50  ? 10 C   A N4    1 
ATOM   39   C  C5    . C   A 1 2  ? -16.846 18.141  -4.843  1.00 32.62  ? 10 C   A C5    1 
ATOM   40   C  C6    . C   A 1 2  ? -16.637 18.236  -3.526  1.00 32.61  ? 10 C   A C6    1 
ATOM   41   P  P     . G   A 1 3  ? -15.620 13.856  -0.013  1.00 32.25  ? 11 G   A P     1 
ATOM   42   O  OP1   . G   A 1 3  ? -15.243 12.993  1.144   1.00 31.70  ? 11 G   A OP1   1 
ATOM   43   O  OP2   . G   A 1 3  ? -14.721 13.931  -1.210  1.00 32.39  ? 11 G   A OP2   1 
ATOM   44   O  "O5'" . G   A 1 3  ? -17.051 13.380  -0.504  1.00 31.11  ? 11 G   A "O5'" 1 
ATOM   45   C  "C5'" . G   A 1 3  ? -18.090 13.177  0.422   1.00 29.35  ? 11 G   A "C5'" 1 
ATOM   46   C  "C4'" . G   A 1 3  ? -19.342 12.817  -0.310  1.00 28.39  ? 11 G   A "C4'" 1 
ATOM   47   O  "O4'" . G   A 1 3  ? -19.675 13.904  -1.202  1.00 28.15  ? 11 G   A "O4'" 1 
ATOM   48   C  "C3'" . G   A 1 3  ? -19.229 11.640  -1.262  1.00 28.10  ? 11 G   A "C3'" 1 
ATOM   49   O  "O3'" . G   A 1 3  ? -19.323 10.413  -0.562  1.00 27.72  ? 11 G   A "O3'" 1 
ATOM   50   C  "C2'" . G   A 1 3  ? -20.437 11.868  -2.155  1.00 28.18  ? 11 G   A "C2'" 1 
ATOM   51   O  "O2'" . G   A 1 3  ? -21.661 11.525  -1.543  1.00 29.03  ? 11 G   A "O2'" 1 
ATOM   52   C  "C1'" . G   A 1 3  ? -20.410 13.386  -2.293  1.00 28.45  ? 11 G   A "C1'" 1 
ATOM   53   N  N9    . G   A 1 3  ? -19.827 13.835  -3.552  1.00 27.90  ? 11 G   A N9    1 
ATOM   54   C  C8    . G   A 1 3  ? -18.652 14.504  -3.770  1.00 27.63  ? 11 G   A C8    1 
ATOM   55   N  N7    . G   A 1 3  ? -18.456 14.785  -5.029  1.00 27.80  ? 11 G   A N7    1 
ATOM   56   C  C5    . G   A 1 3  ? -19.565 14.259  -5.672  1.00 27.70  ? 11 G   A C5    1 
ATOM   57   C  C6    . G   A 1 3  ? -19.927 14.258  -7.040  1.00 27.96  ? 11 G   A C6    1 
ATOM   58   O  O6    . G   A 1 3  ? -19.317 14.726  -7.996  1.00 28.05  ? 11 G   A O6    1 
ATOM   59   N  N1    . G   A 1 3  ? -21.142 13.625  -7.245  1.00 28.57  ? 11 G   A N1    1 
ATOM   60   C  C2    . G   A 1 3  ? -21.912 13.062  -6.264  1.00 29.31  ? 11 G   A C2    1 
ATOM   61   N  N2    . G   A 1 3  ? -23.062 12.491  -6.651  1.00 30.85  ? 11 G   A N2    1 
ATOM   62   N  N3    . G   A 1 3  ? -21.585 13.052  -4.996  1.00 29.15  ? 11 G   A N3    1 
ATOM   63   C  C4    . G   A 1 3  ? -20.411 13.665  -4.773  1.00 27.88  ? 11 G   A C4    1 
ATOM   64   P  P     . A   A 1 4  ? -19.016 9.037   -1.324  1.00 27.68  ? 12 A   A P     1 
ATOM   65   O  OP1   . A   A 1 4  ? -19.168 7.933   -0.338  1.00 27.23  ? 12 A   A OP1   1 
ATOM   66   O  OP2   . A   A 1 4  ? -17.746 9.194   -2.079  1.00 26.60  ? 12 A   A OP2   1 
ATOM   67   O  "O5'" . A   A 1 4  ? -20.227 8.882   -2.339  1.00 27.99  ? 12 A   A "O5'" 1 
ATOM   68   C  "C5'" . A   A 1 4  ? -21.506 8.480   -1.860  1.00 29.17  ? 12 A   A "C5'" 1 
ATOM   69   C  "C4'" . A   A 1 4  ? -22.408 8.123   -3.010  1.00 29.08  ? 12 A   A "C4'" 1 
ATOM   70   O  "O4'" . A   A 1 4  ? -22.622 9.305   -3.820  1.00 29.23  ? 12 A   A "O4'" 1 
ATOM   71   C  "C3'" . A   A 1 4  ? -21.832 7.103   -3.968  1.00 29.02  ? 12 A   A "C3'" 1 
ATOM   72   O  "O3'" . A   A 1 4  ? -22.149 5.786   -3.583  1.00 30.42  ? 12 A   A "O3'" 1 
ATOM   73   C  "C2'" . A   A 1 4  ? -22.553 7.442   -5.250  1.00 28.77  ? 12 A   A "C2'" 1 
ATOM   74   O  "O2'" . A   A 1 4  ? -23.878 6.957   -5.198  1.00 28.04  ? 12 A   A "O2'" 1 
ATOM   75   C  "C1'" . A   A 1 4  ? -22.536 8.966   -5.188  1.00 29.30  ? 12 A   A "C1'" 1 
ATOM   76   N  N9    . A   A 1 4  ? -21.297 9.551   -5.695  1.00 29.69  ? 12 A   A N9    1 
ATOM   77   C  C8    . A   A 1 4  ? -20.088 9.605   -5.052  1.00 30.20  ? 12 A   A C8    1 
ATOM   78   N  N7    . A   A 1 4  ? -19.162 10.245  -5.721  1.00 30.87  ? 12 A   A N7    1 
ATOM   79   C  C5    . A   A 1 4  ? -19.800 10.626  -6.889  1.00 29.40  ? 12 A   A C5    1 
ATOM   80   C  C6    . A   A 1 4  ? -19.363 11.344  -8.004  1.00 29.13  ? 12 A   A C6    1 
ATOM   81   N  N6    . A   A 1 4  ? -18.127 11.836  -8.136  1.00 28.40  ? 12 A   A N6    1 
ATOM   82   N  N1    . A   A 1 4  ? -20.247 11.553  -8.996  1.00 29.92  ? 12 A   A N1    1 
ATOM   83   C  C2    . A   A 1 4  ? -21.488 11.064  -8.864  1.00 29.96  ? 12 A   A C2    1 
ATOM   84   N  N3    . A   A 1 4  ? -22.018 10.377  -7.863  1.00 29.08  ? 12 A   A N3    1 
ATOM   85   C  C4    . A   A 1 4  ? -21.111 10.190  -6.894  1.00 29.35  ? 12 A   A C4    1 
ATOM   86   P  P     . C   A 1 5  ? -21.433 4.567   -4.334  1.00 32.88  ? 13 C   A P     1 
ATOM   87   O  OP1   . C   A 1 5  ? -22.123 3.294   -4.002  1.00 32.56  ? 13 C   A OP1   1 
ATOM   88   O  OP2   . C   A 1 5  ? -19.979 4.710   -4.055  1.00 33.16  ? 13 C   A OP2   1 
ATOM   89   O  "O5'" . C   A 1 5  ? -21.659 4.878   -5.885  1.00 32.51  ? 13 C   A "O5'" 1 
ATOM   90   C  "C5'" . C   A 1 5  ? -22.925 4.672   -6.504  1.00 31.83  ? 13 C   A "C5'" 1 
ATOM   91   C  "C4'" . C   A 1 5  ? -22.809 4.861   -7.994  1.00 31.57  ? 13 C   A "C4'" 1 
ATOM   92   O  "O4'" . C   A 1 5  ? -22.483 6.234   -8.293  1.00 31.52  ? 13 C   A "O4'" 1 
ATOM   93   C  "C3'" . C   A 1 5  ? -21.686 4.089   -8.650  1.00 32.07  ? 13 C   A "C3'" 1 
ATOM   94   O  "O3'" . C   A 1 5  ? -22.103 2.763   -8.894  1.00 33.81  ? 13 C   A "O3'" 1 
ATOM   95   C  "C2'" . C   A 1 5  ? -21.466 4.859   -9.945  1.00 31.69  ? 13 C   A "C2'" 1 
ATOM   96   O  "O2'" . C   A 1 5  ? -22.328 4.492   -10.998 1.00 32.01  ? 13 C   A "O2'" 1 
ATOM   97   C  "C1'" . C   A 1 5  ? -21.754 6.293   -9.506  1.00 31.88  ? 13 C   A "C1'" 1 
ATOM   98   N  N1    . C   A 1 5  ? -20.518 7.053   -9.285  1.00 33.05  ? 13 C   A N1    1 
ATOM   99   C  C2    . C   A 1 5  ? -19.930 7.694   -10.373 1.00 33.41  ? 13 C   A C2    1 
ATOM   100  O  O2    . C   A 1 5  ? -20.499 7.637   -11.477 1.00 34.71  ? 13 C   A O2    1 
ATOM   101  N  N3    . C   A 1 5  ? -18.769 8.355   -10.198 1.00 32.56  ? 13 C   A N3    1 
ATOM   102  C  C4    . C   A 1 5  ? -18.202 8.399   -8.992  1.00 32.39  ? 13 C   A C4    1 
ATOM   103  N  N4    . C   A 1 5  ? -17.057 9.056   -8.872  1.00 34.83  ? 13 C   A N4    1 
ATOM   104  C  C5    . C   A 1 5  ? -18.787 7.771   -7.862  1.00 31.88  ? 13 C   A C5    1 
ATOM   105  C  C6    . C   A 1 5  ? -19.936 7.117   -8.049  1.00 32.98  ? 13 C   A C6    1 
ATOM   106  P  P     . U   A 1 6  ? -21.009 1.606   -9.059  1.00 35.26  ? 14 U   A P     1 
ATOM   107  O  OP1   . U   A 1 6  ? -21.766 0.362   -9.337  1.00 35.55  ? 14 U   A OP1   1 
ATOM   108  O  OP2   . U   A 1 6  ? -20.078 1.659   -7.896  1.00 34.90  ? 14 U   A OP2   1 
ATOM   109  O  "O5'" . U   A 1 6  ? -20.252 2.023   -10.395 1.00 35.53  ? 14 U   A "O5'" 1 
ATOM   110  C  "C5'" . U   A 1 6  ? -20.964 2.069   -11.627 1.00 37.05  ? 14 U   A "C5'" 1 
ATOM   111  C  "C4'" . U   A 1 6  ? -20.101 2.662   -12.710 1.00 37.56  ? 14 U   A "C4'" 1 
ATOM   112  O  "O4'" . U   A 1 6  ? -19.789 4.024   -12.347 1.00 37.65  ? 14 U   A "O4'" 1 
ATOM   113  C  "C3'" . U   A 1 6  ? -18.747 2.000   -12.906 1.00 37.82  ? 14 U   A "C3'" 1 
ATOM   114  O  "O3'" . U   A 1 6  ? -18.858 0.875   -13.773 1.00 38.19  ? 14 U   A "O3'" 1 
ATOM   115  C  "C2'" . U   A 1 6  ? -17.911 3.120   -13.517 1.00 37.48  ? 14 U   A "C2'" 1 
ATOM   116  O  "O2'" . U   A 1 6  ? -17.979 3.236   -14.927 1.00 37.73  ? 14 U   A "O2'" 1 
ATOM   117  C  "C1'" . U   A 1 6  ? -18.509 4.355   -12.839 1.00 37.33  ? 14 U   A "C1'" 1 
ATOM   118  N  N1    . U   A 1 6  ? -17.697 4.826   -11.717 1.00 37.23  ? 14 U   A N1    1 
ATOM   119  C  C2    . U   A 1 6  ? -16.455 5.299   -12.024 1.00 38.26  ? 14 U   A C2    1 
ATOM   120  O  O2    . U   A 1 6  ? -16.034 5.325   -13.176 1.00 40.67  ? 14 U   A O2    1 
ATOM   121  N  N3    . U   A 1 6  ? -15.721 5.733   -10.951 1.00 36.90  ? 14 U   A N3    1 
ATOM   122  C  C4    . U   A 1 6  ? -16.107 5.732   -9.641  1.00 35.17  ? 14 U   A C4    1 
ATOM   123  O  O4    . U   A 1 6  ? -15.330 6.141   -8.793  1.00 35.46  ? 14 U   A O4    1 
ATOM   124  C  C5    . U   A 1 6  ? -17.415 5.224   -9.404  1.00 35.24  ? 14 U   A C5    1 
ATOM   125  C  C6    . U   A 1 6  ? -18.150 4.798   -10.427 1.00 35.77  ? 14 U   A C6    1 
ATOM   126  P  P     . C   A 1 7  ? -18.016 -0.463  -13.465 1.00 38.72  ? 15 C   A P     1 
ATOM   127  O  OP1   . C   A 1 7  ? -18.742 -1.564  -14.159 1.00 38.13  ? 15 C   A OP1   1 
ATOM   128  O  OP2   . C   A 1 7  ? -17.780 -0.550  -11.990 1.00 38.85  ? 15 C   A OP2   1 
ATOM   129  O  "O5'" . C   A 1 7  ? -16.616 -0.193  -14.187 1.00 36.32  ? 15 C   A "O5'" 1 
ATOM   130  C  "C5'" . C   A 1 7  ? -16.588 0.110   -15.574 1.00 34.14  ? 15 C   A "C5'" 1 
ATOM   131  C  "C4'" . C   A 1 7  ? -15.431 1.020   -15.913 1.00 32.20  ? 15 C   A "C4'" 1 
ATOM   132  O  "O4'" . C   A 1 7  ? -15.576 2.319   -15.284 1.00 30.61  ? 15 C   A "O4'" 1 
ATOM   133  C  "C3'" . C   A 1 7  ? -14.059 0.568   -15.469 1.00 31.66  ? 15 C   A "C3'" 1 
ATOM   134  O  "O3'" . C   A 1 7  ? -13.498 -0.374  -16.354 1.00 31.28  ? 15 C   A "O3'" 1 
ATOM   135  C  "C2'" . C   A 1 7  ? -13.264 1.855   -15.570 1.00 31.47  ? 15 C   A "C2'" 1 
ATOM   136  O  "O2'" . C   A 1 7  ? -12.832 2.106   -16.900 1.00 32.71  ? 15 C   A "O2'" 1 
ATOM   137  C  "C1'" . C   A 1 7  ? -14.291 2.877   -15.080 1.00 29.92  ? 15 C   A "C1'" 1 
ATOM   138  N  N1    . C   A 1 7  ? -14.120 3.080   -13.654 1.00 27.26  ? 15 C   A N1    1 
ATOM   139  C  C2    . C   A 1 7  ? -13.418 4.182   -13.222 1.00 26.15  ? 15 C   A C2    1 
ATOM   140  O  O2    . C   A 1 7  ? -12.926 4.939   -14.072 1.00 24.41  ? 15 C   A O2    1 
ATOM   141  N  N3    . C   A 1 7  ? -13.287 4.402   -11.893 1.00 26.28  ? 15 C   A N3    1 
ATOM   142  C  C4    . C   A 1 7  ? -13.826 3.546   -11.021 1.00 26.62  ? 15 C   A C4    1 
ATOM   143  N  N4    . C   A 1 7  ? -13.705 3.805   -9.723  1.00 26.76  ? 15 C   A N4    1 
ATOM   144  C  C5    . C   A 1 7  ? -14.525 2.389   -11.443 1.00 27.86  ? 15 C   A C5    1 
ATOM   145  C  C6    . C   A 1 7  ? -14.648 2.197   -12.759 1.00 28.13  ? 15 C   A C6    1 
ATOM   146  P  P     . G   A 1 8  ? -12.428 -1.411  -15.788 1.00 32.01  ? 16 G   A P     1 
ATOM   147  O  OP1   . G   A 1 8  ? -12.068 -2.382  -16.863 1.00 31.22  ? 16 G   A OP1   1 
ATOM   148  O  OP2   . G   A 1 8  ? -13.002 -1.896  -14.487 1.00 31.87  ? 16 G   A OP2   1 
ATOM   149  O  "O5'" . G   A 1 8  ? -11.162 -0.508  -15.447 1.00 29.95  ? 16 G   A "O5'" 1 
ATOM   150  C  "C5'" . G   A 1 8  ? -10.525 0.250   -16.457 1.00 27.22  ? 16 G   A "C5'" 1 
ATOM   151  C  "C4'" . G   A 1 8  ? -9.610  1.266   -15.833 1.00 25.22  ? 16 G   A "C4'" 1 
ATOM   152  O  "O4'" . G   A 1 8  ? -10.379 2.109   -14.940 1.00 25.43  ? 16 G   A "O4'" 1 
ATOM   153  C  "C3'" . G   A 1 8  ? -8.530  0.729   -14.920 1.00 24.21  ? 16 G   A "C3'" 1 
ATOM   154  O  "O3'" . G   A 1 8  ? -7.428  0.291   -15.687 1.00 23.84  ? 16 G   A "O3'" 1 
ATOM   155  C  "C2'" . G   A 1 8  ? -8.159  1.977   -14.139 1.00 23.56  ? 16 G   A "C2'" 1 
ATOM   156  O  "O2'" . G   A 1 8  ? -7.364  2.827   -14.937 1.00 22.91  ? 16 G   A "O2'" 1 
ATOM   157  C  "C1'" . G   A 1 8  ? -9.536  2.608   -13.914 1.00 23.14  ? 16 G   A "C1'" 1 
ATOM   158  N  N9    . G   A 1 8  ? -10.113 2.240   -12.628 1.00 20.50  ? 16 G   A N9    1 
ATOM   159  C  C8    . G   A 1 8  ? -11.083 1.295   -12.387 1.00 20.24  ? 16 G   A C8    1 
ATOM   160  N  N7    . G   A 1 8  ? -11.331 1.126   -11.116 1.00 19.93  ? 16 G   A N7    1 
ATOM   161  C  C5    . G   A 1 8  ? -10.483 2.029   -10.481 1.00 19.39  ? 16 G   A C5    1 
ATOM   162  C  C6    . G   A 1 8  ? -10.274 2.297   -9.085  1.00 19.13  ? 16 G   A C6    1 
ATOM   163  O  O6    . G   A 1 8  ? -10.812 1.756   -8.088  1.00 17.93  ? 16 G   A O6    1 
ATOM   164  N  N1    . G   A 1 8  ? -9.326  3.303   -8.902  1.00 17.44  ? 16 G   A N1    1 
ATOM   165  C  C2    . G   A 1 8  ? -8.668  3.960   -9.911  1.00 16.24  ? 16 G   A C2    1 
ATOM   166  N  N2    . G   A 1 8  ? -7.819  4.907   -9.527  1.00 15.57  ? 16 G   A N2    1 
ATOM   167  N  N3    . G   A 1 8  ? -8.837  3.712   -11.197 1.00 16.17  ? 16 G   A N3    1 
ATOM   168  C  C4    . G   A 1 8  ? -9.748  2.743   -11.408 1.00 18.48  ? 16 G   A C4    1 
ATOM   169  P  P     . G   A 1 9  ? -6.340  -0.688  -15.027 1.00 24.58  ? 17 G   A P     1 
ATOM   170  O  OP1   . G   A 1 9  ? -5.391  -1.046  -16.108 1.00 24.59  ? 17 G   A OP1   1 
ATOM   171  O  OP2   . G   A 1 9  ? -7.045  -1.776  -14.293 1.00 24.87  ? 17 G   A OP2   1 
ATOM   172  O  "O5'" . G   A 1 9  ? -5.567  0.255   -14.000 1.00 19.01  ? 17 G   A "O5'" 1 
ATOM   173  C  "C5'" . G   A 1 9  ? -4.656  1.207   -14.503 1.00 13.68  ? 17 G   A "C5'" 1 
ATOM   174  C  "C4'" . G   A 1 9  ? -3.936  1.906   -13.387 1.00 9.68   ? 17 G   A "C4'" 1 
ATOM   175  O  "O4'" . G   A 1 9  ? -4.888  2.652   -12.593 1.00 8.34   ? 17 G   A "O4'" 1 
ATOM   176  C  "C3'" . G   A 1 9  ? -3.184  1.048   -12.392 1.00 8.02   ? 17 G   A "C3'" 1 
ATOM   177  O  "O3'" . G   A 1 9  ? -1.886  0.696   -12.876 1.00 4.90   ? 17 G   A "O3'" 1 
ATOM   178  C  "C2'" . G   A 1 9  ? -3.085  2.016   -11.233 1.00 7.91   ? 17 G   A "C2'" 1 
ATOM   179  O  "O2'" . G   A 1 9  ? -2.132  3.006   -11.540 1.00 7.98   ? 17 G   A "O2'" 1 
ATOM   180  C  "C1'" . G   A 1 9  ? -4.488  2.629   -11.245 1.00 8.45   ? 17 G   A "C1'" 1 
ATOM   181  N  N9    . G   A 1 9  ? -5.456  1.806   -10.536 1.00 8.79   ? 17 G   A N9    1 
ATOM   182  C  C8    . G   A 1 9  ? -6.349  0.933   -11.107 1.00 9.36   ? 17 G   A C8    1 
ATOM   183  N  N7    . G   A 1 9  ? -7.081  0.300   -10.229 1.00 9.67   ? 17 G   A N7    1 
ATOM   184  C  C5    . G   A 1 9  ? -6.650  0.791   -9.006  1.00 10.10  ? 17 G   A C5    1 
ATOM   185  C  C6    . G   A 1 9  ? -7.076  0.473   -7.691  1.00 11.47  ? 17 G   A C6    1 
ATOM   186  O  O6    . G   A 1 9  ? -7.941  -0.336  -7.338  1.00 13.42  ? 17 G   A O6    1 
ATOM   187  N  N1    . G   A 1 9  ? -6.378  1.204   -6.735  1.00 11.11  ? 17 G   A N1    1 
ATOM   188  C  C2    . G   A 1 9  ? -5.391  2.117   -7.012  1.00 11.05  ? 17 G   A C2    1 
ATOM   189  N  N2    . G   A 1 9  ? -4.843  2.718   -5.955  1.00 10.87  ? 17 G   A N2    1 
ATOM   190  N  N3    . G   A 1 9  ? -4.976  2.421   -8.237  1.00 9.53   ? 17 G   A N3    1 
ATOM   191  C  C4    . G   A 1 9  ? -5.649  1.727   -9.179  1.00 9.38   ? 17 G   A C4    1 
ATOM   192  P  P     . G   A 1 10 ? -1.237  -0.720  -12.468 1.00 3.91   ? 18 G   A P     1 
ATOM   193  O  OP1   . G   A 1 10 ? 0.100   -0.829  -13.101 1.00 2.96   ? 18 G   A OP1   1 
ATOM   194  O  OP2   . G   A 1 10 ? -2.227  -1.805  -12.692 1.00 2.97   ? 18 G   A OP2   1 
ATOM   195  O  "O5'" . G   A 1 10 ? -1.056  -0.567  -10.895 1.00 2.41   ? 18 G   A "O5'" 1 
ATOM   196  C  "C5'" . G   A 1 10 ? -0.265  0.480   -10.376 1.00 1.55   ? 18 G   A "C5'" 1 
ATOM   197  C  "C4'" . G   A 1 10 ? -0.301  0.494   -8.867  1.00 1.38   ? 18 G   A "C4'" 1 
ATOM   198  O  "O4'" . G   A 1 10 ? -1.645  0.741   -8.392  1.00 1.00   ? 18 G   A "O4'" 1 
ATOM   199  C  "C3'" . G   A 1 10 ? 0.072   -0.762  -8.115  1.00 2.34   ? 18 G   A "C3'" 1 
ATOM   200  O  "O3'" . G   A 1 10 ? 1.479   -1.014  -8.165  1.00 4.80   ? 18 G   A "O3'" 1 
ATOM   201  C  "C2'" . G   A 1 10 ? -0.439  -0.409  -6.721  1.00 1.73   ? 18 G   A "C2'" 1 
ATOM   202  O  "O2'" . G   A 1 10 ? 0.394   0.501   -6.023  1.00 1.00   ? 18 G   A "O2'" 1 
ATOM   203  C  "C1'" . G   A 1 10 ? -1.752  0.299   -7.056  1.00 1.00   ? 18 G   A "C1'" 1 
ATOM   204  N  N9    . G   A 1 10 ? -2.932  -0.548  -6.961  1.00 1.00   ? 18 G   A N9    1 
ATOM   205  C  C8    . G   A 1 10 ? -3.560  -1.197  -7.992  1.00 1.00   ? 18 G   A C8    1 
ATOM   206  N  N7    . G   A 1 10 ? -4.617  -1.861  -7.613  1.00 1.00   ? 18 G   A N7    1 
ATOM   207  C  C5    . G   A 1 10 ? -4.683  -1.646  -6.245  1.00 1.00   ? 18 G   A C5    1 
ATOM   208  C  C6    . G   A 1 10 ? -5.612  -2.113  -5.299  1.00 2.26   ? 18 G   A C6    1 
ATOM   209  O  O6    . G   A 1 10 ? -6.599  -2.831  -5.485  1.00 5.32   ? 18 G   A O6    1 
ATOM   210  N  N1    . G   A 1 10 ? -5.316  -1.662  -4.018  1.00 1.87   ? 18 G   A N1    1 
ATOM   211  C  C2    . G   A 1 10 ? -4.260  -0.854  -3.693  1.00 2.93   ? 18 G   A C2    1 
ATOM   212  N  N2    . G   A 1 10 ? -4.155  -0.509  -2.391  1.00 1.98   ? 18 G   A N2    1 
ATOM   213  N  N3    . G   A 1 10 ? -3.375  -0.409  -4.577  1.00 2.53   ? 18 G   A N3    1 
ATOM   214  C  C4    . G   A 1 10 ? -3.648  -0.843  -5.825  1.00 1.00   ? 18 G   A C4    1 
ATOM   215  P  P     . G   A 1 11 ? 2.037   -2.488  -7.830  1.00 6.18   ? 19 G   A P     1 
ATOM   216  O  OP1   . G   A 1 11 ? 3.463   -2.557  -8.217  1.00 5.15   ? 19 G   A OP1   1 
ATOM   217  O  OP2   . G   A 1 11 ? 1.082   -3.491  -8.356  1.00 5.25   ? 19 G   A OP2   1 
ATOM   218  O  "O5'" . G   A 1 11 ? 1.973   -2.513  -6.248  1.00 8.42   ? 19 G   A "O5'" 1 
ATOM   219  C  "C5'" . G   A 1 11 ? 2.623   -1.483  -5.526  1.00 14.47  ? 19 G   A "C5'" 1 
ATOM   220  C  "C4'" . G   A 1 11 ? 2.463   -1.700  -4.056  1.00 17.73  ? 19 G   A "C4'" 1 
ATOM   221  O  "O4'" . G   A 1 11 ? 1.111   -1.357  -3.647  1.00 18.10  ? 19 G   A "O4'" 1 
ATOM   222  C  "C3'" . G   A 1 11 ? 2.639   -3.144  -3.639  1.00 19.70  ? 19 G   A "C3'" 1 
ATOM   223  O  "O3'" . G   A 1 11 ? 4.012   -3.473  -3.479  1.00 23.19  ? 19 G   A "O3'" 1 
ATOM   224  C  "C2'" . G   A 1 11 ? 1.865   -3.153  -2.337  1.00 18.89  ? 19 G   A "C2'" 1 
ATOM   225  O  "O2'" . G   A 1 11 ? 2.578   -2.431  -1.358  1.00 17.59  ? 19 G   A "O2'" 1 
ATOM   226  C  "C1'" . G   A 1 11 ? 0.640   -2.335  -2.743  1.00 18.38  ? 19 G   A "C1'" 1 
ATOM   227  N  N9    . G   A 1 11 ? -0.373  -3.105  -3.452  1.00 18.02  ? 19 G   A N9    1 
ATOM   228  C  C8    . G   A 1 11 ? -0.337  -3.479  -4.772  1.00 16.98  ? 19 G   A C8    1 
ATOM   229  N  N7    . G   A 1 11 ? -1.433  -4.068  -5.163  1.00 18.15  ? 19 G   A N7    1 
ATOM   230  C  C5    . G   A 1 11 ? -2.230  -4.105  -4.027  1.00 19.43  ? 19 G   A C5    1 
ATOM   231  C  C6    . G   A 1 11 ? -3.551  -4.612  -3.839  1.00 21.13  ? 19 G   A C6    1 
ATOM   232  O  O6    . G   A 1 11 ? -4.303  -5.128  -4.672  1.00 23.51  ? 19 G   A O6    1 
ATOM   233  N  N1    . G   A 1 11 ? -3.978  -4.466  -2.524  1.00 21.65  ? 19 G   A N1    1 
ATOM   234  C  C2    . G   A 1 11 ? -3.243  -3.901  -1.517  1.00 22.43  ? 19 G   A C2    1 
ATOM   235  N  N2    . G   A 1 11 ? -3.843  -3.860  -0.312  1.00 22.59  ? 19 G   A N2    1 
ATOM   236  N  N3    . G   A 1 11 ? -2.012  -3.411  -1.677  1.00 21.41  ? 19 G   A N3    1 
ATOM   237  C  C4    . G   A 1 11 ? -1.577  -3.545  -2.953  1.00 19.28  ? 19 G   A C4    1 
ATOM   238  P  P     . U   A 1 12 ? 4.483   -5.001  -3.664  1.00 26.75  ? 20 U   A P     1 
ATOM   239  O  OP1   . U   A 1 12 ? 5.958   -5.043  -3.468  1.00 26.58  ? 20 U   A OP1   1 
ATOM   240  O  OP2   . U   A 1 12 ? 3.890   -5.545  -4.921  1.00 25.48  ? 20 U   A OP2   1 
ATOM   241  O  "O5'" . U   A 1 12 ? 3.801   -5.777  -2.448  1.00 28.07  ? 20 U   A "O5'" 1 
ATOM   242  C  "C5'" . U   A 1 12 ? 3.831   -7.194  -2.404  1.00 31.92  ? 20 U   A "C5'" 1 
ATOM   243  C  "C4'" . U   A 1 12 ? 3.347   -7.701  -1.072  1.00 34.35  ? 20 U   A "C4'" 1 
ATOM   244  O  "O4'" . U   A 1 12 ? 2.019   -7.179  -0.837  1.00 34.62  ? 20 U   A "O4'" 1 
ATOM   245  C  "C3'" . U   A 1 12 ? 3.192   -9.208  -1.064  1.00 36.45  ? 20 U   A "C3'" 1 
ATOM   246  O  "O3'" . U   A 1 12 ? 4.033   -10.023 -0.282  1.00 40.96  ? 20 U   A "O3'" 1 
ATOM   247  C  "C2'" . U   A 1 12 ? 1.731   -9.531  -1.293  1.00 35.71  ? 20 U   A "C2'" 1 
ATOM   248  O  "O2'" . U   A 1 12 ? 1.261   -10.510 -0.394  1.00 35.01  ? 20 U   A "O2'" 1 
ATOM   249  C  "C1'" . U   A 1 12 ? 1.043   -8.202  -0.980  1.00 36.00  ? 20 U   A "C1'" 1 
ATOM   250  N  N1    . U   A 1 12 ? 0.205   -7.861  -2.130  1.00 37.84  ? 20 U   A N1    1 
ATOM   251  C  C2    . U   A 1 12 ? -1.110  -7.534  -1.915  1.00 39.32  ? 20 U   A C2    1 
ATOM   252  O  O2    . U   A 1 12 ? -1.610  -7.476  -0.806  1.00 39.78  ? 20 U   A O2    1 
ATOM   253  N  N3    . U   A 1 12 ? -1.824  -7.275  -3.055  1.00 40.69  ? 20 U   A N3    1 
ATOM   254  C  C4    . U   A 1 12 ? -1.364  -7.308  -4.356  1.00 41.34  ? 20 U   A C4    1 
ATOM   255  O  O4    . U   A 1 12 ? -2.130  -7.051  -5.280  1.00 43.00  ? 20 U   A O4    1 
ATOM   256  C  C5    . U   A 1 12 ? 0.009   -7.644  -4.487  1.00 41.16  ? 20 U   A C5    1 
ATOM   257  C  C6    . U   A 1 12 ? 0.729   -7.897  -3.398  1.00 39.89  ? 20 U   A C6    1 
ATOM   258  P  P     . G   A 1 13 ? 5.116   -10.955 -1.007  1.00 44.34  ? 21 G   A P     1 
ATOM   259  O  OP1   . G   A 1 13 ? 4.916   -10.864 -2.483  1.00 43.44  ? 21 G   A OP1   1 
ATOM   260  O  OP2   . G   A 1 13 ? 5.073   -12.292 -0.330  1.00 44.61  ? 21 G   A OP2   1 
ATOM   261  O  "O5'" . G   A 1 13 ? 6.491   -10.246 -0.635  1.00 44.17  ? 21 G   A "O5'" 1 
ATOM   262  C  "C5'" . G   A 1 13 ? 7.202   -10.614 0.537   1.00 43.89  ? 21 G   A "C5'" 1 
ATOM   263  C  "C4'" . G   A 1 13 ? 7.649   -9.380  1.270   1.00 44.32  ? 21 G   A "C4'" 1 
ATOM   264  O  "O4'" . G   A 1 13 ? 6.493   -8.691  1.791   1.00 44.19  ? 21 G   A "O4'" 1 
ATOM   265  C  "C3'" . G   A 1 13 ? 8.493   -9.661  2.495   1.00 44.98  ? 21 G   A "C3'" 1 
ATOM   266  O  "O3'" . G   A 1 13 ? 9.830   -9.819  2.080   1.00 46.33  ? 21 G   A "O3'" 1 
ATOM   267  C  "C2'" . G   A 1 13 ? 8.278   -8.427  3.361   1.00 44.25  ? 21 G   A "C2'" 1 
ATOM   268  O  "O2'" . G   A 1 13 ? 9.152   -7.352  3.051   1.00 42.92  ? 21 G   A "O2'" 1 
ATOM   269  C  "C1'" . G   A 1 13 ? 6.820   -8.087  3.031   1.00 43.86  ? 21 G   A "C1'" 1 
ATOM   270  N  N9    . G   A 1 13 ? 5.841   -8.551  4.004   1.00 42.49  ? 21 G   A N9    1 
ATOM   271  C  C8    . G   A 1 13 ? 4.636   -9.135  3.718   1.00 41.88  ? 21 G   A C8    1 
ATOM   272  N  N7    . G   A 1 13 ? 3.929   -9.396  4.779   1.00 42.91  ? 21 G   A N7    1 
ATOM   273  C  C5    . G   A 1 13 ? 4.730   -8.972  5.833   1.00 44.52  ? 21 G   A C5    1 
ATOM   274  C  C6    . G   A 1 13 ? 4.492   -8.989  7.235   1.00 46.16  ? 21 G   A C6    1 
ATOM   275  O  O6    . G   A 1 13 ? 3.491   -9.394  7.840   1.00 48.14  ? 21 G   A O6    1 
ATOM   276  N  N1    . G   A 1 13 ? 5.569   -8.466  7.948   1.00 45.17  ? 21 G   A N1    1 
ATOM   277  C  C2    . G   A 1 13 ? 6.721   -7.988  7.388   1.00 44.48  ? 21 G   A C2    1 
ATOM   278  N  N2    . G   A 1 13 ? 7.631   -7.526  8.251   1.00 43.39  ? 21 G   A N2    1 
ATOM   279  N  N3    . G   A 1 13 ? 6.956   -7.963  6.081   1.00 44.01  ? 21 G   A N3    1 
ATOM   280  C  C4    . G   A 1 13 ? 5.920   -8.464  5.369   1.00 43.34  ? 21 G   A C4    1 
ATOM   281  P  P     . C   A 1 14 ? 10.452  -11.288 2.019   1.00 47.29  ? 22 C   A P     1 
ATOM   282  O  OP1   . C   A 1 14 ? 11.612  -11.229 1.090   1.00 47.90  ? 22 C   A OP1   1 
ATOM   283  O  OP2   . C   A 1 14 ? 9.351   -12.274 1.789   1.00 46.20  ? 22 C   A OP2   1 
ATOM   284  O  "O5'" . C   A 1 14 ? 10.994  -11.478 3.494   1.00 47.22  ? 22 C   A "O5'" 1 
ATOM   285  C  "C5'" . C   A 1 14 ? 11.574  -10.384 4.177   1.00 46.67  ? 22 C   A "C5'" 1 
ATOM   286  C  "C4'" . C   A 1 14 ? 11.088  -10.362 5.600   1.00 46.55  ? 22 C   A "C4'" 1 
ATOM   287  O  "O4'" . C   A 1 14 ? 9.674   -10.033 5.660   1.00 45.77  ? 22 C   A "O4'" 1 
ATOM   288  C  "C3'" . C   A 1 14 ? 11.110  -11.688 6.329   1.00 46.22  ? 22 C   A "C3'" 1 
ATOM   289  O  "O3'" . C   A 1 14 ? 12.421  -12.078 6.714   1.00 46.29  ? 22 C   A "O3'" 1 
ATOM   290  C  "C2'" . C   A 1 14 ? 10.217  -11.389 7.529   1.00 45.96  ? 22 C   A "C2'" 1 
ATOM   291  O  "O2'" . C   A 1 14 ? 10.872  -10.656 8.544   1.00 47.70  ? 22 C   A "O2'" 1 
ATOM   292  C  "C1'" . C   A 1 14 ? 9.161   -10.482 6.899   1.00 44.70  ? 22 C   A "C1'" 1 
ATOM   293  N  N1    . C   A 1 14 ? 7.909   -11.186 6.686   1.00 42.55  ? 22 C   A N1    1 
ATOM   294  C  C2    . C   A 1 14 ? 7.099   -11.384 7.774   1.00 42.29  ? 22 C   A C2    1 
ATOM   295  O  O2    . C   A 1 14 ? 7.484   -10.961 8.865   1.00 42.67  ? 22 C   A O2    1 
ATOM   296  N  N3    . C   A 1 14 ? 5.923   -12.025 7.627   1.00 42.54  ? 22 C   A N3    1 
ATOM   297  C  C4    . C   A 1 14 ? 5.552   -12.456 6.424   1.00 42.74  ? 22 C   A C4    1 
ATOM   298  N  N4    . C   A 1 14 ? 4.372   -13.071 6.315   1.00 42.78  ? 22 C   A N4    1 
ATOM   299  C  C5    . C   A 1 14 ? 6.372   -12.272 5.280   1.00 43.46  ? 22 C   A C5    1 
ATOM   300  C  C6    . C   A 1 14 ? 7.538   -11.636 5.456   1.00 43.23  ? 22 C   A C6    1 
ATOM   301  P  P     . C   A 1 15 ? 12.716  -13.629 6.982   1.00 46.01  ? 23 C   A P     1 
ATOM   302  O  OP1   . C   A 1 15 ? 13.891  -13.750 7.889   1.00 46.02  ? 23 C   A OP1   1 
ATOM   303  O  OP2   . C   A 1 15 ? 12.750  -14.289 5.653   1.00 46.44  ? 23 C   A OP2   1 
ATOM   304  O  "O5'" . C   A 1 15 ? 11.380  -14.070 7.735   1.00 45.43  ? 23 C   A "O5'" 1 
ATOM   305  C  "C5'" . C   A 1 15 ? 11.159  -15.404 8.151   1.00 45.13  ? 23 C   A "C5'" 1 
ATOM   306  C  "C4'" . C   A 1 15 ? 10.450  -15.410 9.479   1.00 45.16  ? 23 C   A "C4'" 1 
ATOM   307  O  "O4'" . C   A 1 15 ? 9.259   -14.589 9.396   1.00 44.35  ? 23 C   A "O4'" 1 
ATOM   308  C  "C3'" . C   A 1 15 ? 9.922   -16.759 9.916   1.00 45.90  ? 23 C   A "C3'" 1 
ATOM   309  O  "O3'" . C   A 1 15 ? 10.938  -17.539 10.506  1.00 47.57  ? 23 C   A "O3'" 1 
ATOM   310  C  "C2'" . C   A 1 15 ? 8.851   -16.355 10.908  1.00 45.68  ? 23 C   A "C2'" 1 
ATOM   311  O  "O2'" . C   A 1 15 ? 9.389   -15.965 12.152  1.00 46.79  ? 23 C   A "O2'" 1 
ATOM   312  C  "C1'" . C   A 1 15 ? 8.229   -15.167 10.179  1.00 44.54  ? 23 C   A "C1'" 1 
ATOM   313  N  N1    . C   A 1 15 ? 7.201   -15.683 9.276   1.00 43.59  ? 23 C   A N1    1 
ATOM   314  C  C2    . C   A 1 15 ? 5.876   -15.517 9.624   1.00 43.79  ? 23 C   A C2    1 
ATOM   315  O  O2    . C   A 1 15 ? 5.608   -14.881 10.652  1.00 44.66  ? 23 C   A O2    1 
ATOM   316  N  N3    . C   A 1 15 ? 4.918   -16.059 8.840   1.00 43.18  ? 23 C   A N3    1 
ATOM   317  C  C4    . C   A 1 15 ? 5.259   -16.740 7.748   1.00 42.42  ? 23 C   A C4    1 
ATOM   318  N  N4    . C   A 1 15 ? 4.287   -17.286 7.018   1.00 43.62  ? 23 C   A N4    1 
ATOM   319  C  C5    . C   A 1 15 ? 6.610   -16.898 7.358   1.00 42.48  ? 23 C   A C5    1 
ATOM   320  C  C6    . C   A 1 15 ? 7.539   -16.353 8.137   1.00 43.15  ? 23 C   A C6    1 
ATOM   321  P  P     . C   A 1 16 ? 11.426  -18.870 9.766   1.00 49.11  ? 24 C   A P     1 
ATOM   322  O  OP1   . C   A 1 16 ? 12.905  -18.976 9.920   1.00 48.64  ? 24 C   A OP1   1 
ATOM   323  O  OP2   . C   A 1 16 ? 10.822  -18.844 8.405   1.00 48.77  ? 24 C   A OP2   1 
ATOM   324  O  "O5'" . C   A 1 16 ? 10.711  -20.041 10.570  1.00 49.44  ? 24 C   A "O5'" 1 
ATOM   325  C  "C5'" . C   A 1 16 ? 10.959  -20.244 11.953  1.00 49.89  ? 24 C   A "C5'" 1 
ATOM   326  C  "C4'" . C   A 1 16 ? 9.762   -20.899 12.583  1.00 50.41  ? 24 C   A "C4'" 1 
ATOM   327  O  "O4'" . C   A 1 16 ? 8.625   -20.023 12.369  1.00 50.44  ? 24 C   A "O4'" 1 
ATOM   328  C  "C3'" . C   A 1 16 ? 9.334   -22.224 11.967  1.00 50.26  ? 24 C   A "C3'" 1 
ATOM   329  O  "O3'" . C   A 1 16 ? 10.023  -23.322 12.554  1.00 50.42  ? 24 C   A "O3'" 1 
ATOM   330  C  "C2'" . C   A 1 16 ? 7.851   -22.274 12.307  1.00 50.36  ? 24 C   A "C2'" 1 
ATOM   331  O  "O2'" . C   A 1 16 ? 7.609   -22.773 13.617  1.00 49.21  ? 24 C   A "O2'" 1 
ATOM   332  C  "C1'" . C   A 1 16 ? 7.458   -20.797 12.154  1.00 50.58  ? 24 C   A "C1'" 1 
ATOM   333  N  N1    . C   A 1 16 ? 6.956   -20.457 10.816  1.00 51.15  ? 24 C   A N1    1 
ATOM   334  C  C2    . C   A 1 16 ? 5.598   -20.629 10.538  1.00 51.53  ? 24 C   A C2    1 
ATOM   335  O  O2    . C   A 1 16 ? 4.846   -21.039 11.442  1.00 51.24  ? 24 C   A O2    1 
ATOM   336  N  N3    . C   A 1 16 ? 5.137   -20.342 9.291   1.00 51.75  ? 24 C   A N3    1 
ATOM   337  C  C4    . C   A 1 16 ? 5.978   -19.896 8.353   1.00 51.27  ? 24 C   A C4    1 
ATOM   338  N  N4    . C   A 1 16 ? 5.483   -19.632 7.143   1.00 50.14  ? 24 C   A N4    1 
ATOM   339  C  C5    . C   A 1 16 ? 7.365   -19.699 8.618   1.00 52.01  ? 24 C   A C5    1 
ATOM   340  C  C6    . C   A 1 16 ? 7.806   -19.986 9.852   1.00 51.85  ? 24 C   A C6    1 
ATOM   341  O  "O5'" . G   A 1 21 ? 14.247  -27.609 12.703  1.00 77.84  ? 29 G   A "O5'" 1 
ATOM   342  C  "C5'" . G   A 1 21 ? 13.699  -28.915 12.575  1.00 77.85  ? 29 G   A "C5'" 1 
ATOM   343  C  "C4'" . G   A 1 21 ? 14.697  -29.842 11.923  1.00 78.13  ? 29 G   A "C4'" 1 
ATOM   344  O  "O4'" . G   A 1 21 ? 14.231  -31.204 12.078  1.00 78.64  ? 29 G   A "O4'" 1 
ATOM   345  C  "C3'" . G   A 1 21 ? 14.914  -29.680 10.425  1.00 78.41  ? 29 G   A "C3'" 1 
ATOM   346  O  "O3'" . G   A 1 21 ? 15.911  -28.694 10.164  1.00 79.62  ? 29 G   A "O3'" 1 
ATOM   347  C  "C2'" . G   A 1 21 ? 15.419  -31.060 10.014  1.00 78.07  ? 29 G   A "C2'" 1 
ATOM   348  O  "O2'" . G   A 1 21 ? 16.810  -31.203 10.232  1.00 77.13  ? 29 G   A "O2'" 1 
ATOM   349  C  "C1'" . G   A 1 21 ? 14.656  -31.981 10.975  1.00 78.10  ? 29 G   A "C1'" 1 
ATOM   350  N  N9    . G   A 1 21 ? 13.497  -32.710 10.456  1.00 77.74  ? 29 G   A N9    1 
ATOM   351  C  C8    . G   A 1 21 ? 12.473  -33.228 11.212  1.00 77.09  ? 29 G   A C8    1 
ATOM   352  N  N7    . G   A 1 21 ? 11.572  -33.847 10.500  1.00 76.78  ? 29 G   A N7    1 
ATOM   353  C  C5    . G   A 1 21 ? 12.020  -33.729 9.192   1.00 76.00  ? 29 G   A C5    1 
ATOM   354  C  C6    . G   A 1 21 ? 11.457  -34.204 7.989   1.00 74.80  ? 29 G   A C6    1 
ATOM   355  O  O6    . G   A 1 21 ? 10.413  -34.834 7.827   1.00 74.06  ? 29 G   A O6    1 
ATOM   356  N  N1    . G   A 1 21 ? 12.240  -33.877 6.896   1.00 74.85  ? 29 G   A N1    1 
ATOM   357  C  C2    . G   A 1 21 ? 13.414  -33.179 6.948   1.00 75.83  ? 29 G   A C2    1 
ATOM   358  N  N2    . G   A 1 21 ? 14.028  -32.969 5.776   1.00 76.56  ? 29 G   A N2    1 
ATOM   359  N  N3    . G   A 1 21 ? 13.950  -32.722 8.062   1.00 76.73  ? 29 G   A N3    1 
ATOM   360  C  C4    . G   A 1 21 ? 13.206  -33.032 9.142   1.00 76.90  ? 29 G   A C4    1 
ATOM   361  P  P     . C   A 1 22 ? 15.835  -27.805 8.822   1.00 80.59  ? 30 C   A P     1 
ATOM   362  O  OP1   . C   A 1 22 ? 17.183  -27.228 8.575   1.00 80.33  ? 30 C   A OP1   1 
ATOM   363  O  OP2   . C   A 1 22 ? 14.662  -26.899 8.931   1.00 80.45  ? 30 C   A OP2   1 
ATOM   364  O  "O5'" . C   A 1 22 ? 15.525  -28.866 7.674   1.00 81.17  ? 30 C   A "O5'" 1 
ATOM   365  C  "C5'" . C   A 1 22 ? 16.485  -29.161 6.665   1.00 82.70  ? 30 C   A "C5'" 1 
ATOM   366  C  "C4'" . C   A 1 22 ? 15.786  -29.472 5.362   1.00 83.47  ? 30 C   A "C4'" 1 
ATOM   367  O  "O4'" . C   A 1 22 ? 14.896  -30.592 5.582   1.00 83.35  ? 30 C   A "O4'" 1 
ATOM   368  C  "C3'" . C   A 1 22 ? 14.907  -28.356 4.810   1.00 83.94  ? 30 C   A "C3'" 1 
ATOM   369  O  "O3'" . C   A 1 22 ? 15.663  -27.523 3.932   1.00 84.76  ? 30 C   A "O3'" 1 
ATOM   370  C  "C2'" . C   A 1 22 ? 13.838  -29.122 4.046   1.00 83.93  ? 30 C   A "C2'" 1 
ATOM   371  O  "O2'" . C   A 1 22 ? 14.274  -29.494 2.750   1.00 84.11  ? 30 C   A "O2'" 1 
ATOM   372  C  "C1'" . C   A 1 22 ? 13.664  -30.363 4.927   1.00 83.69  ? 30 C   A "C1'" 1 
ATOM   373  N  N1    . C   A 1 22 ? 12.630  -30.256 5.968   1.00 83.40  ? 30 C   A N1    1 
ATOM   374  C  C2    . C   A 1 22 ? 11.428  -30.945 5.802   1.00 83.35  ? 30 C   A C2    1 
ATOM   375  O  O2    . C   A 1 22 ? 11.251  -31.595 4.762   1.00 83.45  ? 30 C   A O2    1 
ATOM   376  N  N3    . C   A 1 22 ? 10.493  -30.887 6.777   1.00 83.05  ? 30 C   A N3    1 
ATOM   377  C  C4    . C   A 1 22 ? 10.724  -30.167 7.877   1.00 83.08  ? 30 C   A C4    1 
ATOM   378  N  N4    . C   A 1 22 ? 9.780   -30.138 8.818   1.00 82.92  ? 30 C   A N4    1 
ATOM   379  C  C5    . C   A 1 22 ? 11.935  -29.442 8.061   1.00 83.30  ? 30 C   A C5    1 
ATOM   380  C  C6    . C   A 1 22 ? 12.849  -29.512 7.092   1.00 83.10  ? 30 C   A C6    1 
ATOM   381  P  P     . G   A 1 23 ? 15.028  -26.154 3.380   1.00 85.31  ? 31 G   A P     1 
ATOM   382  O  OP1   . G   A 1 23 ? 16.042  -25.484 2.522   1.00 85.21  ? 31 G   A OP1   1 
ATOM   383  O  OP2   . G   A 1 23 ? 14.455  -25.425 4.538   1.00 85.50  ? 31 G   A OP2   1 
ATOM   384  O  "O5'" . G   A 1 23 ? 13.814  -26.630 2.465   1.00 85.63  ? 31 G   A "O5'" 1 
ATOM   385  C  "C5'" . G   A 1 23 ? 12.651  -25.824 2.331   1.00 86.40  ? 31 G   A "C5'" 1 
ATOM   386  C  "C4'" . G   A 1 23 ? 11.613  -26.538 1.503   1.00 87.03  ? 31 G   A "C4'" 1 
ATOM   387  O  "O4'" . G   A 1 23 ? 11.332  -27.833 2.104   1.00 87.11  ? 31 G   A "O4'" 1 
ATOM   388  C  "C3'" . G   A 1 23 ? 10.259  -25.849 1.467   1.00 87.75  ? 31 G   A "C3'" 1 
ATOM   389  O  "O3'" . G   A 1 23 ? 10.216  -24.823 0.490   1.00 88.65  ? 31 G   A "O3'" 1 
ATOM   390  C  "C2'" . G   A 1 23 ? 9.330   -27.015 1.176   1.00 87.73  ? 31 G   A "C2'" 1 
ATOM   391  O  "O2'" . G   A 1 23 ? 9.401   -27.442 -0.170  1.00 87.20  ? 31 G   A "O2'" 1 
ATOM   392  C  "C1'" . G   A 1 23 ? 9.932   -28.078 2.093   1.00 87.34  ? 31 G   A "C1'" 1 
ATOM   393  N  N9    . G   A 1 23 ? 9.459   -27.934 3.465   1.00 86.70  ? 31 G   A N9    1 
ATOM   394  C  C8    . G   A 1 23 ? 10.072  -27.217 4.465   1.00 86.91  ? 31 G   A C8    1 
ATOM   395  N  N7    . G   A 1 23 ? 9.413   -27.242 5.589   1.00 87.12  ? 31 G   A N7    1 
ATOM   396  C  C5    . G   A 1 23 ? 8.302   -28.028 5.318   1.00 86.38  ? 31 G   A C5    1 
ATOM   397  C  C6    . G   A 1 23 ? 7.235   -28.409 6.157   1.00 86.01  ? 31 G   A C6    1 
ATOM   398  O  O6    . G   A 1 23 ? 7.049   -28.118 7.340   1.00 86.57  ? 31 G   A O6    1 
ATOM   399  N  N1    . G   A 1 23 ? 6.322   -29.212 5.488   1.00 85.73  ? 31 G   A N1    1 
ATOM   400  C  C2    . G   A 1 23 ? 6.423   -29.594 4.178   1.00 85.94  ? 31 G   A C2    1 
ATOM   401  N  N2    . G   A 1 23 ? 5.438   -30.374 3.713   1.00 85.72  ? 31 G   A N2    1 
ATOM   402  N  N3    . G   A 1 23 ? 7.418   -29.241 3.380   1.00 85.94  ? 31 G   A N3    1 
ATOM   403  C  C4    . G   A 1 23 ? 8.316   -28.464 4.014   1.00 86.24  ? 31 G   A C4    1 
ATOM   404  P  P     . U   A 1 24 ? 9.893   -23.319 0.946   1.00 89.27  ? 32 U   A P     1 
ATOM   405  O  OP1   . U   A 1 24 ? 10.605  -22.405 0.016   1.00 89.37  ? 32 U   A OP1   1 
ATOM   406  O  OP2   . U   A 1 24 ? 10.144  -23.223 2.402   1.00 89.56  ? 32 U   A OP2   1 
ATOM   407  O  "O5'" . U   A 1 24 ? 8.330   -23.176 0.694   1.00 90.22  ? 32 U   A "O5'" 1 
ATOM   408  C  "C5'" . U   A 1 24 ? 7.847   -22.998 -0.627  1.00 92.13  ? 32 U   A "C5'" 1 
ATOM   409  C  "C4'" . U   A 1 24 ? 6.500   -23.643 -0.788  1.00 93.19  ? 32 U   A "C4'" 1 
ATOM   410  O  "O4'" . U   A 1 24 ? 6.573   -25.002 -0.273  1.00 93.42  ? 32 U   A "O4'" 1 
ATOM   411  C  "C3'" . U   A 1 24 ? 5.367   -23.030 0.013   1.00 93.81  ? 32 U   A "C3'" 1 
ATOM   412  O  "O3'" . U   A 1 24 ? 4.799   -21.878 -0.594  1.00 94.10  ? 32 U   A "O3'" 1 
ATOM   413  C  "C2'" . U   A 1 24 ? 4.393   -24.190 0.064   1.00 94.23  ? 32 U   A "C2'" 1 
ATOM   414  O  "O2'" . U   A 1 24 ? 3.768   -24.428 -1.186  1.00 94.82  ? 32 U   A "O2'" 1 
ATOM   415  C  "C1'" . U   A 1 24 ? 5.358   -25.326 0.383   1.00 94.08  ? 32 U   A "C1'" 1 
ATOM   416  N  N1    . U   A 1 24 ? 5.637   -25.376 1.821   1.00 94.39  ? 32 U   A N1    1 
ATOM   417  C  C2    . U   A 1 24 ? 4.586   -25.658 2.670   1.00 95.16  ? 32 U   A C2    1 
ATOM   418  O  O2    . U   A 1 24 ? 3.446   -25.863 2.269   1.00 95.02  ? 32 U   A O2    1 
ATOM   419  N  N3    . U   A 1 24 ? 4.916   -25.690 4.004   1.00 96.17  ? 32 U   A N3    1 
ATOM   420  C  C4    . U   A 1 24 ? 6.167   -25.469 4.558   1.00 96.27  ? 32 U   A C4    1 
ATOM   421  O  O4    . U   A 1 24 ? 6.312   -25.529 5.784   1.00 96.30  ? 32 U   A O4    1 
ATOM   422  C  C5    . U   A 1 24 ? 7.195   -25.181 3.603   1.00 95.94  ? 32 U   A C5    1 
ATOM   423  C  C6    . U   A 1 24 ? 6.900   -25.145 2.302   1.00 94.59  ? 32 U   A C6    1 
ATOM   424  P  P     . G   A 1 25 ? 4.160   -20.739 0.344   1.00 94.71  ? 33 G   A P     1 
ATOM   425  O  OP1   . G   A 1 25 ? 2.791   -20.406 -0.128  1.00 94.55  ? 33 G   A OP1   1 
ATOM   426  O  OP2   . G   A 1 25 ? 5.165   -19.658 0.511   1.00 95.10  ? 33 G   A OP2   1 
ATOM   427  O  "O5'" . G   A 1 25 ? 4.023   -21.471 1.749   1.00 94.68  ? 33 G   A "O5'" 1 
ATOM   428  C  "C5'" . G   A 1 25 ? 5.068   -21.411 2.716   1.00 94.88  ? 33 G   A "C5'" 1 
ATOM   429  C  "C4'" . G   A 1 25 ? 4.679   -22.216 3.929   1.00 94.55  ? 33 G   A "C4'" 1 
ATOM   430  O  "O4'" . G   A 1 25 ? 5.732   -22.135 4.930   1.00 94.03  ? 33 G   A "O4'" 1 
ATOM   431  C  "C3'" . G   A 1 25 ? 3.435   -21.717 4.651   1.00 94.11  ? 33 G   A "C3'" 1 
ATOM   432  O  "O3'" . G   A 1 25 ? 2.235   -22.198 4.020   1.00 92.81  ? 33 G   A "O3'" 1 
ATOM   433  C  "C2'" . G   A 1 25 ? 3.632   -22.318 6.041   1.00 94.14  ? 33 G   A "C2'" 1 
ATOM   434  O  "O2'" . G   A 1 25 ? 3.249   -23.680 6.103   1.00 94.42  ? 33 G   A "O2'" 1 
ATOM   435  C  "C1'" . G   A 1 25 ? 5.153   -22.203 6.220   1.00 94.19  ? 33 G   A "C1'" 1 
ATOM   436  P  P     . A   A 1 26 ? 1.321   -21.198 3.126   1.00 91.79  ? 34 A   A P     1 
ATOM   437  O  OP1   . A   A 1 26 ? 0.459   -22.046 2.268   1.00 91.73  ? 34 A   A OP1   1 
ATOM   438  O  OP2   . A   A 1 26 ? 2.168   -20.152 2.493   1.00 91.86  ? 34 A   A OP2   1 
ATOM   439  O  "O5'" . A   A 1 26 ? 0.375   -20.438 4.161   1.00 90.42  ? 34 A   A "O5'" 1 
ATOM   440  C  "C5'" . A   A 1 26 ? -0.431  -19.350 3.719   1.00 88.15  ? 34 A   A "C5'" 1 
ATOM   441  C  "C4'" . A   A 1 26 ? -1.817  -19.842 3.373   1.00 86.67  ? 34 A   A "C4'" 1 
ATOM   442  O  "O4'" . A   A 1 26 ? -1.692  -21.194 2.849   1.00 86.34  ? 34 A   A "O4'" 1 
ATOM   443  C  "C3'" . A   A 1 26 ? -2.790  -19.969 4.539   1.00 85.28  ? 34 A   A "C3'" 1 
ATOM   444  O  "O3'" . A   A 1 26 ? -3.513  -18.752 4.730   1.00 82.41  ? 34 A   A "O3'" 1 
ATOM   445  C  "C2'" . A   A 1 26 ? -3.727  -21.068 4.053   1.00 85.72  ? 34 A   A "C2'" 1 
ATOM   446  O  "O2'" . A   A 1 26 ? -4.723  -20.613 3.157   1.00 85.71  ? 34 A   A "O2'" 1 
ATOM   447  C  "C1'" . A   A 1 26 ? -2.746  -22.002 3.341   1.00 86.15  ? 34 A   A "C1'" 1 
ATOM   448  N  N9    . A   A 1 26 ? -2.178  -22.975 4.271   1.00 86.46  ? 34 A   A N9    1 
ATOM   449  C  C8    . A   A 1 26 ? -0.864  -23.330 4.465   1.00 86.41  ? 34 A   A C8    1 
ATOM   450  N  N7    . A   A 1 26 ? -0.690  -24.214 5.418   1.00 86.37  ? 34 A   A N7    1 
ATOM   451  C  C5    . A   A 1 26 ? -1.978  -24.466 5.876   1.00 86.85  ? 34 A   A C5    1 
ATOM   452  C  C6    . A   A 1 26 ? -2.477  -25.306 6.882   1.00 87.14  ? 34 A   A C6    1 
ATOM   453  N  N6    . A   A 1 26 ? -1.709  -26.071 7.652   1.00 87.43  ? 34 A   A N6    1 
ATOM   454  N  N1    . A   A 1 26 ? -3.816  -25.330 7.077   1.00 87.44  ? 34 A   A N1    1 
ATOM   455  C  C2    . A   A 1 26 ? -4.589  -24.549 6.312   1.00 87.15  ? 34 A   A C2    1 
ATOM   456  N  N3    . A   A 1 26 ? -4.239  -23.712 5.341   1.00 86.79  ? 34 A   A N3    1 
ATOM   457  C  C4    . A   A 1 26 ? -2.903  -23.718 5.171   1.00 86.82  ? 34 A   A C4    1 
ATOM   458  P  P     . A   A 1 27 ? -3.496  -18.018 6.160   1.00 80.13  ? 35 A   A P     1 
ATOM   459  O  OP1   . A   A 1 27 ? -4.528  -16.948 6.137   1.00 80.31  ? 35 A   A OP1   1 
ATOM   460  O  OP2   . A   A 1 27 ? -2.079  -17.674 6.453   1.00 79.51  ? 35 A   A OP2   1 
ATOM   461  O  "O5'" . A   A 1 27 ? -3.949  -19.137 7.205   1.00 78.51  ? 35 A   A "O5'" 1 
ATOM   462  C  "C5'" . A   A 1 27 ? -5.255  -19.732 7.180   1.00 74.90  ? 35 A   A "C5'" 1 
ATOM   463  C  "C4'" . A   A 1 27 ? -5.320  -20.864 8.192   1.00 72.06  ? 35 A   A "C4'" 1 
ATOM   464  O  "O4'" . A   A 1 27 ? -4.442  -21.949 7.766   1.00 71.21  ? 35 A   A "O4'" 1 
ATOM   465  C  "C3'" . A   A 1 27 ? -4.801  -20.470 9.569   1.00 70.19  ? 35 A   A "C3'" 1 
ATOM   466  O  "O3'" . A   A 1 27 ? -5.815  -19.894 10.376  1.00 67.77  ? 35 A   A "O3'" 1 
ATOM   467  C  "C2'" . A   A 1 27 ? -4.244  -21.776 10.113  1.00 69.57  ? 35 A   A "C2'" 1 
ATOM   468  O  "O2'" . A   A 1 27 ? -5.240  -22.632 10.627  1.00 69.28  ? 35 A   A "O2'" 1 
ATOM   469  C  "C1'" . A   A 1 27 ? -3.619  -22.368 8.849   1.00 69.67  ? 35 A   A "C1'" 1 
ATOM   470  N  N9    . A   A 1 27 ? -2.271  -21.846 8.609   1.00 68.34  ? 35 A   A N9    1 
ATOM   471  C  C8    . A   A 1 27 ? -1.925  -20.818 7.762   1.00 67.85  ? 35 A   A C8    1 
ATOM   472  N  N7    . A   A 1 27 ? -0.654  -20.517 7.780   1.00 66.48  ? 35 A   A N7    1 
ATOM   473  C  C5    . A   A 1 27 ? -0.119  -21.414 8.689   1.00 66.14  ? 35 A   A C5    1 
ATOM   474  C  C6    . A   A 1 27 ? 1.174   -21.600 9.148   1.00 65.71  ? 35 A   A C6    1 
ATOM   475  N  N6    . A   A 1 27 ? 2.200   -20.856 8.743   1.00 65.75  ? 35 A   A N6    1 
ATOM   476  N  N1    . A   A 1 27 ? 1.386   -22.584 10.048  1.00 65.83  ? 35 A   A N1    1 
ATOM   477  C  C2    . A   A 1 27 ? 0.344   -23.322 10.448  1.00 65.72  ? 35 A   A C2    1 
ATOM   478  N  N3    . A   A 1 27 ? -0.929  -23.237 10.089  1.00 65.82  ? 35 A   A N3    1 
ATOM   479  C  C4    . A   A 1 27 ? -1.098  -22.249 9.196   1.00 66.82  ? 35 A   A C4    1 
ATOM   480  P  P     . G   A 1 28 ? -5.560  -18.454 11.036  1.00 66.29  ? 36 G   A P     1 
ATOM   481  O  OP1   . G   A 1 28 ? -6.571  -18.195 12.099  1.00 65.85  ? 36 G   A OP1   1 
ATOM   482  O  OP2   . G   A 1 28 ? -5.392  -17.486 9.920   1.00 66.32  ? 36 G   A OP2   1 
ATOM   483  O  "O5'" . G   A 1 28 ? -4.147  -18.619 11.737  1.00 62.40  ? 36 G   A "O5'" 1 
ATOM   484  C  "C5'" . G   A 1 28 ? -4.035  -19.290 12.976  1.00 57.08  ? 36 G   A "C5'" 1 
ATOM   485  C  "C4'" . G   A 1 28 ? -2.671  -19.060 13.531  1.00 52.92  ? 36 G   A "C4'" 1 
ATOM   486  O  "O4'" . G   A 1 28 ? -1.714  -19.748 12.694  1.00 52.41  ? 36 G   A "O4'" 1 
ATOM   487  C  "C3'" . G   A 1 28 ? -2.244  -17.614 13.431  1.00 50.38  ? 36 G   A "C3'" 1 
ATOM   488  O  "O3'" . G   A 1 28 ? -2.718  -16.859 14.516  1.00 46.71  ? 36 G   A "O3'" 1 
ATOM   489  C  "C2'" . G   A 1 28 ? -0.738  -17.726 13.455  1.00 51.04  ? 36 G   A "C2'" 1 
ATOM   490  O  "O2'" . G   A 1 28 ? -0.229  -17.849 14.768  1.00 50.78  ? 36 G   A "O2'" 1 
ATOM   491  C  "C1'" . G   A 1 28 ? -0.534  -18.976 12.594  1.00 52.12  ? 36 G   A "C1'" 1 
ATOM   492  N  N9    . G   A 1 28 ? -0.393  -18.559 11.209  1.00 52.90  ? 36 G   A N9    1 
ATOM   493  C  C8    . G   A 1 28 ? -1.394  -18.378 10.287  1.00 53.97  ? 36 G   A C8    1 
ATOM   494  N  N7    . G   A 1 28 ? -0.968  -17.842 9.172   1.00 55.23  ? 36 G   A N7    1 
ATOM   495  C  C5    . G   A 1 28 ? 0.400   -17.697 9.365   1.00 53.85  ? 36 G   A C5    1 
ATOM   496  C  C6    . G   A 1 28 ? 1.393   -17.151 8.520   1.00 53.23  ? 36 G   A C6    1 
ATOM   497  O  O6    . G   A 1 28 ? 1.262   -16.656 7.396   1.00 52.83  ? 36 G   A O6    1 
ATOM   498  N  N1    . G   A 1 28 ? 2.647   -17.204 9.113   1.00 53.36  ? 36 G   A N1    1 
ATOM   499  C  C2    . G   A 1 28 ? 2.911   -17.711 10.360  1.00 53.66  ? 36 G   A C2    1 
ATOM   500  N  N2    . G   A 1 28 ? 4.183   -17.672 10.765  1.00 54.62  ? 36 G   A N2    1 
ATOM   501  N  N3    . G   A 1 28 ? 1.996   -18.215 11.158  1.00 53.55  ? 36 G   A N3    1 
ATOM   502  C  C4    . G   A 1 28 ? 0.770   -18.174 10.602  1.00 53.43  ? 36 G   A C4    1 
ATOM   503  P  P     . G   A 1 29 ? -2.791  -15.271 14.384  1.00 43.97  ? 37 G   A P     1 
ATOM   504  O  OP1   . G   A 1 29 ? -3.676  -14.756 15.465  1.00 43.46  ? 37 G   A OP1   1 
ATOM   505  O  OP2   . G   A 1 29 ? -3.107  -14.964 12.962  1.00 44.44  ? 37 G   A OP2   1 
ATOM   506  O  "O5'" . G   A 1 29 ? -1.293  -14.831 14.665  1.00 40.33  ? 37 G   A "O5'" 1 
ATOM   507  C  "C5'" . G   A 1 29 ? -0.652  -15.245 15.847  1.00 36.20  ? 37 G   A "C5'" 1 
ATOM   508  C  "C4'" . G   A 1 29 ? 0.790   -14.880 15.784  1.00 33.79  ? 37 G   A "C4'" 1 
ATOM   509  O  "O4'" . G   A 1 29 ? 1.400   -15.632 14.714  1.00 32.80  ? 37 G   A "O4'" 1 
ATOM   510  C  "C3'" . G   A 1 29 ? 1.071   -13.433 15.419  1.00 32.71  ? 37 G   A "C3'" 1 
ATOM   511  O  "O3'" . G   A 1 29 ? 1.004   -12.581 16.561  1.00 30.63  ? 37 G   A "O3'" 1 
ATOM   512  C  "C2'" . G   A 1 29 ? 2.490   -13.512 14.866  1.00 33.23  ? 37 G   A "C2'" 1 
ATOM   513  O  "O2'" . G   A 1 29 ? 3.500   -13.438 15.863  1.00 33.75  ? 37 G   A "O2'" 1 
ATOM   514  C  "C1'" . G   A 1 29 ? 2.485   -14.888 14.186  1.00 33.42  ? 37 G   A "C1'" 1 
ATOM   515  N  N9    . G   A 1 29 ? 2.332   -14.822 12.741  1.00 32.96  ? 37 G   A N9    1 
ATOM   516  C  C8    . G   A 1 29 ? 1.451   -15.539 11.977  1.00 34.24  ? 37 G   A C8    1 
ATOM   517  N  N7    . G   A 1 29 ? 1.530   -15.263 10.703  1.00 34.14  ? 37 G   A N7    1 
ATOM   518  C  C5    . G   A 1 29 ? 2.524   -14.303 10.626  1.00 33.75  ? 37 G   A C5    1 
ATOM   519  C  C6    . G   A 1 29 ? 3.044   -13.612 9.504   1.00 33.48  ? 37 G   A C6    1 
ATOM   520  O  O6    . G   A 1 29 ? 2.719   -13.719 8.311   1.00 31.66  ? 37 G   A O6    1 
ATOM   521  N  N1    . G   A 1 29 ? 4.040   -12.717 9.881   1.00 33.16  ? 37 G   A N1    1 
ATOM   522  C  C2    . G   A 1 29 ? 4.476   -12.516 11.173  1.00 33.50  ? 37 G   A C2    1 
ATOM   523  N  N2    . G   A 1 29 ? 5.440   -11.609 11.340  1.00 34.02  ? 37 G   A N2    1 
ATOM   524  N  N3    . G   A 1 29 ? 3.999   -13.159 12.223  1.00 32.60  ? 37 G   A N3    1 
ATOM   525  C  C4    . G   A 1 29 ? 3.034   -14.027 11.880  1.00 33.03  ? 37 G   A C4    1 
ATOM   526  P  P     . C   A 1 30 ? 0.424   -11.093 16.407  1.00 29.27  ? 38 C   A P     1 
ATOM   527  O  OP1   . C   A 1 30 ? 0.154   -10.532 17.757  1.00 28.09  ? 38 C   A OP1   1 
ATOM   528  O  OP2   . C   A 1 30 ? -0.681  -11.221 15.441  1.00 30.29  ? 38 C   A OP2   1 
ATOM   529  O  "O5'" . C   A 1 30 ? 1.577   -10.266 15.671  1.00 29.11  ? 38 C   A "O5'" 1 
ATOM   530  C  "C5'" . C   A 1 30 ? 2.720   -9.808  16.385  1.00 30.91  ? 38 C   A "C5'" 1 
ATOM   531  C  "C4'" . C   A 1 30 ? 3.532   -8.823  15.551  1.00 32.51  ? 38 C   A "C4'" 1 
ATOM   532  O  "O4'" . C   A 1 30 ? 4.136   -9.499  14.413  1.00 32.47  ? 38 C   A "O4'" 1 
ATOM   533  C  "C3'" . C   A 1 30 ? 2.826   -7.608  14.953  1.00 32.82  ? 38 C   A "C3'" 1 
ATOM   534  O  "O3'" . C   A 1 30 ? 2.659   -6.558  15.916  1.00 34.78  ? 38 C   A "O3'" 1 
ATOM   535  C  "C2'" . C   A 1 30 ? 3.756   -7.231  13.791  1.00 31.61  ? 38 C   A "C2'" 1 
ATOM   536  O  "O2'" . C   A 1 30 ? 4.895   -6.447  14.120  1.00 29.20  ? 38 C   A "O2'" 1 
ATOM   537  C  "C1'" . C   A 1 30 ? 4.203   -8.612  13.306  1.00 31.02  ? 38 C   A "C1'" 1 
ATOM   538  N  N1    . C   A 1 30 ? 3.332   -9.153  12.259  1.00 29.87  ? 38 C   A N1    1 
ATOM   539  C  C2    . C   A 1 30 ? 3.629   -8.865  10.931  1.00 28.91  ? 38 C   A C2    1 
ATOM   540  O  O2    . C   A 1 30 ? 4.612   -8.136  10.677  1.00 28.57  ? 38 C   A O2    1 
ATOM   541  N  N3    . C   A 1 30 ? 2.844   -9.381  9.957   1.00 27.56  ? 38 C   A N3    1 
ATOM   542  C  C4    . C   A 1 30 ? 1.798   -10.150 10.273  1.00 27.18  ? 38 C   A C4    1 
ATOM   543  N  N4    . C   A 1 30 ? 1.058   -10.638 9.275   1.00 27.09  ? 38 C   A N4    1 
ATOM   544  C  C5    . C   A 1 30 ? 1.464   -10.450 11.624  1.00 26.94  ? 38 C   A C5    1 
ATOM   545  C  C6    . C   A 1 30 ? 2.249   -9.933  12.577  1.00 28.61  ? 38 C   A C6    1 
ATOM   546  P  P     . U   A 1 31 ? 1.569   -5.402  15.652  1.00 36.25  ? 39 U   A P     1 
ATOM   547  O  OP1   . U   A 1 31 ? 1.393   -4.545  16.851  1.00 35.93  ? 39 U   A OP1   1 
ATOM   548  O  OP2   . U   A 1 31 ? 0.386   -6.057  15.040  1.00 36.34  ? 39 U   A OP2   1 
ATOM   549  O  "O5'" . U   A 1 31 ? 2.267   -4.510  14.537  1.00 38.89  ? 39 U   A "O5'" 1 
ATOM   550  C  "C5'" . U   A 1 31 ? 3.497   -3.838  14.804  1.00 41.53  ? 39 U   A "C5'" 1 
ATOM   551  C  "C4'" . U   A 1 31 ? 4.018   -3.191  13.545  1.00 42.93  ? 39 U   A "C4'" 1 
ATOM   552  O  "O4'" . U   A 1 31 ? 4.488   -4.212  12.626  1.00 42.77  ? 39 U   A "O4'" 1 
ATOM   553  C  "C3'" . U   A 1 31 ? 2.979   -2.433  12.736  1.00 44.21  ? 39 U   A "C3'" 1 
ATOM   554  O  "O3'" . U   A 1 31 ? 2.760   -1.122  13.244  1.00 47.20  ? 39 U   A "O3'" 1 
ATOM   555  C  "C2'" . U   A 1 31 ? 3.629   -2.397  11.365  1.00 43.53  ? 39 U   A "C2'" 1 
ATOM   556  O  "O2'" . U   A 1 31 ? 4.660   -1.432  11.319  1.00 43.73  ? 39 U   A "O2'" 1 
ATOM   557  C  "C1'" . U   A 1 31 ? 4.235   -3.799  11.289  1.00 42.57  ? 39 U   A "C1'" 1 
ATOM   558  N  N1    . U   A 1 31 ? 3.337   -4.785  10.669  1.00 41.38  ? 39 U   A N1    1 
ATOM   559  C  C2    . U   A 1 31 ? 3.529   -5.105  9.333   1.00 40.38  ? 39 U   A C2    1 
ATOM   560  O  O2    . U   A 1 31 ? 4.381   -4.585  8.640   1.00 41.50  ? 39 U   A O2    1 
ATOM   561  N  N3    . U   A 1 31 ? 2.681   -6.057  8.839   1.00 38.59  ? 39 U   A N3    1 
ATOM   562  C  C4    . U   A 1 31 ? 1.676   -6.697  9.519   1.00 38.58  ? 39 U   A C4    1 
ATOM   563  O  O4    . U   A 1 31 ? 1.003   -7.544  8.941   1.00 38.39  ? 39 U   A O4    1 
ATOM   564  C  C5    . U   A 1 31 ? 1.528   -6.299  10.881  1.00 39.76  ? 39 U   A C5    1 
ATOM   565  C  C6    . U   A 1 31 ? 2.343   -5.381  11.396  1.00 40.63  ? 39 U   A C6    1 
ATOM   566  P  P     . G   A 1 32 ? 1.299   -0.451  13.112  1.00 49.34  ? 40 G   A P     1 
ATOM   567  O  OP1   . G   A 1 32 ? 1.451   1.012   13.397  1.00 48.10  ? 40 G   A OP1   1 
ATOM   568  O  OP2   . G   A 1 32 ? 0.332   -1.271  13.911  1.00 49.24  ? 40 G   A OP2   1 
ATOM   569  O  "O5'" . G   A 1 32 ? 0.922   -0.658  11.572  1.00 48.22  ? 40 G   A "O5'" 1 
ATOM   570  C  "C5'" . G   A 1 32 ? 1.464   0.190   10.561  1.00 46.40  ? 40 G   A "C5'" 1 
ATOM   571  C  "C4'" . G   A 1 32 ? 0.753   -0.043  9.257   1.00 45.08  ? 40 G   A "C4'" 1 
ATOM   572  O  "O4'" . G   A 1 32 ? 1.047   -1.387  8.796   1.00 45.07  ? 40 G   A "O4'" 1 
ATOM   573  C  "C3'" . G   A 1 32 ? -0.766  -0.009  9.318   1.00 44.87  ? 40 G   A "C3'" 1 
ATOM   574  O  "O3'" . G   A 1 32 ? -1.272  1.337   9.285   1.00 43.95  ? 40 G   A "O3'" 1 
ATOM   575  C  "C2'" . G   A 1 32 ? -1.135  -0.804  8.069   1.00 45.24  ? 40 G   A "C2'" 1 
ATOM   576  O  "O2'" . G   A 1 32 ? -1.000  -0.040  6.889   1.00 45.47  ? 40 G   A "O2'" 1 
ATOM   577  C  "C1'" . G   A 1 32 ? -0.061  -1.893  8.066   1.00 45.66  ? 40 G   A "C1'" 1 
ATOM   578  N  N9    . G   A 1 32 ? -0.491  -3.166  8.655   1.00 46.97  ? 40 G   A N9    1 
ATOM   579  C  C8    . G   A 1 32 ? -0.482  -3.515  9.988   1.00 47.98  ? 40 G   A C8    1 
ATOM   580  N  N7    . G   A 1 32 ? -0.935  -4.727  10.205  1.00 47.87  ? 40 G   A N7    1 
ATOM   581  C  C5    . G   A 1 32 ? -1.262  -5.208  8.943   1.00 47.35  ? 40 G   A C5    1 
ATOM   582  C  C6    . G   A 1 32 ? -1.805  -6.474  8.538   1.00 47.82  ? 40 G   A C6    1 
ATOM   583  O  O6    . G   A 1 32 ? -2.114  -7.452  9.237   1.00 48.26  ? 40 G   A O6    1 
ATOM   584  N  N1    . G   A 1 32 ? -1.976  -6.537  7.163   1.00 47.59  ? 40 G   A N1    1 
ATOM   585  C  C2    . G   A 1 32 ? -1.668  -5.531  6.284   1.00 47.45  ? 40 G   A C2    1 
ATOM   586  N  N2    . G   A 1 32 ? -1.890  -5.805  4.995   1.00 47.77  ? 40 G   A N2    1 
ATOM   587  N  N3    . G   A 1 32 ? -1.174  -4.352  6.639   1.00 46.91  ? 40 G   A N3    1 
ATOM   588  C  C4    . G   A 1 32 ? -0.995  -4.260  7.972   1.00 46.81  ? 40 G   A C4    1 
ATOM   589  P  P     . A   A 1 33 ? -2.705  1.690   9.963   1.00 41.81  ? 41 A   A P     1 
ATOM   590  O  OP1   . A   A 1 33 ? -2.670  3.098   10.442  1.00 40.82  ? 41 A   A OP1   1 
ATOM   591  O  OP2   . A   A 1 33 ? -3.044  0.598   10.906  1.00 41.64  ? 41 A   A OP2   1 
ATOM   592  O  "O5'" . A   A 1 33 ? -3.748  1.582   8.767   1.00 40.07  ? 41 A   A "O5'" 1 
ATOM   593  C  "C5'" . A   A 1 33 ? -5.103  1.236   9.015   1.00 38.22  ? 41 A   A "C5'" 1 
ATOM   594  C  "C4'" . A   A 1 33 ? -5.753  0.721   7.749   1.00 36.99  ? 41 A   A "C4'" 1 
ATOM   595  O  "O4'" . A   A 1 33 ? -5.478  1.661   6.688   1.00 36.16  ? 41 A   A "O4'" 1 
ATOM   596  C  "C3'" . A   A 1 33 ? -5.257  -0.604  7.193   1.00 36.50  ? 41 A   A "C3'" 1 
ATOM   597  O  "O3'" . A   A 1 33 ? -5.964  -1.678  7.812   1.00 37.51  ? 41 A   A "O3'" 1 
ATOM   598  C  "C2'" . A   A 1 33 ? -5.657  -0.510  5.724   1.00 35.23  ? 41 A   A "C2'" 1 
ATOM   599  O  "O2'" . A   A 1 33 ? -7.003  -0.901  5.521   1.00 34.02  ? 41 A   A "O2'" 1 
ATOM   600  C  "C1'" . A   A 1 33 ? -5.501  0.989   5.450   1.00 35.17  ? 41 A   A "C1'" 1 
ATOM   601  N  N9    . A   A 1 33 ? -4.312  1.385   4.703   1.00 34.85  ? 41 A   A N9    1 
ATOM   602  C  C8    . A   A 1 33 ? -3.262  2.163   5.129   1.00 34.91  ? 41 A   A C8    1 
ATOM   603  N  N7    . A   A 1 33 ? -2.337  2.348   4.215   1.00 35.07  ? 41 A   A N7    1 
ATOM   604  C  C5    . A   A 1 33 ? -2.809  1.639   3.117   1.00 34.32  ? 41 A   A C5    1 
ATOM   605  C  C6    . A   A 1 33 ? -2.288  1.425   1.827   1.00 33.25  ? 41 A   A C6    1 
ATOM   606  N  N6    . A   A 1 33 ? -1.120  1.908   1.402   1.00 33.26  ? 41 A   A N6    1 
ATOM   607  N  N1    . A   A 1 33 ? -3.017  0.678   0.977   1.00 32.79  ? 41 A   A N1    1 
ATOM   608  C  C2    . A   A 1 33 ? -4.183  0.180   1.397   1.00 33.00  ? 41 A   A C2    1 
ATOM   609  N  N3    . A   A 1 33 ? -4.773  0.301   2.579   1.00 32.75  ? 41 A   A N3    1 
ATOM   610  C  C4    . A   A 1 33 ? -4.027  1.049   3.403   1.00 34.23  ? 41 A   A C4    1 
ATOM   611  P  P     . G   A 1 34 ? -5.172  -2.995  8.289   1.00 37.95  ? 42 G   A P     1 
ATOM   612  O  OP1   . G   A 1 34 ? -6.116  -3.872  9.022   1.00 37.27  ? 42 G   A OP1   1 
ATOM   613  O  OP2   . G   A 1 34 ? -3.945  -2.514  8.971   1.00 37.80  ? 42 G   A OP2   1 
ATOM   614  O  "O5'" . G   A 1 34 ? -4.827  -3.736  6.920   1.00 38.29  ? 42 G   A "O5'" 1 
ATOM   615  C  "C5'" . G   A 1 34 ? -5.879  -4.322  6.152   1.00 39.47  ? 42 G   A "C5'" 1 
ATOM   616  C  "C4'" . G   A 1 34 ? -5.550  -4.308  4.678   1.00 39.71  ? 42 G   A "C4'" 1 
ATOM   617  O  "O4'" . G   A 1 34 ? -5.072  -2.995  4.317   1.00 39.65  ? 42 G   A "O4'" 1 
ATOM   618  C  "C3'" . G   A 1 34 ? -4.441  -5.231  4.214   1.00 40.07  ? 42 G   A "C3'" 1 
ATOM   619  O  "O3'" . G   A 1 34 ? -4.960  -6.529  3.968   1.00 41.48  ? 42 G   A "O3'" 1 
ATOM   620  C  "C2'" . G   A 1 34 ? -4.037  -4.586  2.900   1.00 39.68  ? 42 G   A "C2'" 1 
ATOM   621  O  "O2'" . G   A 1 34 ? -4.969  -4.881  1.879   1.00 38.74  ? 42 G   A "O2'" 1 
ATOM   622  C  "C1'" . G   A 1 34 ? -4.155  -3.108  3.250   1.00 40.19  ? 42 G   A "C1'" 1 
ATOM   623  N  N9    . G   A 1 34 ? -2.917  -2.444  3.641   1.00 42.29  ? 42 G   A N9    1 
ATOM   624  C  C8    . G   A 1 34 ? -2.502  -2.135  4.914   1.00 43.00  ? 42 G   A C8    1 
ATOM   625  N  N7    . G   A 1 34 ? -1.407  -1.424  4.934   1.00 42.89  ? 42 G   A N7    1 
ATOM   626  C  C5    . G   A 1 34 ? -1.067  -1.281  3.598   1.00 43.18  ? 42 G   A C5    1 
ATOM   627  C  C6    . G   A 1 34 ? 0.004   -0.596  2.998   1.00 43.84  ? 42 G   A C6    1 
ATOM   628  O  O6    . G   A 1 34 ? 0.902   0.055   3.540   1.00 44.78  ? 42 G   A O6    1 
ATOM   629  N  N1    . G   A 1 34 ? -0.027  -0.710  1.616   1.00 45.33  ? 42 G   A N1    1 
ATOM   630  C  C2    . G   A 1 34 ? -0.972  -1.401  0.900   1.00 45.99  ? 42 G   A C2    1 
ATOM   631  N  N2    . G   A 1 34 ? -0.833  -1.399  -0.437  1.00 47.32  ? 42 G   A N2    1 
ATOM   632  N  N3    . G   A 1 34 ? -1.982  -2.041  1.449   1.00 45.21  ? 42 G   A N3    1 
ATOM   633  C  C4    . G   A 1 34 ? -1.971  -1.935  2.791   1.00 43.42  ? 42 G   A C4    1 
ATOM   634  P  P     . A   A 1 35 ? -4.334  -7.799  4.729   1.00 42.12  ? 43 A   A P     1 
ATOM   635  O  OP1   . A   A 1 35 ? -5.156  -8.972  4.336   1.00 42.40  ? 43 A   A OP1   1 
ATOM   636  O  OP2   . A   A 1 35 ? -4.177  -7.467  6.178   1.00 41.87  ? 43 A   A OP2   1 
ATOM   637  O  "O5'" . A   A 1 35 ? -2.874  -7.953  4.100   1.00 41.61  ? 43 A   A "O5'" 1 
ATOM   638  C  "C5'" . A   A 1 35 ? -2.679  -8.306  2.730   1.00 40.87  ? 43 A   A "C5'" 1 
ATOM   639  C  "C4'" . A   A 1 35 ? -1.238  -8.702  2.505   1.00 40.95  ? 43 A   A "C4'" 1 
ATOM   640  O  "O4'" . A   A 1 35 ? -0.387  -7.733  3.129   1.00 40.46  ? 43 A   A "O4'" 1 
ATOM   641  C  "C3'" . A   A 1 35 ? -0.786  -10.021 3.114   1.00 41.10  ? 43 A   A "C3'" 1 
ATOM   642  O  "O3'" . A   A 1 35 ? -0.806  -10.958 2.058   1.00 43.88  ? 43 A   A "O3'" 1 
ATOM   643  C  "C2'" . A   A 1 35 ? 0.690   -9.825  3.458   1.00 39.58  ? 43 A   A "C2'" 1 
ATOM   644  O  "O2'" . A   A 1 35 ? 1.506   -10.492 2.529   1.00 38.77  ? 43 A   A "O2'" 1 
ATOM   645  C  "C1'" . A   A 1 35 ? 0.870   -8.318  3.300   1.00 39.97  ? 43 A   A "C1'" 1 
ATOM   646  N  N9    . A   A 1 35 ? 1.597   -7.582  4.314   1.00 39.83  ? 43 A   A N9    1 
ATOM   647  C  C8    . A   A 1 35 ? 1.390   -7.503  5.657   1.00 41.17  ? 43 A   A C8    1 
ATOM   648  N  N7    . A   A 1 35 ? 2.228   -6.697  6.273   1.00 42.39  ? 43 A   A N7    1 
ATOM   649  C  C5    . A   A 1 35 ? 3.046   -6.224  5.256   1.00 40.15  ? 43 A   A C5    1 
ATOM   650  C  C6    . A   A 1 35 ? 4.127   -5.337  5.249   1.00 39.21  ? 43 A   A C6    1 
ATOM   651  N  N6    . A   A 1 35 ? 4.596   -4.727  6.338   1.00 36.88  ? 43 A   A N6    1 
ATOM   652  N  N1    . A   A 1 35 ? 4.721   -5.087  4.059   1.00 39.97  ? 43 A   A N1    1 
ATOM   653  C  C2    . A   A 1 35 ? 4.251   -5.690  2.962   1.00 38.94  ? 43 A   A C2    1 
ATOM   654  N  N3    . A   A 1 35 ? 3.240   -6.539  2.846   1.00 39.90  ? 43 A   A N3    1 
ATOM   655  C  C4    . A   A 1 35 ? 2.671   -6.768  4.046   1.00 40.30  ? 43 A   A C4    1 
ATOM   656  P  P     . A   A 1 36 ? -1.501  -12.377 2.261   1.00 47.37  ? 44 A   A P     1 
ATOM   657  O  OP1   . A   A 1 36 ? -1.454  -12.714 3.709   1.00 47.68  ? 44 A   A OP1   1 
ATOM   658  O  OP2   . A   A 1 36 ? -0.882  -13.302 1.269   1.00 47.48  ? 44 A   A OP2   1 
ATOM   659  O  "O5'" . A   A 1 36 ? -3.008  -12.111 1.828   1.00 47.59  ? 44 A   A "O5'" 1 
ATOM   660  C  "C5'" . A   A 1 36 ? -3.286  -11.557 0.560   1.00 49.96  ? 44 A   A "C5'" 1 
ATOM   661  C  "C4'" . A   A 1 36 ? -4.680  -11.914 0.133   1.00 52.17  ? 44 A   A "C4'" 1 
ATOM   662  O  "O4'" . A   A 1 36 ? -4.911  -11.331 -1.175  1.00 54.10  ? 44 A   A "O4'" 1 
ATOM   663  C  "C3'" . A   A 1 36 ? -4.967  -13.394 -0.032  1.00 52.62  ? 44 A   A "C3'" 1 
ATOM   664  O  "O3'" . A   A 1 36 ? -6.023  -13.930 0.754   1.00 51.84  ? 44 A   A "O3'" 1 
ATOM   665  C  "C2'" . A   A 1 36 ? -4.831  -13.719 -1.516  1.00 53.87  ? 44 A   A "C2'" 1 
ATOM   666  O  "O2'" . A   A 1 36 ? -5.957  -14.450 -1.954  1.00 54.36  ? 44 A   A "O2'" 1 
ATOM   667  C  "C1'" . A   A 1 36 ? -4.918  -12.337 -2.178  1.00 54.35  ? 44 A   A "C1'" 1 
ATOM   668  N  N9    . A   A 1 36 ? -3.832  -12.021 -3.114  1.00 54.70  ? 44 A   A N9    1 
ATOM   669  C  C8    . A   A 1 36 ? -3.925  -11.465 -4.369  1.00 54.04  ? 44 A   A C8    1 
ATOM   670  N  N7    . A   A 1 36 ? -2.764  -11.215 -4.922  1.00 54.28  ? 44 A   A N7    1 
ATOM   671  C  C5    . A   A 1 36 ? -1.843  -11.658 -3.978  1.00 54.93  ? 44 A   A C5    1 
ATOM   672  C  C6    . A   A 1 36 ? -0.433  -11.670 -3.953  1.00 55.34  ? 44 A   A C6    1 
ATOM   673  N  N6    . A   A 1 36 ? 0.335   -11.201 -4.943  1.00 56.23  ? 44 A   A N6    1 
ATOM   674  N  N1    . A   A 1 36 ? 0.172   -12.186 -2.862  1.00 55.29  ? 44 A   A N1    1 
ATOM   675  C  C2    . A   A 1 36 ? -0.590  -12.656 -1.871  1.00 54.75  ? 44 A   A C2    1 
ATOM   676  N  N3    . A   A 1 36 ? -1.913  -12.699 -1.775  1.00 54.28  ? 44 A   A N3    1 
ATOM   677  C  C4    . A   A 1 36 ? -2.488  -12.176 -2.872  1.00 54.48  ? 44 A   A C4    1 
ATOM   678  P  P     . A   A 1 37 ? -7.550  -13.780 0.254   1.00 51.47  ? 45 A   A P     1 
ATOM   679  O  OP1   . A   A 1 37 ? -8.101  -15.138 0.029   1.00 51.61  ? 45 A   A OP1   1 
ATOM   680  O  OP2   . A   A 1 37 ? -7.598  -12.788 -0.850  1.00 50.81  ? 45 A   A OP2   1 
ATOM   681  O  "O5'" . A   A 1 37 ? -8.276  -13.139 1.522   1.00 51.01  ? 45 A   A "O5'" 1 
ATOM   682  C  "C5'" . A   A 1 37 ? -9.026  -11.927 1.413   1.00 50.14  ? 45 A   A "C5'" 1 
ATOM   683  C  "C4'" . A   A 1 37 ? -8.157  -10.730 1.744   1.00 48.92  ? 45 A   A "C4'" 1 
ATOM   684  O  "O4'" . A   A 1 37 ? -7.061  -10.695 0.809   1.00 48.22  ? 45 A   A "O4'" 1 
ATOM   685  C  "C3'" . A   A 1 37 ? -8.855  -9.385  1.609   1.00 48.78  ? 45 A   A "C3'" 1 
ATOM   686  O  "O3'" . A   A 1 37 ? -9.364  -8.977  2.875   1.00 50.06  ? 45 A   A "O3'" 1 
ATOM   687  C  "C2'" . A   A 1 37 ? -7.727  -8.446  1.189   1.00 47.94  ? 45 A   A "C2'" 1 
ATOM   688  O  "O2'" . A   A 1 37 ? -6.959  -7.960  2.264   1.00 47.96  ? 45 A   A "O2'" 1 
ATOM   689  C  "C1'" . A   A 1 37 ? -6.831  -9.374  0.382   1.00 47.37  ? 45 A   A "C1'" 1 
ATOM   690  N  N9    . A   A 1 37 ? -7.019  -9.337  -1.062  1.00 46.57  ? 45 A   A N9    1 
ATOM   691  C  C8    . A   A 1 37 ? -8.077  -9.769  -1.825  1.00 46.34  ? 45 A   A C8    1 
ATOM   692  N  N7    . A   A 1 37 ? -7.879  -9.645  -3.115  1.00 46.15  ? 45 A   A N7    1 
ATOM   693  C  C5    . A   A 1 37 ? -6.612  -9.078  -3.202  1.00 45.92  ? 45 A   A C5    1 
ATOM   694  C  C6    . A   A 1 37 ? -5.810  -8.695  -4.291  1.00 46.15  ? 45 A   A C6    1 
ATOM   695  N  N6    . A   A 1 37 ? -6.179  -8.817  -5.572  1.00 47.67  ? 45 A   A N6    1 
ATOM   696  N  N1    . A   A 1 37 ? -4.598  -8.169  -4.017  1.00 44.71  ? 45 A   A N1    1 
ATOM   697  C  C2    . A   A 1 37 ? -4.231  -8.035  -2.742  1.00 43.46  ? 45 A   A C2    1 
ATOM   698  N  N3    . A   A 1 37 ? -4.885  -8.347  -1.644  1.00 43.71  ? 45 A   A N3    1 
ATOM   699  C  C4    . A   A 1 37 ? -6.082  -8.872  -1.944  1.00 45.49  ? 45 A   A C4    1 
ATOM   700  P  P     . U   A 1 38 ? -10.355 -9.942  3.694   1.00 50.73  ? 46 U   A P     1 
ATOM   701  O  OP1   . U   A 1 38 ? -11.025 -9.130  4.743   1.00 50.77  ? 46 U   A OP1   1 
ATOM   702  O  OP2   . U   A 1 38 ? -9.575  -11.139 4.096   1.00 51.31  ? 46 U   A OP2   1 
ATOM   703  O  "O5'" . U   A 1 38 ? -11.426 -10.398 2.603   1.00 51.10  ? 46 U   A "O5'" 1 
ATOM   704  C  "C5'" . U   A 1 38 ? -12.152 -9.442  1.839   1.00 51.23  ? 46 U   A "C5'" 1 
ATOM   705  C  "C4'" . U   A 1 38 ? -13.452 -10.038 1.356   1.00 51.60  ? 46 U   A "C4'" 1 
ATOM   706  O  "O4'" . U   A 1 38 ? -14.206 -10.551 2.489   1.00 51.73  ? 46 U   A "O4'" 1 
ATOM   707  C  "C3'" . U   A 1 38 ? -14.402 -9.040  0.722   1.00 51.86  ? 46 U   A "C3'" 1 
ATOM   708  O  "O3'" . U   A 1 38 ? -14.084 -8.806  -0.642  1.00 51.50  ? 46 U   A "O3'" 1 
ATOM   709  C  "C2'" . U   A 1 38 ? -15.752 -9.727  0.884   1.00 52.11  ? 46 U   A "C2'" 1 
ATOM   710  O  "O2'" . U   A 1 38 ? -15.976 -10.708 -0.108  1.00 52.07  ? 46 U   A "O2'" 1 
ATOM   711  C  "C1'" . U   A 1 38 ? -15.596 -10.373 2.264   1.00 51.99  ? 46 U   A "C1'" 1 
ATOM   712  P  P     . A   A 1 39 ? -14.849 -7.635  -1.438  1.00 51.30  ? 47 A   A P     1 
ATOM   713  O  OP1   . A   A 1 39 ? -16.195 -8.152  -1.840  1.00 51.62  ? 47 A   A OP1   1 
ATOM   714  O  OP2   . A   A 1 39 ? -13.923 -7.061  -2.468  1.00 50.62  ? 47 A   A OP2   1 
ATOM   715  O  "O5'" . A   A 1 39 ? -15.078 -6.521  -0.327  1.00 47.31  ? 47 A   A "O5'" 1 
ATOM   716  C  "C5'" . A   A 1 39 ? -14.211 -5.414  -0.241  1.00 40.41  ? 47 A   A "C5'" 1 
ATOM   717  C  "C4'" . A   A 1 39 ? -13.050 -5.747  0.647   1.00 35.73  ? 47 A   A "C4'" 1 
ATOM   718  O  "O4'" . A   A 1 39 ? -12.178 -6.723  0.015   1.00 33.96  ? 47 A   A "O4'" 1 
ATOM   719  C  "C3'" . A   A 1 39 ? -12.152 -4.558  0.864   1.00 33.54  ? 47 A   A "C3'" 1 
ATOM   720  O  "O3'" . A   A 1 39 ? -12.787 -3.728  1.819   1.00 31.64  ? 47 A   A "O3'" 1 
ATOM   721  C  "C2'" . A   A 1 39 ? -10.842 -5.223  1.281   1.00 32.70  ? 47 A   A "C2'" 1 
ATOM   722  O  "O2'" . A   A 1 39 ? -10.797 -5.687  2.617   1.00 32.20  ? 47 A   A "O2'" 1 
ATOM   723  C  "C1'" . A   A 1 39 ? -10.821 -6.428  0.336   1.00 32.41  ? 47 A   A "C1'" 1 
ATOM   724  N  N9    . A   A 1 39 ? -10.101 -6.154  -0.911  1.00 30.47  ? 47 A   A N9    1 
ATOM   725  C  C8    . A   A 1 39 ? -10.548 -6.330  -2.201  1.00 29.02  ? 47 A   A C8    1 
ATOM   726  N  N7    . A   A 1 39 ? -9.684  -5.962  -3.115  1.00 26.43  ? 47 A   A N7    1 
ATOM   727  C  C5    . A   A 1 39 ? -8.593  -5.522  -2.382  1.00 27.06  ? 47 A   A C5    1 
ATOM   728  C  C6    . A   A 1 39 ? -7.354  -5.007  -2.769  1.00 27.35  ? 47 A   A C6    1 
ATOM   729  N  N6    . A   A 1 39 ? -7.003  -4.836  -4.044  1.00 27.31  ? 47 A   A N6    1 
ATOM   730  N  N1    . A   A 1 39 ? -6.476  -4.669  -1.794  1.00 27.56  ? 47 A   A N1    1 
ATOM   731  C  C2    . A   A 1 39 ? -6.842  -4.846  -0.517  1.00 27.48  ? 47 A   A C2    1 
ATOM   732  N  N3    . A   A 1 39 ? -7.986  -5.320  -0.027  1.00 27.42  ? 47 A   A N3    1 
ATOM   733  C  C4    . A   A 1 39 ? -8.830  -5.643  -1.024  1.00 28.33  ? 47 A   A C4    1 
ATOM   734  P  P     . C   A 1 40 ? -13.253 -2.254  1.394   1.00 29.65  ? 48 C   A P     1 
ATOM   735  O  OP1   . C   A 1 40 ? -14.391 -1.802  2.245   1.00 29.40  ? 48 C   A OP1   1 
ATOM   736  O  OP2   . C   A 1 40 ? -13.392 -2.259  -0.077  1.00 28.92  ? 48 C   A OP2   1 
ATOM   737  O  "O5'" . C   A 1 40 ? -11.975 -1.397  1.785   1.00 28.51  ? 48 C   A "O5'" 1 
ATOM   738  C  "C5'" . C   A 1 40 ? -11.250 -1.697  2.980   1.00 25.39  ? 48 C   A "C5'" 1 
ATOM   739  C  "C4'" . C   A 1 40 ? -9.776  -1.515  2.748   1.00 23.00  ? 48 C   A "C4'" 1 
ATOM   740  O  "O4'" . C   A 1 40 ? -9.314  -2.498  1.790   1.00 22.49  ? 48 C   A "O4'" 1 
ATOM   741  C  "C3'" . C   A 1 40 ? -9.420  -0.198  2.087   1.00 21.88  ? 48 C   A "C3'" 1 
ATOM   742  O  "O3'" . C   A 1 40 ? -9.379  0.832   3.058   1.00 20.69  ? 48 C   A "O3'" 1 
ATOM   743  C  "C2'" . C   A 1 40 ? -8.058  -0.511  1.485   1.00 20.98  ? 48 C   A "C2'" 1 
ATOM   744  O  "O2'" . C   A 1 40 ? -7.036  -0.519  2.454   1.00 20.50  ? 48 C   A "O2'" 1 
ATOM   745  C  "C1'" . C   A 1 40 ? -8.280  -1.939  0.999   1.00 21.31  ? 48 C   A "C1'" 1 
ATOM   746  N  N1    . C   A 1 40 ? -8.698  -2.003  -0.394  1.00 21.29  ? 48 C   A N1    1 
ATOM   747  C  C2    . C   A 1 40 ? -7.726  -1.944  -1.377  1.00 22.79  ? 48 C   A C2    1 
ATOM   748  O  O2    . C   A 1 40 ? -6.538  -1.818  -1.032  1.00 21.70  ? 48 C   A O2    1 
ATOM   749  N  N3    . C   A 1 40 ? -8.094  -2.028  -2.680  1.00 24.78  ? 48 C   A N3    1 
ATOM   750  C  C4    . C   A 1 40 ? -9.387  -2.164  -3.005  1.00 24.64  ? 48 C   A C4    1 
ATOM   751  N  N4    . C   A 1 40 ? -9.705  -2.261  -4.307  1.00 24.35  ? 48 C   A N4    1 
ATOM   752  C  C5    . C   A 1 40 ? -10.406 -2.212  -2.011  1.00 24.00  ? 48 C   A C5    1 
ATOM   753  C  C6    . C   A 1 40 ? -10.019 -2.128  -0.729  1.00 22.65  ? 48 C   A C6    1 
ATOM   754  P  P     . C   A 1 41 ? -9.982  2.276   2.711   1.00 19.24  ? 49 C   A P     1 
ATOM   755  O  OP1   . C   A 1 41 ? -9.945  3.060   3.972   1.00 19.91  ? 49 C   A OP1   1 
ATOM   756  O  OP2   . C   A 1 41 ? -11.274 2.090   2.004   1.00 19.49  ? 49 C   A OP2   1 
ATOM   757  O  "O5'" . C   A 1 41 ? -8.895  2.884   1.725   1.00 17.12  ? 49 C   A "O5'" 1 
ATOM   758  C  "C5'" . C   A 1 41 ? -7.578  3.106   2.199   1.00 14.91  ? 49 C   A "C5'" 1 
ATOM   759  C  "C4'" . C   A 1 41 ? -6.631  3.303   1.053   1.00 13.32  ? 49 C   A "C4'" 1 
ATOM   760  O  "O4'" . C   A 1 41 ? -6.627  2.125   0.226   1.00 13.19  ? 49 C   A "O4'" 1 
ATOM   761  C  "C3'" . C   A 1 41 ? -7.009  4.365   0.055   1.00 13.39  ? 49 C   A "C3'" 1 
ATOM   762  O  "O3'" . C   A 1 41 ? -6.660  5.647   0.527   1.00 13.93  ? 49 C   A "O3'" 1 
ATOM   763  C  "C2'" . C   A 1 41 ? -6.118  3.996   -1.107  1.00 12.68  ? 49 C   A "C2'" 1 
ATOM   764  O  "O2'" . C   A 1 41 ? -4.809  4.392   -0.817  1.00 13.88  ? 49 C   A "O2'" 1 
ATOM   765  C  "C1'" . C   A 1 41 ? -6.188  2.475   -1.068  1.00 13.21  ? 49 C   A "C1'" 1 
ATOM   766  N  N1    . C   A 1 41 ? -7.127  1.942   -2.055  1.00 15.08  ? 49 C   A N1    1 
ATOM   767  C  C2    . C   A 1 41 ? -6.727  1.894   -3.396  1.00 16.76  ? 49 C   A C2    1 
ATOM   768  O  O2    . C   A 1 41 ? -5.591  2.273   -3.693  1.00 17.74  ? 49 C   A O2    1 
ATOM   769  N  N3    . C   A 1 41 ? -7.586  1.440   -4.327  1.00 17.80  ? 49 C   A N3    1 
ATOM   770  C  C4    . C   A 1 41 ? -8.807  1.042   -3.964  1.00 18.76  ? 49 C   A C4    1 
ATOM   771  N  N4    . C   A 1 41 ? -9.628  0.614   -4.920  1.00 22.37  ? 49 C   A N4    1 
ATOM   772  C  C5    . C   A 1 41 ? -9.240  1.069   -2.605  1.00 17.03  ? 49 C   A C5    1 
ATOM   773  C  C6    . C   A 1 41 ? -8.372  1.517   -1.690  1.00 16.16  ? 49 C   A C6    1 
ATOM   774  P  P     . C   A 1 42 ? -7.519  6.915   0.059   1.00 15.21  ? 50 C   A P     1 
ATOM   775  O  OP1   . C   A 1 42 ? -7.085  8.047   0.904   1.00 16.24  ? 50 C   A OP1   1 
ATOM   776  O  OP2   . C   A 1 42 ? -8.968  6.550   0.014   1.00 14.08  ? 50 C   A OP2   1 
ATOM   777  O  "O5'" . C   A 1 42 ? -6.977  7.198   -1.406  1.00 13.83  ? 50 C   A "O5'" 1 
ATOM   778  C  "C5'" . C   A 1 42 ? -5.685  7.733   -1.576  1.00 15.14  ? 50 C   A "C5'" 1 
ATOM   779  C  "C4'" . C   A 1 42 ? -5.293  7.685   -3.022  1.00 17.12  ? 50 C   A "C4'" 1 
ATOM   780  O  "O4'" . C   A 1 42 ? -5.461  6.330   -3.501  1.00 17.60  ? 50 C   A "O4'" 1 
ATOM   781  C  "C3'" . C   A 1 42 ? -6.183  8.473   -3.952  1.00 18.43  ? 50 C   A "C3'" 1 
ATOM   782  O  "O3'" . C   A 1 42 ? -5.819  9.828   -3.990  1.00 20.40  ? 50 C   A "O3'" 1 
ATOM   783  C  "C2'" . C   A 1 42 ? -5.910  7.816   -5.294  1.00 17.76  ? 50 C   A "C2'" 1 
ATOM   784  O  "O2'" . C   A 1 42 ? -4.699  8.277   -5.875  1.00 17.26  ? 50 C   A "O2'" 1 
ATOM   785  C  "C1'" . C   A 1 42 ? -5.789  6.352   -4.878  1.00 16.60  ? 50 C   A "C1'" 1 
ATOM   786  N  N1    . C   A 1 42 ? -6.999  5.547   -5.074  1.00 13.99  ? 50 C   A N1    1 
ATOM   787  C  C2    . C   A 1 42 ? -7.087  4.773   -6.210  1.00 14.53  ? 50 C   A C2    1 
ATOM   788  O  O2    . C   A 1 42 ? -6.188  4.853   -7.042  1.00 17.92  ? 50 C   A O2    1 
ATOM   789  N  N3    . C   A 1 42 ? -8.136  3.955   -6.385  1.00 14.18  ? 50 C   A N3    1 
ATOM   790  C  C4    . C   A 1 42 ? -9.091  3.907   -5.469  1.00 14.40  ? 50 C   A C4    1 
ATOM   791  N  N4    . C   A 1 42 ? -10.099 3.057   -5.670  1.00 15.77  ? 50 C   A N4    1 
ATOM   792  C  C5    . C   A 1 42 ? -9.052  4.724   -4.304  1.00 14.32  ? 50 C   A C5    1 
ATOM   793  C  C6    . C   A 1 42 ? -7.997  5.529   -4.150  1.00 13.14  ? 50 C   A C6    1 
ATOM   794  P  P     . G   A 1 43 ? -6.838  10.865  -4.627  1.00 22.20  ? 51 G   A P     1 
ATOM   795  O  OP1   . G   A 1 43 ? -6.231  12.214  -4.565  1.00 23.72  ? 51 G   A OP1   1 
ATOM   796  O  OP2   . G   A 1 43 ? -8.126  10.608  -3.935  1.00 22.44  ? 51 G   A OP2   1 
ATOM   797  O  "O5'" . G   A 1 43 ? -6.934  10.404  -6.152  1.00 22.39  ? 51 G   A "O5'" 1 
ATOM   798  C  "C5'" . G   A 1 43 ? -5.818  10.564  -7.017  1.00 25.04  ? 51 G   A "C5'" 1 
ATOM   799  C  "C4'" . G   A 1 43 ? -6.177  10.166  -8.428  1.00 27.35  ? 51 G   A "C4'" 1 
ATOM   800  O  "O4'" . G   A 1 43 ? -6.501  8.765   -8.449  1.00 27.02  ? 51 G   A "O4'" 1 
ATOM   801  C  "C3'" . G   A 1 43 ? -7.365  10.858  -9.086  1.00 29.39  ? 51 G   A "C3'" 1 
ATOM   802  O  "O3'" . G   A 1 43 ? -6.927  12.060  -9.739  1.00 32.98  ? 51 G   A "O3'" 1 
ATOM   803  C  "C2'" . G   A 1 43 ? -7.777  9.846   -10.151 1.00 28.81  ? 51 G   A "C2'" 1 
ATOM   804  O  "O2'" . G   A 1 43 ? -7.045  9.999   -11.359 1.00 29.34  ? 51 G   A "O2'" 1 
ATOM   805  C  "C1'" . G   A 1 43 ? -7.414  8.510   -9.493  1.00 27.72  ? 51 G   A "C1'" 1 
ATOM   806  N  N9    . G   A 1 43 ? -8.535  7.769   -8.934  1.00 26.83  ? 51 G   A N9    1 
ATOM   807  C  C8    . G   A 1 43 ? -8.792  7.562   -7.607  1.00 28.36  ? 51 G   A C8    1 
ATOM   808  N  N7    . G   A 1 43 ? -9.880  6.880   -7.395  1.00 27.59  ? 51 G   A N7    1 
ATOM   809  C  C5    . G   A 1 43 ? -10.368 6.623   -8.660  1.00 26.68  ? 51 G   A C5    1 
ATOM   810  C  C6    . G   A 1 43 ? -11.522 5.945   -9.052  1.00 27.27  ? 51 G   A C6    1 
ATOM   811  O  O6    . G   A 1 43 ? -12.383 5.421   -8.335  1.00 27.05  ? 51 G   A O6    1 
ATOM   812  N  N1    . G   A 1 43 ? -11.645 5.907   -10.436 1.00 28.04  ? 51 G   A N1    1 
ATOM   813  C  C2    . G   A 1 43 ? -10.756 6.461   -11.321 1.00 28.49  ? 51 G   A C2    1 
ATOM   814  N  N2    . G   A 1 43 ? -11.045 6.323   -12.628 1.00 29.71  ? 51 G   A N2    1 
ATOM   815  N  N3    . G   A 1 43 ? -9.665  7.105   -10.956 1.00 27.56  ? 51 G   A N3    1 
ATOM   816  C  C4    . G   A 1 43 ? -9.539  7.152   -9.622  1.00 26.45  ? 51 G   A C4    1 
ATOM   817  P  P     . U   A 1 44 ? -7.630  13.474  -9.407  1.00 36.10  ? 52 U   A P     1 
ATOM   818  O  OP1   . U   A 1 44 ? -7.764  13.653  -7.935  1.00 36.05  ? 52 U   A OP1   1 
ATOM   819  O  OP2   . U   A 1 44 ? -8.835  13.581  -10.270 1.00 34.66  ? 52 U   A OP2   1 
ATOM   820  O  "O5'" . U   A 1 44 ? -6.565  14.549  -9.905  1.00 38.62  ? 52 U   A "O5'" 1 
ATOM   821  C  "C5'" . U   A 1 44 ? -5.496  14.985  -9.068  1.00 42.99  ? 52 U   A "C5'" 1 
ATOM   822  C  "C4'" . U   A 1 44 ? -4.295  15.313  -9.919  1.00 47.51  ? 52 U   A "C4'" 1 
ATOM   823  O  "O4'" . U   A 1 44 ? -3.954  14.125  -10.664 1.00 49.02  ? 52 U   A "O4'" 1 
ATOM   824  C  "C3'" . U   A 1 44 ? -4.519  16.379  -10.989 1.00 50.37  ? 52 U   A "C3'" 1 
ATOM   825  O  "O3'" . U   A 1 44 ? -4.106  17.686  -10.564 1.00 53.72  ? 52 U   A "O3'" 1 
ATOM   826  C  "C2'" . U   A 1 44 ? -3.566  15.977  -12.124 1.00 50.62  ? 52 U   A "C2'" 1 
ATOM   827  O  "O2'" . U   A 1 44 ? -2.342  16.681  -12.111 1.00 51.73  ? 52 U   A "O2'" 1 
ATOM   828  C  "C1'" . U   A 1 44 ? -3.280  14.504  -11.836 1.00 50.26  ? 52 U   A "C1'" 1 
ATOM   829  N  N1    . U   A 1 44 ? -3.497  13.501  -12.889 1.00 51.08  ? 52 U   A N1    1 
ATOM   830  C  C2    . U   A 1 44 ? -3.117  13.821  -14.190 1.00 51.65  ? 52 U   A C2    1 
ATOM   831  O  O2    . U   A 1 44 ? -2.686  14.925  -14.514 1.00 49.76  ? 52 U   A O2    1 
ATOM   832  N  N3    . U   A 1 44 ? -3.258  12.795  -15.100 1.00 52.96  ? 52 U   A N3    1 
ATOM   833  C  C4    . U   A 1 44 ? -3.743  11.513  -14.854 1.00 53.01  ? 52 U   A C4    1 
ATOM   834  O  O4    . U   A 1 44 ? -3.792  10.690  -15.780 1.00 52.77  ? 52 U   A O4    1 
ATOM   835  C  C5    . U   A 1 44 ? -4.142  11.277  -13.494 1.00 52.27  ? 52 U   A C5    1 
ATOM   836  C  C6    . U   A 1 44 ? -4.015  12.255  -12.584 1.00 51.74  ? 52 U   A C6    1 
ATOM   837  P  P     . A   A 1 45 ? -4.382  18.192  -9.059  1.00 56.68  ? 53 A   A P     1 
ATOM   838  O  OP1   . A   A 1 45 ? -5.803  17.905  -8.738  1.00 56.60  ? 53 A   A OP1   1 
ATOM   839  O  OP2   . A   A 1 45 ? -3.880  19.588  -8.944  1.00 56.15  ? 53 A   A OP2   1 
ATOM   840  O  "O5'" . A   A 1 45 ? -3.446  17.269  -8.151  1.00 57.35  ? 53 A   A "O5'" 1 
ATOM   841  C  "C5'" . A   A 1 45 ? -2.015  17.366  -8.187  1.00 58.85  ? 53 A   A "C5'" 1 
ATOM   842  C  "C4'" . A   A 1 45 ? -1.411  16.136  -7.539  1.00 60.78  ? 53 A   A "C4'" 1 
ATOM   843  O  "O4'" . A   A 1 45 ? -1.910  14.969  -8.231  1.00 60.53  ? 53 A   A "O4'" 1 
ATOM   844  C  "C3'" . A   A 1 45 ? 0.108   15.976  -7.541  1.00 62.35  ? 53 A   A "C3'" 1 
ATOM   845  O  "O3'" . A   A 1 45 ? 0.679   16.601  -6.372  1.00 66.10  ? 53 A   A "O3'" 1 
ATOM   846  C  "C2'" . A   A 1 45 ? 0.285   14.450  -7.432  1.00 61.00  ? 53 A   A "C2'" 1 
ATOM   847  O  "O2'" . A   A 1 45 ? 0.315   13.973  -6.099  1.00 59.85  ? 53 A   A "O2'" 1 
ATOM   848  C  "C1'" . A   A 1 45 ? -0.989  13.910  -8.093  1.00 60.01  ? 53 A   A "C1'" 1 
ATOM   849  N  N9    . A   A 1 45 ? -0.887  13.198  -9.372  1.00 58.66  ? 53 A   A N9    1 
ATOM   850  C  C8    . A   A 1 45 ? -1.517  12.018  -9.687  1.00 57.68  ? 53 A   A C8    1 
ATOM   851  N  N7    . A   A 1 45 ? -1.283  11.595  -10.904 1.00 56.67  ? 53 A   A N7    1 
ATOM   852  C  C5    . A   A 1 45 ? -0.435  12.557  -11.432 1.00 57.47  ? 53 A   A C5    1 
ATOM   853  C  C6    . A   A 1 45 ? 0.186   12.688  -12.696 1.00 57.41  ? 53 A   A C6    1 
ATOM   854  N  N6    . A   A 1 45 ? 0.038   11.820  -13.702 1.00 56.73  ? 53 A   A N6    1 
ATOM   855  N  N1    . A   A 1 45 ? 0.980   13.760  -12.891 1.00 58.03  ? 53 A   A N1    1 
ATOM   856  C  C2    . A   A 1 45 ? 1.129   14.640  -11.887 1.00 58.91  ? 53 A   A C2    1 
ATOM   857  N  N3    . A   A 1 45 ? 0.598   14.629  -10.662 1.00 58.25  ? 53 A   A N3    1 
ATOM   858  C  C4    . A   A 1 45 ? -0.179  13.550  -10.495 1.00 58.08  ? 53 A   A C4    1 
ATOM   859  P  P     . U   A 1 46 ? 1.643   17.903  -6.504  1.00 68.29  ? 54 U   A P     1 
ATOM   860  O  OP1   . U   A 1 46 ? 0.769   19.089  -6.720  1.00 68.17  ? 54 U   A OP1   1 
ATOM   861  O  OP2   . U   A 1 46 ? 2.774   17.644  -7.438  1.00 67.88  ? 54 U   A OP2   1 
ATOM   862  O  "O5'" . U   A 1 46 ? 2.289   18.026  -5.050  1.00 69.64  ? 54 U   A "O5'" 1 
ATOM   863  C  "C5'" . U   A 1 46 ? 1.471   17.951  -3.885  1.00 72.02  ? 54 U   A "C5'" 1 
ATOM   864  C  "C4'" . U   A 1 46 ? 2.268   17.464  -2.689  1.00 73.52  ? 54 U   A "C4'" 1 
ATOM   865  O  "O4'" . U   A 1 46 ? 3.217   18.485  -2.265  1.00 73.59  ? 54 U   A "O4'" 1 
ATOM   866  C  "C3'" . U   A 1 46 ? 1.410   17.225  -1.455  1.00 74.41  ? 54 U   A "C3'" 1 
ATOM   867  O  "O3'" . U   A 1 46 ? 0.811   15.929  -1.512  1.00 74.93  ? 54 U   A "O3'" 1 
ATOM   868  C  "C2'" . U   A 1 46 ? 2.420   17.364  -0.314  1.00 74.70  ? 54 U   A "C2'" 1 
ATOM   869  O  "O2'" . U   A 1 46 ? 3.153   16.183  -0.033  1.00 74.88  ? 54 U   A "O2'" 1 
ATOM   870  C  "C1'" . U   A 1 46 ? 3.344   18.464  -0.852  1.00 74.08  ? 54 U   A "C1'" 1 
ATOM   871  P  P     . C   A 1 47 ? -0.495  15.686  -2.431  1.00 75.23  ? 55 C   A P     1 
ATOM   872  O  OP1   . C   A 1 47 ? -0.083  14.783  -3.552  1.00 74.96  ? 55 C   A OP1   1 
ATOM   873  O  OP2   . C   A 1 47 ? -1.111  17.014  -2.740  1.00 74.95  ? 55 C   A OP2   1 
ATOM   874  O  "O5'" . C   A 1 47 ? -1.493  14.895  -1.463  1.00 73.60  ? 55 C   A "O5'" 1 
ATOM   875  C  "C5'" . C   A 1 47 ? -1.411  13.477  -1.321  1.00 69.83  ? 55 C   A "C5'" 1 
ATOM   876  C  "C4'" . C   A 1 47 ? -0.011  13.082  -0.925  1.00 67.13  ? 55 C   A "C4'" 1 
ATOM   877  O  "O4'" . C   A 1 47 ? 0.321   13.717  0.334   1.00 66.28  ? 55 C   A "O4'" 1 
ATOM   878  C  "C3'" . C   A 1 47 ? 0.233   11.604  -0.667  1.00 65.45  ? 55 C   A "C3'" 1 
ATOM   879  O  "O3'" . C   A 1 47 ? 0.505   10.907  -1.882  1.00 61.98  ? 55 C   A "O3'" 1 
ATOM   880  C  "C2'" . C   A 1 47 ? 1.486   11.653  0.189   1.00 66.31  ? 55 C   A "C2'" 1 
ATOM   881  O  "O2'" . C   A 1 47 ? 2.629   11.854  -0.624  1.00 67.43  ? 55 C   A "O2'" 1 
ATOM   882  C  "C1'" . C   A 1 47 ? 1.214   12.888  1.055   1.00 66.48  ? 55 C   A "C1'" 1 
ATOM   883  P  P     . A   A 1 48 ? -0.516  9.767   -2.388  1.00 59.15  ? 56 A   A P     1 
ATOM   884  O  OP1   . A   A 1 48 ? -0.570  9.773   -3.883  1.00 59.01  ? 56 A   A OP1   1 
ATOM   885  O  OP2   . A   A 1 48 ? -1.769  9.978   -1.600  1.00 59.72  ? 56 A   A OP2   1 
ATOM   886  O  "O5'" . A   A 1 48 ? 0.124   8.391   -1.898  1.00 53.81  ? 56 A   A "O5'" 1 
ATOM   887  C  "C5'" . A   A 1 48 ? -0.499  7.647   -0.862  1.00 44.98  ? 56 A   A "C5'" 1 
ATOM   888  C  "C4'" . A   A 1 48 ? -1.302  6.504   -1.438  1.00 38.80  ? 56 A   A "C4'" 1 
ATOM   889  O  "O4'" . A   A 1 48 ? -2.110  6.966   -2.555  1.00 37.27  ? 56 A   A "O4'" 1 
ATOM   890  C  "C3'" . A   A 1 48 ? -0.515  5.387   -2.074  1.00 35.17  ? 56 A   A "C3'" 1 
ATOM   891  O  "O3'" . A   A 1 48 ? 0.036   4.557   -1.070  1.00 31.91  ? 56 A   A "O3'" 1 
ATOM   892  C  "C2'" . A   A 1 48 ? -1.597  4.688   -2.887  1.00 34.58  ? 56 A   A "C2'" 1 
ATOM   893  O  "O2'" . A   A 1 48 ? -2.454  3.883   -2.118  1.00 33.70  ? 56 A   A "O2'" 1 
ATOM   894  C  "C1'" . A   A 1 48 ? -2.395  5.877   -3.413  1.00 35.36  ? 56 A   A "C1'" 1 
ATOM   895  N  N9    . A   A 1 48 ? -1.952  6.209   -4.759  1.00 35.98  ? 56 A   A N9    1 
ATOM   896  C  C8    . A   A 1 48 ? -1.331  7.338   -5.209  1.00 36.64  ? 56 A   A C8    1 
ATOM   897  N  N7    . A   A 1 48 ? -0.982  7.278   -6.472  1.00 36.70  ? 56 A   A N7    1 
ATOM   898  C  C5    . A   A 1 48 ? -1.422  6.031   -6.883  1.00 36.82  ? 56 A   A C5    1 
ATOM   899  C  C6    . A   A 1 48 ? -1.352  5.348   -8.120  1.00 37.74  ? 56 A   A C6    1 
ATOM   900  N  N6    . A   A 1 48 ? -0.770  5.837   -9.221  1.00 37.32  ? 56 A   A N6    1 
ATOM   901  N  N1    . A   A 1 48 ? -1.908  4.121   -8.185  1.00 38.48  ? 56 A   A N1    1 
ATOM   902  C  C2    . A   A 1 48 ? -2.483  3.618   -7.088  1.00 37.74  ? 56 A   A C2    1 
ATOM   903  N  N3    . A   A 1 48 ? -2.604  4.154   -5.875  1.00 37.02  ? 56 A   A N3    1 
ATOM   904  C  C4    . A   A 1 48 ? -2.044  5.372   -5.840  1.00 36.49  ? 56 A   A C4    1 
ATOM   905  P  P     . C   A 1 49 ? 1.624   4.347   -1.011  1.00 30.34  ? 57 C   A P     1 
ATOM   906  O  OP1   . C   A 1 49 ? 1.947   3.314   0.005   1.00 29.89  ? 57 C   A OP1   1 
ATOM   907  O  OP2   . C   A 1 49 ? 2.224   5.695   -0.910  1.00 30.54  ? 57 C   A OP2   1 
ATOM   908  O  "O5'" . C   A 1 49 ? 2.000   3.768   -2.447  1.00 30.08  ? 57 C   A "O5'" 1 
ATOM   909  C  "C5'" . C   A 1 49 ? 1.440   2.533   -2.914  1.00 29.06  ? 57 C   A "C5'" 1 
ATOM   910  C  "C4'" . C   A 1 49 ? 1.653   2.384   -4.403  1.00 27.24  ? 57 C   A "C4'" 1 
ATOM   911  O  "O4'" . C   A 1 49 ? 1.011   3.485   -5.106  1.00 27.38  ? 57 C   A "O4'" 1 
ATOM   912  C  "C3'" . C   A 1 49 ? 3.091   2.483   -4.850  1.00 26.65  ? 57 C   A "C3'" 1 
ATOM   913  O  "O3'" . C   A 1 49 ? 3.745   1.257   -4.672  1.00 26.27  ? 57 C   A "O3'" 1 
ATOM   914  C  "C2'" . C   A 1 49 ? 2.929   2.871   -6.306  1.00 26.45  ? 57 C   A "C2'" 1 
ATOM   915  O  "O2'" . C   A 1 49 ? 2.457   1.791   -7.083  1.00 26.62  ? 57 C   A "O2'" 1 
ATOM   916  C  "C1'" . C   A 1 49 ? 1.826   3.917   -6.185  1.00 26.40  ? 57 C   A "C1'" 1 
ATOM   917  N  N1    . C   A 1 49 ? 2.347   5.248   -5.835  1.00 25.95  ? 57 C   A N1    1 
ATOM   918  C  C2    . C   A 1 49 ? 2.715   6.127   -6.857  1.00 24.80  ? 57 C   A C2    1 
ATOM   919  O  O2    . C   A 1 49 ? 2.595   5.758   -8.029  1.00 24.49  ? 57 C   A O2    1 
ATOM   920  N  N3    . C   A 1 49 ? 3.194   7.353   -6.537  1.00 24.57  ? 57 C   A N3    1 
ATOM   921  C  C4    . C   A 1 49 ? 3.319   7.704   -5.250  1.00 25.82  ? 57 C   A C4    1 
ATOM   922  N  N4    . C   A 1 49 ? 3.799   8.915   -4.967  1.00 26.99  ? 57 C   A N4    1 
ATOM   923  C  C5    . C   A 1 49 ? 2.957   6.824   -4.190  1.00 25.97  ? 57 C   A C5    1 
ATOM   924  C  C6    . C   A 1 49 ? 2.477   5.620   -4.524  1.00 25.97  ? 57 C   A C6    1 
ATOM   925  P  P     . C   A 1 50 ? 5.321   1.248   -4.440  1.00 26.41  ? 58 C   A P     1 
ATOM   926  O  OP1   . C   A 1 50 ? 5.697   -0.134  -4.042  1.00 26.74  ? 58 C   A OP1   1 
ATOM   927  O  OP2   . C   A 1 50 ? 5.686   2.388   -3.569  1.00 26.51  ? 58 C   A OP2   1 
ATOM   928  O  "O5'" . C   A 1 50 ? 5.880   1.564   -5.888  1.00 27.29  ? 58 C   A "O5'" 1 
ATOM   929  C  "C5'" . C   A 1 50 ? 5.778   0.592   -6.912  1.00 30.49  ? 58 C   A "C5'" 1 
ATOM   930  C  "C4'" . C   A 1 50 ? 6.829   0.840   -7.948  1.00 32.16  ? 58 C   A "C4'" 1 
ATOM   931  O  "O4'" . C   A 1 50 ? 6.411   1.934   -8.801  1.00 31.03  ? 58 C   A "O4'" 1 
ATOM   932  C  "C3'" . C   A 1 50 ? 8.155   1.284   -7.358  1.00 34.22  ? 58 C   A "C3'" 1 
ATOM   933  O  "O3'" . C   A 1 50 ? 8.976   0.186   -6.988  1.00 38.01  ? 58 C   A "O3'" 1 
ATOM   934  C  "C2'" . C   A 1 50 ? 8.748   2.096   -8.494  1.00 33.13  ? 58 C   A "C2'" 1 
ATOM   935  O  "O2'" . C   A 1 50 ? 9.327   1.291   -9.495  1.00 34.73  ? 58 C   A "O2'" 1 
ATOM   936  C  "C1'" . C   A 1 50 ? 7.503   2.801   -9.023  1.00 30.68  ? 58 C   A "C1'" 1 
ATOM   937  N  N1    . C   A 1 50 ? 7.263   4.025   -8.259  1.00 27.65  ? 58 C   A N1    1 
ATOM   938  C  C2    . C   A 1 50 ? 7.859   5.188   -8.697  1.00 26.27  ? 58 C   A C2    1 
ATOM   939  O  O2    . C   A 1 50 ? 8.567   5.133   -9.723  1.00 26.46  ? 58 C   A O2    1 
ATOM   940  N  N3    . C   A 1 50 ? 7.660   6.337   -8.006  1.00 23.00  ? 58 C   A N3    1 
ATOM   941  C  C4    . C   A 1 50 ? 6.896   6.333   -6.919  1.00 21.29  ? 58 C   A C4    1 
ATOM   942  N  N4    . C   A 1 50 ? 6.723   7.476   -6.275  1.00 19.97  ? 58 C   A N4    1 
ATOM   943  C  C5    . C   A 1 50 ? 6.275   5.148   -6.446  1.00 23.25  ? 58 C   A C5    1 
ATOM   944  C  C6    . C   A 1 50 ? 6.481   4.026   -7.139  1.00 25.44  ? 58 C   A C6    1 
ATOM   945  P  P     . U   A 1 51 ? 10.465  0.461   -6.461  1.00 41.63  ? 59 U   A P     1 
ATOM   946  O  OP1   . U   A 1 51 ? 10.973  -0.812  -5.888  1.00 42.02  ? 59 U   A OP1   1 
ATOM   947  O  OP2   . U   A 1 51 ? 10.466  1.697   -5.624  1.00 40.71  ? 59 U   A OP2   1 
ATOM   948  O  "O5'" . U   A 1 51 ? 11.267  0.777   -7.800  1.00 44.05  ? 59 U   A "O5'" 1 
ATOM   949  C  "C5'" . U   A 1 51 ? 12.482  1.513   -7.755  1.00 49.13  ? 59 U   A "C5'" 1 
ATOM   950  C  "C4'" . U   A 1 51 ? 12.578  2.446   -8.936  1.00 51.71  ? 59 U   A "C4'" 1 
ATOM   951  O  "O4'" . U   A 1 51 ? 11.347  3.201   -9.056  1.00 51.59  ? 59 U   A "O4'" 1 
ATOM   952  C  "C3'" . U   A 1 51 ? 13.642  3.515   -8.780  1.00 53.68  ? 59 U   A "C3'" 1 
ATOM   953  O  "O3'" . U   A 1 51 ? 14.921  3.032   -9.128  1.00 57.57  ? 59 U   A "O3'" 1 
ATOM   954  C  "C2'" . U   A 1 51 ? 13.144  4.619   -9.694  1.00 52.52  ? 59 U   A "C2'" 1 
ATOM   955  O  "O2'" . U   A 1 51 ? 13.451  4.428   -11.059 1.00 52.18  ? 59 U   A "O2'" 1 
ATOM   956  C  "C1'" . U   A 1 51 ? 11.639  4.530   -9.453  1.00 51.44  ? 59 U   A "C1'" 1 
ATOM   957  N  N1    . U   A 1 51 ? 11.218  5.422   -8.370  1.00 49.92  ? 59 U   A N1    1 
ATOM   958  C  C2    . U   A 1 51 ? 11.330  6.765   -8.598  1.00 49.33  ? 59 U   A C2    1 
ATOM   959  O  O2    . U   A 1 51 ? 11.754  7.215   -9.649  1.00 50.05  ? 59 U   A O2    1 
ATOM   960  N  N3    . U   A 1 51 ? 10.928  7.564   -7.561  1.00 47.68  ? 59 U   A N3    1 
ATOM   961  C  C4    . U   A 1 51 ? 10.443  7.153   -6.348  1.00 47.21  ? 59 U   A C4    1 
ATOM   962  O  O4    . U   A 1 51 ? 10.146  7.993   -5.503  1.00 47.04  ? 59 U   A O4    1 
ATOM   963  C  C5    . U   A 1 51 ? 10.357  5.737   -6.191  1.00 47.68  ? 59 U   A C5    1 
ATOM   964  C  C6    . U   A 1 51 ? 10.739  4.939   -7.183  1.00 48.47  ? 59 U   A C6    1 
ATOM   965  P  P     . G   A 1 52 ? 16.109  3.148   -8.069  1.00 60.93  ? 60 G   A P     1 
ATOM   966  O  OP1   . G   A 1 52 ? 17.184  2.246   -8.543  1.00 61.25  ? 60 G   A OP1   1 
ATOM   967  O  OP2   . G   A 1 52 ? 15.525  2.951   -6.716  1.00 60.10  ? 60 G   A OP2   1 
ATOM   968  O  "O5'" . G   A 1 52 ? 16.591  4.662   -8.200  1.00 64.34  ? 60 G   A "O5'" 1 
ATOM   969  C  "C5'" . G   A 1 52 ? 15.654  5.726   -8.125  1.00 70.25  ? 60 G   A "C5'" 1 
ATOM   970  C  "C4'" . G   A 1 52 ? 16.357  7.058   -8.037  1.00 74.96  ? 60 G   A "C4'" 1 
ATOM   971  O  "O4'" . G   A 1 52 ? 15.337  8.078   -7.852  1.00 76.40  ? 60 G   A "O4'" 1 
ATOM   972  C  "C3'" . G   A 1 52 ? 17.290  7.207   -6.843  1.00 77.53  ? 60 G   A "C3'" 1 
ATOM   973  O  "O3'" . G   A 1 52 ? 18.621  6.848   -7.182  1.00 80.79  ? 60 G   A "O3'" 1 
ATOM   974  C  "C2'" . G   A 1 52 ? 17.159  8.685   -6.498  1.00 77.85  ? 60 G   A "C2'" 1 
ATOM   975  O  "O2'" . G   A 1 52 ? 17.921  9.547   -7.327  1.00 77.54  ? 60 G   A "O2'" 1 
ATOM   976  C  "C1'" . G   A 1 52 ? 15.667  8.899   -6.745  1.00 77.81  ? 60 G   A "C1'" 1 
ATOM   977  N  N9    . G   A 1 52 ? 14.831  8.468   -5.626  1.00 79.21  ? 60 G   A N9    1 
ATOM   978  C  C8    . G   A 1 52 ? 14.509  7.172   -5.302  1.00 79.63  ? 60 G   A C8    1 
ATOM   979  N  N7    . G   A 1 52 ? 13.704  7.082   -4.282  1.00 80.43  ? 60 G   A N7    1 
ATOM   980  C  C5    . G   A 1 52 ? 13.483  8.397   -3.901  1.00 81.36  ? 60 G   A C5    1 
ATOM   981  C  C6    . G   A 1 52 ? 12.679  8.921   -2.860  1.00 82.71  ? 60 G   A C6    1 
ATOM   982  O  O6    . G   A 1 52 ? 11.974  8.301   -2.041  1.00 82.77  ? 60 G   A O6    1 
ATOM   983  N  N1    . G   A 1 52 ? 12.741  10.316  -2.819  1.00 83.37  ? 60 G   A N1    1 
ATOM   984  C  C2    . G   A 1 52 ? 13.481  11.102  -3.675  1.00 82.78  ? 60 G   A C2    1 
ATOM   985  N  N2    . G   A 1 52 ? 13.414  12.430  -3.471  1.00 82.62  ? 60 G   A N2    1 
ATOM   986  N  N3    . G   A 1 52 ? 14.231  10.619  -4.657  1.00 81.99  ? 60 G   A N3    1 
ATOM   987  C  C4    . G   A 1 52 ? 14.183  9.268   -4.712  1.00 80.73  ? 60 G   A C4    1 
ATOM   988  P  P     . A   A 1 53 ? 19.433  5.849   -6.231  1.00 82.82  ? 61 A   A P     1 
ATOM   989  O  OP1   . A   A 1 53 ? 19.404  6.392   -4.851  1.00 82.93  ? 61 A   A OP1   1 
ATOM   990  O  OP2   . A   A 1 53 ? 20.740  5.605   -6.902  1.00 82.87  ? 61 A   A OP2   1 
ATOM   991  O  "O5'" . A   A 1 53 ? 18.559  4.517   -6.273  1.00 84.54  ? 61 A   A "O5'" 1 
ATOM   992  C  "C5'" . A   A 1 53 ? 18.272  3.770   -5.092  1.00 87.83  ? 61 A   A "C5'" 1 
ATOM   993  C  "C4'" . A   A 1 53 ? 19.375  2.769   -4.830  1.00 90.05  ? 61 A   A "C4'" 1 
ATOM   994  O  "O4'" . A   A 1 53 ? 20.306  3.363   -3.881  1.00 91.13  ? 61 A   A "O4'" 1 
ATOM   995  C  "C3'" . A   A 1 53 ? 18.896  1.479   -4.177  1.00 91.06  ? 61 A   A "C3'" 1 
ATOM   996  C  "C2'" . A   A 1 53 ? 19.169  1.599   -2.678  1.00 92.03  ? 61 A   A "C2'" 1 
ATOM   997  O  "O2'" . A   A 1 53 ? 19.772  0.426   -2.152  1.00 92.78  ? 61 A   A "O2'" 1 
ATOM   998  C  "C1'" . A   A 1 53 ? 20.206  2.731   -2.612  1.00 92.49  ? 61 A   A "C1'" 1 
ATOM   999  N  N9    . A   A 1 53 ? 19.894  3.747   -1.593  1.00 93.78  ? 61 A   A N9    1 
ATOM   1000 C  C8    . A   A 1 53 ? 18.654  4.074   -1.087  1.00 94.07  ? 61 A   A C8    1 
ATOM   1001 N  N7    . A   A 1 53 ? 18.685  5.002   -0.162  1.00 93.87  ? 61 A   A N7    1 
ATOM   1002 C  C5    . A   A 1 53 ? 20.031  5.317   -0.050  1.00 94.05  ? 61 A   A C5    1 
ATOM   1003 C  C6    . A   A 1 53 ? 20.718  6.231   0.761   1.00 94.45  ? 61 A   A C6    1 
ATOM   1004 N  N6    . A   A 1 53 ? 20.114  7.026   1.645   1.00 95.18  ? 61 A   A N6    1 
ATOM   1005 N  N1    . A   A 1 53 ? 22.060  6.304   0.634   1.00 94.29  ? 61 A   A N1    1 
ATOM   1006 C  C2    . A   A 1 53 ? 22.661  5.506   -0.257  1.00 94.57  ? 61 A   A C2    1 
ATOM   1007 N  N3    . A   A 1 53 ? 22.125  4.605   -1.080  1.00 94.57  ? 61 A   A N3    1 
ATOM   1008 C  C4    . A   A 1 53 ? 20.790  4.556   -0.926  1.00 94.17  ? 61 A   A C4    1 
ATOM   1009 P  P     . C   A 1 55 ? 24.045  2.617   1.113   1.00 83.19  ? 63 C   A P     1 
ATOM   1010 O  OP1   . C   A 1 55 ? 23.664  1.512   0.190   1.00 82.48  ? 63 C   A OP1   1 
ATOM   1011 O  OP2   . C   A 1 55 ? 25.178  3.505   0.771   1.00 83.28  ? 63 C   A OP2   1 
ATOM   1012 O  "O5'" . C   A 1 55 ? 24.307  2.030   2.570   1.00 84.88  ? 63 C   A "O5'" 1 
ATOM   1013 C  "C5'" . C   A 1 55 ? 23.668  0.831   3.003   1.00 87.65  ? 63 C   A "C5'" 1 
ATOM   1014 C  "C4'" . C   A 1 55 ? 22.528  1.154   3.950   1.00 89.56  ? 63 C   A "C4'" 1 
ATOM   1015 O  "O4'" . C   A 1 55 ? 21.755  -0.051  4.225   1.00 90.14  ? 63 C   A "O4'" 1 
ATOM   1016 C  "C3'" . C   A 1 55 ? 22.914  1.688   5.325   1.00 90.38  ? 63 C   A "C3'" 1 
ATOM   1017 O  "O3'" . C   A 1 55 ? 23.181  3.098   5.280   1.00 90.91  ? 63 C   A "O3'" 1 
ATOM   1018 C  "C2'" . C   A 1 55 ? 21.669  1.339   6.152   1.00 90.62  ? 63 C   A "C2'" 1 
ATOM   1019 O  "O2'" . C   A 1 55 ? 20.577  2.225   5.979   1.00 90.38  ? 63 C   A "O2'" 1 
ATOM   1020 C  "C1'" . C   A 1 55 ? 21.279  -0.020  5.561   1.00 90.40  ? 63 C   A "C1'" 1 
ATOM   1021 P  P     . U   A 1 56 ? 24.638  3.667   5.695   1.00 91.04  ? 64 U   A P     1 
ATOM   1022 O  OP1   . U   A 1 56 ? 25.112  4.537   4.585   1.00 91.06  ? 64 U   A OP1   1 
ATOM   1023 O  OP2   . U   A 1 56 ? 25.490  2.542   6.156   1.00 90.71  ? 64 U   A OP2   1 
ATOM   1024 O  "O5'" . U   A 1 56 ? 24.344  4.599   6.956   1.00 91.24  ? 64 U   A "O5'" 1 
ATOM   1025 C  "C5'" . U   A 1 56 ? 25.268  5.611   7.350   1.00 92.11  ? 64 U   A "C5'" 1 
ATOM   1026 C  "C4'" . U   A 1 56 ? 24.566  6.678   8.166   1.00 92.47  ? 64 U   A "C4'" 1 
ATOM   1027 O  "O4'" . U   A 1 56 ? 23.596  7.372   7.331   1.00 92.34  ? 64 U   A "O4'" 1 
ATOM   1028 C  "C3'" . U   A 1 56 ? 23.769  6.169   9.359   1.00 92.63  ? 64 U   A "C3'" 1 
ATOM   1029 O  "O3'" . U   A 1 56 ? 24.608  6.006   10.509  1.00 92.66  ? 64 U   A "O3'" 1 
ATOM   1030 C  "C2'" . U   A 1 56 ? 22.716  7.263   9.534   1.00 92.59  ? 64 U   A "C2'" 1 
ATOM   1031 O  "O2'" . U   A 1 56 ? 23.177  8.402   10.238  1.00 92.76  ? 64 U   A "O2'" 1 
ATOM   1032 C  "C1'" . U   A 1 56 ? 22.423  7.643   8.081   1.00 92.16  ? 64 U   A "C1'" 1 
ATOM   1033 N  N1    . U   A 1 56 ? 21.332  6.860   7.490   1.00 91.57  ? 64 U   A N1    1 
ATOM   1034 C  C2    . U   A 1 56 ? 20.044  7.347   7.594   1.00 91.37  ? 64 U   A C2    1 
ATOM   1035 O  O2    . U   A 1 56 ? 19.773  8.386   8.172   1.00 90.64  ? 64 U   A O2    1 
ATOM   1036 N  N3    . U   A 1 56 ? 19.085  6.566   6.995   1.00 91.50  ? 64 U   A N3    1 
ATOM   1037 C  C4    . U   A 1 56 ? 19.284  5.371   6.321   1.00 91.26  ? 64 U   A C4    1 
ATOM   1038 O  O4    . U   A 1 56 ? 18.323  4.781   5.823   1.00 90.32  ? 64 U   A O4    1 
ATOM   1039 C  C5    . U   A 1 56 ? 20.641  4.941   6.270   1.00 91.39  ? 64 U   A C5    1 
ATOM   1040 C  C6    . U   A 1 56 ? 21.593  5.679   6.843   1.00 91.57  ? 64 U   A C6    1 
ATOM   1041 P  P     . G   A 1 57 ? 24.428  4.714   11.458  1.00 92.44  ? 65 G   A P     1 
ATOM   1042 O  OP1   . G   A 1 57 ? 25.733  4.385   12.089  1.00 92.50  ? 65 G   A OP1   1 
ATOM   1043 O  OP2   . G   A 1 57 ? 23.726  3.681   10.648  1.00 92.57  ? 65 G   A OP2   1 
ATOM   1044 O  "O5'" . G   A 1 57 ? 23.418  5.201   12.592  1.00 91.73  ? 65 G   A "O5'" 1 
ATOM   1045 C  "C5'" . G   A 1 57 ? 23.749  6.273   13.467  1.00 91.18  ? 65 G   A "C5'" 1 
ATOM   1046 C  "C4'" . G   A 1 57 ? 22.531  6.687   14.259  1.00 91.48  ? 65 G   A "C4'" 1 
ATOM   1047 O  "O4'" . G   A 1 57 ? 21.628  7.485   13.442  1.00 91.99  ? 65 G   A "O4'" 1 
ATOM   1048 C  "C3'" . G   A 1 57 ? 21.663  5.537   14.736  1.00 91.53  ? 65 G   A "C3'" 1 
ATOM   1049 O  "O3'" . G   A 1 57 ? 22.210  4.912   15.888  1.00 91.71  ? 65 G   A "O3'" 1 
ATOM   1050 C  "C2'" . G   A 1 57 ? 20.327  6.231   14.982  1.00 91.66  ? 65 G   A "C2'" 1 
ATOM   1051 O  "O2'" . G   A 1 57 ? 20.254  6.937   16.206  1.00 91.66  ? 65 G   A "O2'" 1 
ATOM   1052 C  "C1'" . G   A 1 57 ? 20.276  7.198   13.795  1.00 91.80  ? 65 G   A "C1'" 1 
ATOM   1053 N  N9    . G   A 1 57 ? 19.630  6.565   12.649  1.00 91.78  ? 65 G   A N9    1 
ATOM   1054 C  C8    . G   A 1 57 ? 20.205  6.244   11.442  1.00 91.77  ? 65 G   A C8    1 
ATOM   1055 N  N7    . G   A 1 57 ? 19.396  5.612   10.638  1.00 90.83  ? 65 G   A N7    1 
ATOM   1056 C  C5    . G   A 1 57 ? 18.210  5.526   11.349  1.00 90.41  ? 65 G   A C5    1 
ATOM   1057 C  C6    . G   A 1 57 ? 16.984  4.945   10.994  1.00 90.04  ? 65 G   A C6    1 
ATOM   1058 O  O6    . G   A 1 57 ? 16.688  4.370   9.949   1.00 89.54  ? 65 G   A O6    1 
ATOM   1059 N  N1    . G   A 1 57 ? 16.039  5.081   12.004  1.00 90.76  ? 65 G   A N1    1 
ATOM   1060 C  C2    . G   A 1 57 ? 16.255  5.701   13.210  1.00 91.14  ? 65 G   A C2    1 
ATOM   1061 N  N2    . G   A 1 57 ? 15.213  5.734   14.058  1.00 90.79  ? 65 G   A N2    1 
ATOM   1062 N  N3    . G   A 1 57 ? 17.407  6.248   13.558  1.00 91.28  ? 65 G   A N3    1 
ATOM   1063 C  C4    . G   A 1 57 ? 18.333  6.125   12.585  1.00 91.14  ? 65 G   A C4    1 
ATOM   1064 P  P     . G   A 1 58 ? 22.358  3.313   15.924  1.00 91.73  ? 66 G   A P     1 
ATOM   1065 O  OP1   . G   A 1 58 ? 23.354  2.947   16.966  1.00 91.76  ? 66 G   A OP1   1 
ATOM   1066 O  OP2   . G   A 1 58 ? 22.567  2.868   14.522  1.00 91.73  ? 66 G   A OP2   1 
ATOM   1067 O  "O5'" . G   A 1 58 ? 20.923  2.825   16.409  1.00 91.53  ? 66 G   A "O5'" 1 
ATOM   1068 C  "C5'" . G   A 1 58 ? 20.376  3.304   17.637  1.00 91.74  ? 66 G   A "C5'" 1 
ATOM   1069 C  "C4'" . G   A 1 58 ? 18.866  3.217   17.618  1.00 91.32  ? 66 G   A "C4'" 1 
ATOM   1070 O  "O4'" . G   A 1 58 ? 18.349  4.048   16.541  1.00 91.69  ? 66 G   A "O4'" 1 
ATOM   1071 C  "C3'" . G   A 1 58 ? 18.289  1.841   17.332  1.00 90.82  ? 66 G   A "C3'" 1 
ATOM   1072 O  "O3'" . G   A 1 58 ? 18.244  1.034   18.501  1.00 89.14  ? 66 G   A "O3'" 1 
ATOM   1073 C  "C2'" . G   A 1 58 ? 16.910  2.202   16.804  1.00 91.25  ? 66 G   A "C2'" 1 
ATOM   1074 O  "O2'" . G   A 1 58 ? 16.025  2.614   17.826  1.00 90.86  ? 66 G   A "O2'" 1 
ATOM   1075 C  "C1'" . G   A 1 58 ? 17.261  3.390   15.911  1.00 91.92  ? 66 G   A "C1'" 1 
ATOM   1076 N  N9    . G   A 1 58 ? 17.701  2.977   14.580  1.00 92.82  ? 66 G   A N9    1 
ATOM   1077 C  C8    . G   A 1 58 ? 18.859  3.342   13.937  1.00 92.99  ? 66 G   A C8    1 
ATOM   1078 N  N7    . G   A 1 58 ? 18.970  2.822   12.746  1.00 92.87  ? 66 G   A N7    1 
ATOM   1079 C  C5    . G   A 1 58 ? 17.821  2.064   12.597  1.00 93.88  ? 66 G   A C5    1 
ATOM   1080 C  C6    . G   A 1 58 ? 17.387  1.268   11.514  1.00 95.29  ? 66 G   A C6    1 
ATOM   1081 O  O6    . G   A 1 58 ? 17.951  1.068   10.430  1.00 96.60  ? 66 G   A O6    1 
ATOM   1082 N  N1    . G   A 1 58 ? 16.160  0.669   11.781  1.00 95.88  ? 66 G   A N1    1 
ATOM   1083 C  C2    . G   A 1 58 ? 15.446  0.820   12.945  1.00 95.62  ? 66 G   A C2    1 
ATOM   1084 N  N2    . G   A 1 58 ? 14.278  0.168   13.012  1.00 96.91  ? 66 G   A N2    1 
ATOM   1085 N  N3    . G   A 1 58 ? 15.844  1.558   13.963  1.00 94.49  ? 66 G   A N3    1 
ATOM   1086 C  C4    . G   A 1 58 ? 17.029  2.147   13.722  1.00 93.37  ? 66 G   A C4    1 
ATOM   1087 P  P     . A   A 1 59 ? 19.237  -0.227  18.629  1.00 88.31  ? 67 A   A P     1 
ATOM   1088 O  OP1   . A   A 1 59 ? 20.579  0.277   19.007  1.00 88.65  ? 67 A   A OP1   1 
ATOM   1089 O  OP2   . A   A 1 59 ? 19.087  -1.074  17.417  1.00 88.03  ? 67 A   A OP2   1 
ATOM   1090 O  "O5'" . A   A 1 59 ? 18.648  -1.049  19.854  1.00 87.09  ? 67 A   A "O5'" 1 
ATOM   1091 C  "C5'" . A   A 1 59 ? 17.617  -1.995  19.643  1.00 84.90  ? 67 A   A "C5'" 1 
ATOM   1092 C  "C4'" . A   A 1 59 ? 16.269  -1.350  19.841  1.00 83.43  ? 67 A   A "C4'" 1 
ATOM   1093 O  "O4'" . A   A 1 59 ? 16.130  -0.189  18.969  1.00 83.32  ? 67 A   A "O4'" 1 
ATOM   1094 C  "C3'" . A   A 1 59 ? 15.106  -2.241  19.460  1.00 82.16  ? 67 A   A "C3'" 1 
ATOM   1095 O  "O3'" . A   A 1 59 ? 14.781  -3.101  20.519  1.00 80.30  ? 67 A   A "O3'" 1 
ATOM   1096 C  "C2'" . A   A 1 59 ? 14.041  -1.219  19.132  1.00 82.63  ? 67 A   A "C2'" 1 
ATOM   1097 O  "O2'" . A   A 1 59 ? 13.527  -0.600  20.298  1.00 82.62  ? 67 A   A "O2'" 1 
ATOM   1098 C  "C1'" . A   A 1 59 ? 14.883  -0.252  18.295  1.00 82.92  ? 67 A   A "C1'" 1 
ATOM   1099 N  N9    . A   A 1 59 ? 15.159  -0.860  16.997  1.00 82.58  ? 67 A   A N9    1 
ATOM   1100 C  C8    . A   A 1 59 ? 16.310  -0.779  16.250  1.00 82.28  ? 67 A   A C8    1 
ATOM   1101 N  N7    . A   A 1 59 ? 16.297  -1.527  15.177  1.00 82.14  ? 67 A   A N7    1 
ATOM   1102 C  C5    . A   A 1 59 ? 15.045  -2.126  15.209  1.00 82.64  ? 67 A   A C5    1 
ATOM   1103 C  C6    . A   A 1 59 ? 14.418  -3.038  14.358  1.00 83.14  ? 67 A   A C6    1 
ATOM   1104 N  N6    . A   A 1 59 ? 14.999  -3.545  13.264  1.00 83.57  ? 67 A   A N6    1 
ATOM   1105 N  N1    . A   A 1 59 ? 13.159  -3.425  14.670  1.00 83.25  ? 67 A   A N1    1 
ATOM   1106 C  C2    . A   A 1 59 ? 12.589  -2.923  15.772  1.00 82.41  ? 67 A   A C2    1 
ATOM   1107 N  N3    . A   A 1 59 ? 13.081  -2.068  16.654  1.00 82.06  ? 67 A   A N3    1 
ATOM   1108 C  C4    . A   A 1 59 ? 14.327  -1.704  16.310  1.00 82.26  ? 67 A   A C4    1 
ATOM   1109 P  P     . U   A 1 60 ? 15.295  -4.607  20.461  1.00 79.30  ? 68 U   A P     1 
ATOM   1110 O  OP1   . U   A 1 60 ? 14.654  -5.336  21.579  1.00 79.33  ? 68 U   A OP1   1 
ATOM   1111 O  OP2   . U   A 1 60 ? 16.771  -4.581  20.346  1.00 79.26  ? 68 U   A OP2   1 
ATOM   1112 O  "O5'" . U   A 1 60 ? 14.712  -5.131  19.082  1.00 79.06  ? 68 U   A "O5'" 1 
ATOM   1113 C  "C5'" . U   A 1 60 ? 13.317  -5.083  18.844  1.00 79.48  ? 68 U   A "C5'" 1 
ATOM   1114 C  "C4'" . U   A 1 60 ? 12.961  -5.918  17.645  1.00 79.55  ? 68 U   A "C4'" 1 
ATOM   1115 O  "O4'" . U   A 1 60 ? 13.530  -5.313  16.460  1.00 79.96  ? 68 U   A "O4'" 1 
ATOM   1116 C  "C3'" . U   A 1 60 ? 13.512  -7.332  17.618  1.00 79.07  ? 68 U   A "C3'" 1 
ATOM   1117 O  "O3'" . U   A 1 60 ? 12.721  -8.208  18.414  1.00 78.13  ? 68 U   A "O3'" 1 
ATOM   1118 C  "C2'" . U   A 1 60 ? 13.438  -7.672  16.129  1.00 79.38  ? 68 U   A "C2'" 1 
ATOM   1119 O  "O2'" . U   A 1 60 ? 12.157  -8.110  15.715  1.00 79.13  ? 68 U   A "O2'" 1 
ATOM   1120 C  "C1'" . U   A 1 60 ? 13.749  -6.315  15.481  1.00 79.68  ? 68 U   A "C1'" 1 
ATOM   1121 N  N1    . U   A 1 60 ? 15.118  -6.164  14.962  1.00 79.25  ? 68 U   A N1    1 
ATOM   1122 C  C2    . U   A 1 60 ? 15.382  -6.648  13.693  1.00 78.83  ? 68 U   A C2    1 
ATOM   1123 O  O2    . U   A 1 60 ? 14.540  -7.189  12.998  1.00 78.86  ? 68 U   A O2    1 
ATOM   1124 N  N3    . U   A 1 60 ? 16.671  -6.475  13.268  1.00 78.49  ? 68 U   A N3    1 
ATOM   1125 C  C4    . U   A 1 60 ? 17.698  -5.880  13.961  1.00 78.78  ? 68 U   A C4    1 
ATOM   1126 O  O4    . U   A 1 60 ? 18.810  -5.799  13.439  1.00 79.41  ? 68 U   A O4    1 
ATOM   1127 C  C5    . U   A 1 60 ? 17.345  -5.405  15.262  1.00 78.75  ? 68 U   A C5    1 
ATOM   1128 C  C6    . U   A 1 60 ? 16.099  -5.560  15.708  1.00 78.78  ? 68 U   A C6    1 
ATOM   1129 P  P     . A   A 1 61 ? 13.441  -9.325  19.315  1.00 77.66  ? 69 A   A P     1 
ATOM   1130 O  OP1   . A   A 1 61 ? 12.684  -9.484  20.588  1.00 77.49  ? 69 A   A OP1   1 
ATOM   1131 O  OP2   . A   A 1 61 ? 14.881  -8.966  19.355  1.00 77.35  ? 69 A   A OP2   1 
ATOM   1132 O  "O5'" . A   A 1 61 ? 13.290  -10.662 18.462  1.00 77.56  ? 69 A   A "O5'" 1 
ATOM   1133 C  "C5'" . A   A 1 61 ? 14.186  -11.758 18.641  1.00 77.29  ? 69 A   A "C5'" 1 
ATOM   1134 C  "C4'" . A   A 1 61 ? 14.003  -12.763 17.526  1.00 76.90  ? 69 A   A "C4'" 1 
ATOM   1135 O  "O4'" . A   A 1 61 ? 12.682  -13.346 17.618  1.00 77.75  ? 69 A   A "O4'" 1 
ATOM   1136 C  "C3'" . A   A 1 61 ? 14.062  -12.157 16.137  1.00 76.16  ? 69 A   A "C3'" 1 
ATOM   1137 O  "O3'" . A   A 1 61 ? 15.412  -12.120 15.704  1.00 73.96  ? 69 A   A "O3'" 1 
ATOM   1138 C  "C2'" . A   A 1 61 ? 13.200  -13.095 15.289  1.00 76.89  ? 69 A   A "C2'" 1 
ATOM   1139 O  "O2'" . A   A 1 61 ? 13.924  -14.150 14.686  1.00 76.52  ? 69 A   A "O2'" 1 
ATOM   1140 C  "C1'" . A   A 1 61 ? 12.199  -13.638 16.317  1.00 77.91  ? 69 A   A "C1'" 1 
ATOM   1141 N  N9    . A   A 1 61 ? 10.829  -13.137 16.217  1.00 78.76  ? 69 A   A N9    1 
ATOM   1142 C  C8    . A   A 1 61 ? 10.333  -11.940 16.671  1.00 79.12  ? 69 A   A C8    1 
ATOM   1143 N  N7    . A   A 1 61 ? 9.050   -11.784 16.455  1.00 79.95  ? 69 A   A N7    1 
ATOM   1144 C  C5    . A   A 1 61 ? 8.675   -12.954 15.810  1.00 80.34  ? 69 A   A C5    1 
ATOM   1145 C  C6    . A   A 1 61 ? 7.437   -13.405 15.309  1.00 80.66  ? 69 A   A C6    1 
ATOM   1146 N  N6    . A   A 1 61 ? 6.303   -12.701 15.390  1.00 80.88  ? 69 A   A N6    1 
ATOM   1147 N  N1    . A   A 1 61 ? 7.405   -14.624 14.720  1.00 80.31  ? 69 A   A N1    1 
ATOM   1148 C  C2    . A   A 1 61 ? 8.541   -15.331 14.649  1.00 80.01  ? 69 A   A C2    1 
ATOM   1149 N  N3    . A   A 1 61 ? 9.762   -15.014 15.079  1.00 80.01  ? 69 A   A N3    1 
ATOM   1150 C  C4    . A   A 1 61 ? 9.760   -13.796 15.655  1.00 79.67  ? 69 A   A C4    1 
ATOM   1151 P  P     . A   A 1 62 ? 15.981  -10.788 15.026  1.00 72.88  ? 70 A   A P     1 
ATOM   1152 O  OP1   . A   A 1 62 ? 17.448  -10.904 14.824  1.00 72.73  ? 70 A   A OP1   1 
ATOM   1153 O  OP2   . A   A 1 62 ? 15.442  -9.675  15.839  1.00 73.10  ? 70 A   A OP2   1 
ATOM   1154 O  "O5'" . A   A 1 62 ? 15.288  -10.784 13.591  1.00 71.75  ? 70 A   A "O5'" 1 
ATOM   1155 C  "C5'" . A   A 1 62 ? 15.663  -11.750 12.608  1.00 69.63  ? 70 A   A "C5'" 1 
ATOM   1156 C  "C4'" . A   A 1 62 ? 14.747  -11.670 11.410  1.00 67.32  ? 70 A   A "C4'" 1 
ATOM   1157 O  "O4'" . A   A 1 62 ? 13.409  -12.072 11.799  1.00 66.45  ? 70 A   A "O4'" 1 
ATOM   1158 C  "C3'" . A   A 1 62 ? 14.571  -10.281 10.819  1.00 65.97  ? 70 A   A "C3'" 1 
ATOM   1159 O  "O3'" . A   A 1 62 ? 15.592  -9.983  9.874   1.00 64.77  ? 70 A   A "O3'" 1 
ATOM   1160 C  "C2'" . A   A 1 62 ? 13.230  -10.392 10.113  1.00 65.42  ? 70 A   A "C2'" 1 
ATOM   1161 O  "O2'" . A   A 1 62 ? 13.384  -10.949 8.826   1.00 64.70  ? 70 A   A "O2'" 1 
ATOM   1162 C  "C1'" . A   A 1 62 ? 12.462  -11.339 11.044  1.00 65.24  ? 70 A   A "C1'" 1 
ATOM   1163 N  N9    . A   A 1 62 ? 11.555  -10.658 11.971  1.00 64.30  ? 70 A   A N9    1 
ATOM   1164 C  C8    . A   A 1 62 ? 11.834  -9.698  12.918  1.00 63.59  ? 70 A   A C8    1 
ATOM   1165 N  N7    . A   A 1 62 ? 10.773  -9.280  13.575  1.00 62.84  ? 70 A   A N7    1 
ATOM   1166 C  C5    . A   A 1 62 ? 9.729   -10.021 13.029  1.00 62.67  ? 70 A   A C5    1 
ATOM   1167 C  C6    . A   A 1 62 ? 8.335   -10.053 13.284  1.00 61.83  ? 70 A   A C6    1 
ATOM   1168 N  N6    . A   A 1 62 ? 7.721   -9.294  14.193  1.00 61.49  ? 70 A   A N6    1 
ATOM   1169 N  N1    . A   A 1 62 ? 7.587   -10.906 12.556  1.00 61.12  ? 70 A   A N1    1 
ATOM   1170 C  C2    . A   A 1 62 ? 8.191   -11.668 11.637  1.00 61.31  ? 70 A   A C2    1 
ATOM   1171 N  N3    . A   A 1 62 ? 9.475   -11.729 11.303  1.00 61.76  ? 70 A   A N3    1 
ATOM   1172 C  C4    . A   A 1 62 ? 10.199  -10.872 12.042  1.00 63.06  ? 70 A   A C4    1 
ATOM   1173 P  P     . U   A 1 63 ? 15.783  -8.471  9.368   1.00 64.29  ? 71 U   A P     1 
ATOM   1174 O  OP1   . U   A 1 63 ? 16.872  -8.436  8.360   1.00 64.20  ? 71 U   A OP1   1 
ATOM   1175 O  OP2   . U   A 1 63 ? 15.883  -7.611  10.575  1.00 64.22  ? 71 U   A OP2   1 
ATOM   1176 O  "O5'" . U   A 1 63 ? 14.400  -8.134  8.645   1.00 63.57  ? 71 U   A "O5'" 1 
ATOM   1177 C  "C5'" . U   A 1 63 ? 14.142  -8.573  7.318   1.00 62.45  ? 71 U   A "C5'" 1 
ATOM   1178 C  "C4'" . U   A 1 63 ? 12.866  -7.961  6.803   1.00 61.82  ? 71 U   A "C4'" 1 
ATOM   1179 O  "O4'" . U   A 1 63 ? 11.792  -8.349  7.688   1.00 61.67  ? 71 U   A "O4'" 1 
ATOM   1180 C  "C3'" . U   A 1 63 ? 12.801  -6.440  6.768   1.00 61.54  ? 71 U   A "C3'" 1 
ATOM   1181 O  "O3'" . U   A 1 63 ? 13.338  -5.935  5.541   1.00 61.16  ? 71 U   A "O3'" 1 
ATOM   1182 C  "C2'" . U   A 1 63 ? 11.299  -6.173  6.831   1.00 61.91  ? 71 U   A "C2'" 1 
ATOM   1183 O  "O2'" . U   A 1 63 ? 10.679  -6.207  5.560   1.00 61.99  ? 71 U   A "O2'" 1 
ATOM   1184 C  "C1'" . U   A 1 63 ? 10.798  -7.350  7.676   1.00 62.38  ? 71 U   A "C1'" 1 
ATOM   1185 N  N1    . U   A 1 63 ? 10.380  -7.097  9.062   1.00 63.98  ? 71 U   A N1    1 
ATOM   1186 C  C2    . U   A 1 63 ? 10.743  -5.911  9.656   1.00 65.66  ? 71 U   A C2    1 
ATOM   1187 O  O2    . U   A 1 63 ? 11.411  -5.076  9.091   1.00 67.02  ? 71 U   A O2    1 
ATOM   1188 N  N3    . U   A 1 63 ? 10.306  -5.745  10.949  1.00 66.39  ? 71 U   A N3    1 
ATOM   1189 C  C4    . U   A 1 63 ? 9.557   -6.634  11.690  1.00 66.54  ? 71 U   A C4    1 
ATOM   1190 O  O4    . U   A 1 63 ? 9.272   -6.365  12.862  1.00 66.56  ? 71 U   A O4    1 
ATOM   1191 C  C5    . U   A 1 63 ? 9.217   -7.838  10.997  1.00 66.31  ? 71 U   A C5    1 
ATOM   1192 C  C6    . U   A 1 63 ? 9.634   -8.024  9.742   1.00 64.89  ? 71 U   A C6    1 
ATOM   1193 P  P     . G   A 1 64 ? 14.454  -4.775  5.572   1.00 60.79  ? 72 G   A P     1 
ATOM   1194 O  OP1   . G   A 1 64 ? 15.760  -5.364  5.208   1.00 61.12  ? 72 G   A OP1   1 
ATOM   1195 O  OP2   . G   A 1 64 ? 14.308  -4.065  6.861   1.00 61.04  ? 72 G   A OP2   1 
ATOM   1196 O  "O5'" . G   A 1 64 ? 14.048  -3.772  4.405   1.00 61.48  ? 72 G   A "O5'" 1 
ATOM   1197 C  "C5'" . G   A 1 64 ? 12.720  -3.269  4.304   1.00 63.17  ? 72 G   A "C5'" 1 
ATOM   1198 C  "C4'" . G   A 1 64 ? 12.660  -1.844  4.808   1.00 64.05  ? 72 G   A "C4'" 1 
ATOM   1199 O  "O4'" . G   A 1 64 ? 13.600  -1.017  4.067   1.00 64.55  ? 72 G   A "O4'" 1 
ATOM   1200 C  "C3'" . G   A 1 64 ? 11.310  -1.157  4.652   1.00 64.16  ? 72 G   A "C3'" 1 
ATOM   1201 O  "O3'" . G   A 1 64 ? 10.461  -1.481  5.762   1.00 63.96  ? 72 G   A "O3'" 1 
ATOM   1202 C  "C2'" . G   A 1 64 ? 11.705  0.322   4.613   1.00 64.50  ? 72 G   A "C2'" 1 
ATOM   1203 O  "O2'" . G   A 1 64 ? 11.905  0.903   5.886   1.00 64.62  ? 72 G   A "O2'" 1 
ATOM   1204 C  "C1'" . G   A 1 64 ? 13.046  0.273   3.871   1.00 64.55  ? 72 G   A "C1'" 1 
ATOM   1205 P  P     . C   A 1 65 ? 8.920   -1.909  5.516   1.00 64.67  ? 73 C   A P     1 
ATOM   1206 O  OP1   . C   A 1 65 ? 8.846   -2.854  4.374   1.00 64.53  ? 73 C   A OP1   1 
ATOM   1207 O  OP2   . C   A 1 65 ? 8.106   -0.667  5.488   1.00 64.80  ? 73 C   A OP2   1 
ATOM   1208 O  "O5'" . C   A 1 65 ? 8.523   -2.701  6.844   1.00 63.88  ? 73 C   A "O5'" 1 
ATOM   1209 C  "C5'" . C   A 1 65 ? 7.174   -2.762  7.295   1.00 62.95  ? 73 C   A "C5'" 1 
ATOM   1210 C  "C4'" . C   A 1 65 ? 7.099   -2.414  8.769   1.00 63.48  ? 73 C   A "C4'" 1 
ATOM   1211 O  "O4'" . C   A 1 65 ? 7.985   -3.304  9.504   1.00 62.79  ? 73 C   A "O4'" 1 
ATOM   1212 C  "C3'" . C   A 1 65 ? 7.581   -1.021  9.167   1.00 64.13  ? 73 C   A "C3'" 1 
ATOM   1213 O  "O3'" . C   A 1 65 ? 6.615   0.014   8.973   1.00 66.15  ? 73 C   A "O3'" 1 
ATOM   1214 C  "C2'" . C   A 1 65 ? 7.949   -1.214  10.635  1.00 62.94  ? 73 C   A "C2'" 1 
ATOM   1215 O  "O2'" . C   A 1 65 ? 6.871   -1.189  11.545  1.00 61.68  ? 73 C   A "O2'" 1 
ATOM   1216 C  "C1'" . C   A 1 65 ? 8.575   -2.605  10.595  1.00 62.30  ? 73 C   A "C1'" 1 
ATOM   1217 N  N1    . C   A 1 65 ? 10.025  -2.509  10.363  1.00 61.75  ? 73 C   A N1    1 
ATOM   1218 C  C2    . C   A 1 65 ? 10.860  -2.318  11.463  1.00 61.34  ? 73 C   A C2    1 
ATOM   1219 O  O2    . C   A 1 65 ? 10.350  -2.213  12.592  1.00 60.88  ? 73 C   A O2    1 
ATOM   1220 N  N3    . C   A 1 65 ? 12.202  -2.243  11.269  1.00 60.67  ? 73 C   A N3    1 
ATOM   1221 C  C4    . C   A 1 65 ? 12.709  -2.343  10.038  1.00 59.49  ? 73 C   A C4    1 
ATOM   1222 N  N4    . C   A 1 65 ? 14.041  -2.275  9.901   1.00 57.80  ? 73 C   A N4    1 
ATOM   1223 C  C5    . C   A 1 65 ? 11.878  -2.521  8.896   1.00 59.88  ? 73 C   A C5    1 
ATOM   1224 C  C6    . C   A 1 65 ? 10.552  -2.600  9.102   1.00 61.33  ? 73 C   A C6    1 
ATOM   1225 P  P     . C   A 1 66 ? 7.114   1.510   8.650   1.00 67.43  ? 74 C   A P     1 
ATOM   1226 O  OP1   . C   A 1 66 ? 5.953   2.424   8.683   1.00 68.18  ? 74 C   A OP1   1 
ATOM   1227 O  OP2   . C   A 1 66 ? 7.974   1.472   7.449   1.00 67.60  ? 74 C   A OP2   1 
ATOM   1228 O  "O5'" . C   A 1 66 ? 8.037   1.871   9.887   1.00 68.74  ? 74 C   A "O5'" 1 
ATOM   1229 C  "C5'" . C   A 1 66 ? 7.469   2.052   11.171  1.00 72.55  ? 74 C   A "C5'" 1 
ATOM   1230 C  "C4'" . C   A 1 66 ? 8.412   2.837   12.036  1.00 75.37  ? 74 C   A "C4'" 1 
ATOM   1231 O  "O4'" . C   A 1 66 ? 9.571   2.020   12.359  1.00 75.35  ? 74 C   A "O4'" 1 
ATOM   1232 C  "C3'" . C   A 1 66 ? 9.016   4.049   11.354  1.00 77.31  ? 74 C   A "C3'" 1 
ATOM   1233 O  "O3'" . C   A 1 66 ? 8.127   5.156   11.348  1.00 81.01  ? 74 C   A "O3'" 1 
ATOM   1234 C  "C2'" . C   A 1 66 ? 10.260  4.277   12.198  1.00 76.27  ? 74 C   A "C2'" 1 
ATOM   1235 O  "O2'" . C   A 1 66 ? 9.948   4.850   13.452  1.00 76.52  ? 74 C   A "O2'" 1 
ATOM   1236 C  "C1'" . C   A 1 66 ? 10.733  2.835   12.394  1.00 74.70  ? 74 C   A "C1'" 1 
ATOM   1237 N  N1    . C   A 1 66 ? 11.631  2.399   11.318  1.00 71.80  ? 74 C   A N1    1 
ATOM   1238 C  C2    . C   A 1 66 ? 12.993  2.447   11.532  1.00 70.36  ? 74 C   A C2    1 
ATOM   1239 O  O2    . C   A 1 66 ? 13.405  2.846   12.617  1.00 70.30  ? 74 C   A O2    1 
ATOM   1240 N  N3    . C   A 1 66 ? 13.832  2.063   10.560  1.00 69.99  ? 74 C   A N3    1 
ATOM   1241 C  C4    . C   A 1 66 ? 13.348  1.640   9.398   1.00 70.91  ? 74 C   A C4    1 
ATOM   1242 N  N4    . C   A 1 66 ? 14.220  1.270   8.457   1.00 72.22  ? 74 C   A N4    1 
ATOM   1243 C  C5    . C   A 1 66 ? 11.952  1.577   9.145   1.00 70.96  ? 74 C   A C5    1 
ATOM   1244 C  C6    . C   A 1 66 ? 11.136  1.961   10.125  1.00 71.05  ? 74 C   A C6    1 
ATOM   1245 P  P     . A   A 1 67 ? 8.072   6.117   10.059  1.00 83.43  ? 75 A   A P     1 
ATOM   1246 O  OP1   . A   A 1 67 ? 6.800   6.877   10.136  1.00 83.82  ? 75 A   A OP1   1 
ATOM   1247 O  OP2   . A   A 1 67 ? 8.339   5.257   8.877   1.00 83.37  ? 75 A   A OP2   1 
ATOM   1248 O  "O5'" . A   A 1 67 ? 9.312   7.107   10.264  1.00 84.84  ? 75 A   A "O5'" 1 
ATOM   1249 C  "C5'" . A   A 1 67 ? 9.551   7.736   11.532  1.00 87.74  ? 75 A   A "C5'" 1 
ATOM   1250 C  "C4'" . A   A 1 67 ? 10.969  8.273   11.612  1.00 89.84  ? 75 A   A "C4'" 1 
ATOM   1251 O  "O4'" . A   A 1 67 ? 11.924  7.185   11.613  1.00 90.07  ? 75 A   A "O4'" 1 
ATOM   1252 C  "C3'" . A   A 1 67 ? 11.399  9.166   10.462  1.00 91.33  ? 75 A   A "C3'" 1 
ATOM   1253 O  "O3'" . A   A 1 67 ? 11.006  10.504  10.732  1.00 94.26  ? 75 A   A "O3'" 1 
ATOM   1254 C  "C2'" . A   A 1 67 ? 12.920  9.026   10.449  1.00 90.55  ? 75 A   A "C2'" 1 
ATOM   1255 O  "O2'" . A   A 1 67 ? 13.592  9.958   11.265  1.00 90.09  ? 75 A   A "O2'" 1 
ATOM   1256 C  "C1'" . A   A 1 67 ? 13.120  7.603   10.978  1.00 90.47  ? 75 A   A "C1'" 1 
ATOM   1257 N  N9    . A   A 1 67 ? 13.436  6.641   9.930   1.00 90.96  ? 75 A   A N9    1 
ATOM   1258 C  C8    . A   A 1 67 ? 12.631  5.654   9.427   1.00 91.57  ? 75 A   A C8    1 
ATOM   1259 N  N7    . A   A 1 67 ? 13.192  4.945   8.478   1.00 92.13  ? 75 A   A N7    1 
ATOM   1260 C  C5    . A   A 1 67 ? 14.454  5.506   8.347   1.00 91.89  ? 75 A   A C5    1 
ATOM   1261 C  C6    . A   A 1 67 ? 15.537  5.206   7.506   1.00 92.10  ? 75 A   A C6    1 
ATOM   1262 N  N6    . A   A 1 67 ? 15.521  4.227   6.599   1.00 92.39  ? 75 A   A N6    1 
ATOM   1263 N  N1    . A   A 1 67 ? 16.652  5.955   7.631   1.00 92.14  ? 75 A   A N1    1 
ATOM   1264 C  C2    . A   A 1 67 ? 16.669  6.932   8.544   1.00 92.22  ? 75 A   A C2    1 
ATOM   1265 N  N3    . A   A 1 67 ? 15.714  7.310   9.390   1.00 92.29  ? 75 A   A N3    1 
ATOM   1266 C  C4    . A   A 1 67 ? 14.619  6.548   9.238   1.00 91.68  ? 75 A   A C4    1 
ATOM   1267 P  P     . G   A 1 68 ? 10.891  11.558  9.529   1.00 96.78  ? 76 G   A P     1 
ATOM   1268 O  OP1   . G   A 1 68 ? 9.876   12.572  9.923   1.00 96.96  ? 76 G   A OP1   1 
ATOM   1269 O  OP2   . G   A 1 68 ? 10.714  10.794  8.263   1.00 97.06  ? 76 G   A OP2   1 
ATOM   1270 O  "O5'" . G   A 1 68 ? 12.325  12.255  9.492   1.00 97.81  ? 76 G   A "O5'" 1 
ATOM   1271 C  "C5'" . G   A 1 68 ? 12.819  12.842  8.290   1.00 99.70  ? 76 G   A "C5'" 1 
ATOM   1272 C  "C4'" . G   A 1 68 ? 14.267  13.242  8.460   1.00 100.91 ? 76 G   A "C4'" 1 
ATOM   1273 O  "O4'" . G   A 1 68 ? 14.999  12.133  9.053   1.00 101.22 ? 76 G   A "O4'" 1 
ATOM   1274 C  "C3'" . G   A 1 68 ? 15.002  13.553  7.161   1.00 101.43 ? 76 G   A "C3'" 1 
ATOM   1275 O  "O3'" . G   A 1 68 ? 14.835  14.910  6.755   1.00 101.93 ? 76 G   A "O3'" 1 
ATOM   1276 C  "C2'" . G   A 1 68 ? 16.446  13.232  7.527   1.00 101.38 ? 76 G   A "C2'" 1 
ATOM   1277 O  "O2'" . G   A 1 68 ? 17.101  14.266  8.232   1.00 101.05 ? 76 G   A "O2'" 1 
ATOM   1278 C  "C1'" . G   A 1 68 ? 16.258  12.002  8.419   1.00 101.49 ? 76 G   A "C1'" 1 
ATOM   1279 N  N9    . G   A 1 68 ? 16.230  10.776  7.633   1.00 101.79 ? 76 G   A N9    1 
ATOM   1280 C  C8    . G   A 1 68 ? 15.324  9.748   7.719   1.00 101.76 ? 76 G   A C8    1 
ATOM   1281 N  N7    . G   A 1 68 ? 15.545  8.799   6.851   1.00 101.77 ? 76 G   A N7    1 
ATOM   1282 C  C5    . G   A 1 68 ? 16.669  9.225   6.159   1.00 102.13 ? 76 G   A C5    1 
ATOM   1283 C  C6    . G   A 1 68 ? 17.378  8.620   5.095   1.00 102.54 ? 76 G   A C6    1 
ATOM   1284 O  O6    . G   A 1 68 ? 17.149  7.542   4.530   1.00 102.42 ? 76 G   A O6    1 
ATOM   1285 N  N1    . G   A 1 68 ? 18.454  9.404   4.688   1.00 102.85 ? 76 G   A N1    1 
ATOM   1286 C  C2    . G   A 1 68 ? 18.804  10.616  5.238   1.00 102.56 ? 76 G   A C2    1 
ATOM   1287 N  N2    . G   A 1 68 ? 19.874  11.228  4.717   1.00 102.59 ? 76 G   A N2    1 
ATOM   1288 N  N3    . G   A 1 68 ? 18.151  11.187  6.228   1.00 102.39 ? 76 G   A N3    1 
ATOM   1289 C  C4    . G   A 1 68 ? 17.104  10.442  6.635   1.00 102.07 ? 76 G   A C4    1 
ATOM   1290 P  P     . C   A 1 69 ? 14.166  15.243  5.326   1.00 102.49 ? 77 C   A P     1 
ATOM   1291 O  OP1   . C   A 1 69 ? 14.566  16.618  4.927   1.00 102.76 ? 77 C   A OP1   1 
ATOM   1292 O  OP2   . C   A 1 69 ? 12.720  14.893  5.417   1.00 102.06 ? 77 C   A OP2   1 
ATOM   1293 O  "O5'" . C   A 1 69 ? 14.887  14.253  4.308   1.00 102.80 ? 77 C   A "O5'" 1 
ATOM   1294 C  "C5'" . C   A 1 69 ? 16.086  14.643  3.637   1.00 103.40 ? 77 C   A "C5'" 1 
ATOM   1295 C  "C4'" . C   A 1 69 ? 15.958  14.388  2.150   1.00 103.73 ? 77 C   A "C4'" 1 
ATOM   1296 O  "O4'" . C   A 1 69 ? 14.854  15.170  1.622   1.00 103.61 ? 77 C   A "O4'" 1 
ATOM   1297 C  "C3'" . C   A 1 69 ? 17.146  14.813  1.297   1.00 103.62 ? 77 C   A "C3'" 1 
ATOM   1298 O  "O3'" . C   A 1 69 ? 18.164  13.817  1.305   1.00 103.78 ? 77 C   A "O3'" 1 
ATOM   1299 C  "C2'" . C   A 1 69 ? 16.509  14.977  -0.080  1.00 103.36 ? 77 C   A "C2'" 1 
ATOM   1300 O  "O2'" . C   A 1 69 ? 16.337  13.761  -0.788  1.00 102.47 ? 77 C   A "O2'" 1 
ATOM   1301 C  "C1'" . C   A 1 69 ? 15.143  15.562  0.290   1.00 103.58 ? 77 C   A "C1'" 1 
ATOM   1302 O  "O5'" . A   A 1 72 ? 9.851   16.778  -6.745  1.00 53.60  ? 80 A   A "O5'" 1 
ATOM   1303 C  "C5'" . A   A 1 72 ? 10.757  17.870  -6.927  1.00 53.70  ? 80 A   A "C5'" 1 
ATOM   1304 C  "C4'" . A   A 1 72 ? 12.047  17.390  -7.570  1.00 53.24  ? 80 A   A "C4'" 1 
ATOM   1305 O  "O4'" . A   A 1 72 ? 12.777  16.552  -6.633  1.00 52.99  ? 80 A   A "O4'" 1 
ATOM   1306 C  "C3'" . A   A 1 72 ? 11.864  16.558  -8.836  1.00 52.42  ? 80 A   A "C3'" 1 
ATOM   1307 O  "O3'" . A   A 1 72 ? 11.869  17.385  -10.003 1.00 50.70  ? 80 A   A "O3'" 1 
ATOM   1308 C  "C2'" . A   A 1 72 ? 13.063  15.616  -8.817  1.00 52.09  ? 80 A   A "C2'" 1 
ATOM   1309 O  "O2'" . A   A 1 72 ? 14.188  16.129  -9.498  1.00 51.66  ? 80 A   A "O2'" 1 
ATOM   1310 C  "C1'" . A   A 1 72 ? 13.299  15.423  -7.308  1.00 52.25  ? 80 A   A "C1'" 1 
ATOM   1311 N  N9    . A   A 1 72 ? 12.576  14.269  -6.794  1.00 51.50  ? 80 A   A N9    1 
ATOM   1312 C  C8    . A   A 1 72 ? 11.746  14.210  -5.703  1.00 51.12  ? 80 A   A C8    1 
ATOM   1313 N  N7    . A   A 1 72 ? 11.172  13.046  -5.541  1.00 51.71  ? 80 A   A N7    1 
ATOM   1314 C  C5    . A   A 1 72 ? 11.673  12.282  -6.588  1.00 52.48  ? 80 A   A C5    1 
ATOM   1315 C  C6    . A   A 1 72 ? 11.447  10.953  -6.987  1.00 53.09  ? 80 A   A C6    1 
ATOM   1316 N  N6    . A   A 1 72 ? 10.623  10.118  -6.350  1.00 52.69  ? 80 A   A N6    1 
ATOM   1317 N  N1    . A   A 1 72 ? 12.105  10.506  -8.083  1.00 53.37  ? 80 A   A N1    1 
ATOM   1318 C  C2    . A   A 1 72 ? 12.939  11.346  -8.723  1.00 52.50  ? 80 A   A C2    1 
ATOM   1319 N  N3    . A   A 1 72 ? 13.229  12.610  -8.443  1.00 52.00  ? 80 A   A N3    1 
ATOM   1320 C  C4    . A   A 1 72 ? 12.554  13.021  -7.355  1.00 51.96  ? 80 A   A C4    1 
ATOM   1321 P  P     . G   A 1 73 ? 10.645  17.305  -11.045 1.00 49.90  ? 81 G   A P     1 
ATOM   1322 O  OP1   . G   A 1 73 ? 10.983  18.132  -12.235 1.00 49.85  ? 81 G   A OP1   1 
ATOM   1323 O  OP2   . G   A 1 73 ? 9.366   17.547  -10.317 1.00 49.52  ? 81 G   A OP2   1 
ATOM   1324 O  "O5'" . G   A 1 73 ? 10.683  15.796  -11.515 1.00 47.07  ? 81 G   A "O5'" 1 
ATOM   1325 C  "C5'" . G   A 1 73 ? 11.761  15.341  -12.288 1.00 43.24  ? 81 G   A "C5'" 1 
ATOM   1326 C  "C4'" . G   A 1 73 ? 11.626  13.876  -12.498 1.00 41.02  ? 81 G   A "C4'" 1 
ATOM   1327 O  "O4'" . G   A 1 73 ? 11.803  13.200  -11.232 1.00 40.62  ? 81 G   A "O4'" 1 
ATOM   1328 C  "C3'" . G   A 1 73 ? 10.242  13.401  -12.872 1.00 39.50  ? 81 G   A "C3'" 1 
ATOM   1329 O  "O3'" . G   A 1 73 ? 9.904   13.652  -14.209 1.00 37.96  ? 81 G   A "O3'" 1 
ATOM   1330 C  "C2'" . G   A 1 73 ? 10.362  11.916  -12.608 1.00 39.69  ? 81 G   A "C2'" 1 
ATOM   1331 O  "O2'" . G   A 1 73 ? 11.059  11.239  -13.636 1.00 39.49  ? 81 G   A "O2'" 1 
ATOM   1332 C  "C1'" . G   A 1 73 ? 11.181  11.931  -11.317 1.00 40.21  ? 81 G   A "C1'" 1 
ATOM   1333 N  N9    . G   A 1 73 ? 10.296  11.725  -10.180 1.00 39.26  ? 81 G   A N9    1 
ATOM   1334 C  C8    . G   A 1 73 ? 9.818   12.618  -9.253  1.00 38.81  ? 81 G   A C8    1 
ATOM   1335 N  N7    . G   A 1 73 ? 8.973   12.076  -8.420  1.00 38.44  ? 81 G   A N7    1 
ATOM   1336 C  C5    . G   A 1 73 ? 8.911   10.748  -8.823  1.00 38.86  ? 81 G   A C5    1 
ATOM   1337 C  C6    . G   A 1 73 ? 8.158   9.663   -8.325  1.00 39.99  ? 81 G   A C6    1 
ATOM   1338 O  O6    . G   A 1 73 ? 7.348   9.648   -7.395  1.00 41.09  ? 81 G   A O6    1 
ATOM   1339 N  N1    . G   A 1 73 ? 8.413   8.497   -9.037  1.00 40.95  ? 81 G   A N1    1 
ATOM   1340 C  C2    . G   A 1 73 ? 9.273   8.393   -10.105 1.00 40.70  ? 81 G   A C2    1 
ATOM   1341 N  N2    . G   A 1 73 ? 9.400   7.189   -10.691 1.00 41.29  ? 81 G   A N2    1 
ATOM   1342 N  N3    . G   A 1 73 ? 9.965   9.394   -10.573 1.00 39.67  ? 81 G   A N3    1 
ATOM   1343 C  C4    . G   A 1 73 ? 9.737   10.528  -9.892  1.00 38.89  ? 81 G   A C4    1 
ATOM   1344 P  P     . G   A 1 74 ? 8.378   13.952  -14.567 1.00 36.91  ? 82 G   A P     1 
ATOM   1345 O  OP1   . G   A 1 74 ? 8.363   14.493  -15.942 1.00 37.10  ? 82 G   A OP1   1 
ATOM   1346 O  OP2   . G   A 1 74 ? 7.818   14.755  -13.456 1.00 37.50  ? 82 G   A OP2   1 
ATOM   1347 O  "O5'" . G   A 1 74 ? 7.690   12.519  -14.546 1.00 34.96  ? 82 G   A "O5'" 1 
ATOM   1348 C  "C5'" . G   A 1 74 ? 8.121   11.527  -15.455 1.00 33.27  ? 82 G   A "C5'" 1 
ATOM   1349 C  "C4'" . G   A 1 74 ? 7.575   10.181  -15.075 1.00 32.16  ? 82 G   A "C4'" 1 
ATOM   1350 O  "O4'" . G   A 1 74 ? 7.807   9.963   -13.656 1.00 31.34  ? 82 G   A "O4'" 1 
ATOM   1351 C  "C3'" . G   A 1 74 ? 6.077   9.965   -15.204 1.00 32.15  ? 82 G   A "C3'" 1 
ATOM   1352 O  "O3'" . G   A 1 74 ? 5.643   9.782   -16.569 1.00 31.25  ? 82 G   A "O3'" 1 
ATOM   1353 C  "C2'" . G   A 1 74 ? 5.880   8.730   -14.313 1.00 32.23  ? 82 G   A "C2'" 1 
ATOM   1354 O  "O2'" . G   A 1 74 ? 6.213   7.487   -14.916 1.00 32.38  ? 82 G   A "O2'" 1 
ATOM   1355 C  "C1'" . G   A 1 74 ? 6.871   9.009   -13.177 1.00 31.36  ? 82 G   A "C1'" 1 
ATOM   1356 N  N9    . G   A 1 74 ? 6.247   9.495   -11.944 1.00 29.69  ? 82 G   A N9    1 
ATOM   1357 C  C8    . G   A 1 74 ? 6.127   10.791  -11.504 1.00 28.83  ? 82 G   A C8    1 
ATOM   1358 N  N7    . G   A 1 74 ? 5.530   10.886  -10.347 1.00 26.90  ? 82 G   A N7    1 
ATOM   1359 C  C5    . G   A 1 74 ? 5.235   9.576   -10.003 1.00 27.07  ? 82 G   A C5    1 
ATOM   1360 C  C6    . G   A 1 74 ? 4.591   9.052   -8.862  1.00 27.27  ? 82 G   A C6    1 
ATOM   1361 O  O6    . G   A 1 74 ? 4.133   9.661   -7.898  1.00 28.95  ? 82 G   A O6    1 
ATOM   1362 N  N1    . G   A 1 74 ? 4.493   7.667   -8.915  1.00 26.19  ? 82 G   A N1    1 
ATOM   1363 C  C2    . G   A 1 74 ? 4.946   6.886   -9.942  1.00 26.47  ? 82 G   A C2    1 
ATOM   1364 N  N2    . G   A 1 74 ? 4.744   5.574   -9.819  1.00 26.33  ? 82 G   A N2    1 
ATOM   1365 N  N3    . G   A 1 74 ? 5.547   7.359   -11.016 1.00 27.76  ? 82 G   A N3    1 
ATOM   1366 C  C4    . G   A 1 74 ? 5.661   8.706   -10.979 1.00 28.24  ? 82 G   A C4    1 
ATOM   1367 P  P     . G   A 1 75 ? 4.057   9.773   -16.911 1.00 31.02  ? 83 G   A P     1 
ATOM   1368 O  OP1   . G   A 1 75 ? 3.825   9.073   -18.203 1.00 30.93  ? 83 G   A OP1   1 
ATOM   1369 O  OP2   . G   A 1 75 ? 3.492   11.135  -16.704 1.00 30.07  ? 83 G   A OP2   1 
ATOM   1370 O  "O5'" . G   A 1 75 ? 3.465   8.832   -15.777 1.00 29.86  ? 83 G   A "O5'" 1 
ATOM   1371 C  "C5'" . G   A 1 75 ? 2.082   8.738   -15.546 1.00 28.18  ? 83 G   A "C5'" 1 
ATOM   1372 C  "C4'" . G   A 1 75 ? 1.842   7.783   -14.420 1.00 27.96  ? 83 G   A "C4'" 1 
ATOM   1373 O  "O4'" . G   A 1 75 ? 2.746   8.134   -13.353 1.00 27.78  ? 83 G   A "O4'" 1 
ATOM   1374 C  "C3'" . G   A 1 75 ? 0.447   7.836   -13.832 1.00 28.64  ? 83 G   A "C3'" 1 
ATOM   1375 O  "O3'" . G   A 1 75 ? -0.400  6.899   -14.511 1.00 29.80  ? 83 G   A "O3'" 1 
ATOM   1376 C  "C2'" . G   A 1 75 ? 0.686   7.457   -12.368 1.00 28.32  ? 83 G   A "C2'" 1 
ATOM   1377 O  "O2'" . G   A 1 75 ? 0.692   6.055   -12.147 1.00 27.80  ? 83 G   A "O2'" 1 
ATOM   1378 C  "C1'" . G   A 1 75 ? 2.086   8.033   -12.108 1.00 28.52  ? 83 G   A "C1'" 1 
ATOM   1379 N  N9    . G   A 1 75 ? 2.201   9.332   -11.441 1.00 29.17  ? 83 G   A N9    1 
ATOM   1380 C  C8    . G   A 1 75 ? 2.727   10.477  -11.991 1.00 29.39  ? 83 G   A C8    1 
ATOM   1381 N  N7    . G   A 1 75 ? 2.742   11.488  -11.165 1.00 28.92  ? 83 G   A N7    1 
ATOM   1382 C  C5    . G   A 1 75 ? 2.179   10.988  -9.999  1.00 30.03  ? 83 G   A C5    1 
ATOM   1383 C  C6    . G   A 1 75 ? 1.920   11.628  -8.755  1.00 30.87  ? 83 G   A C6    1 
ATOM   1384 O  O6    . G   A 1 75 ? 2.132   12.798  -8.429  1.00 33.19  ? 83 G   A O6    1 
ATOM   1385 N  N1    . G   A 1 75 ? 1.348   10.759  -7.842  1.00 30.27  ? 83 G   A N1    1 
ATOM   1386 C  C2    . G   A 1 75 ? 1.059   9.449   -8.082  1.00 29.66  ? 83 G   A C2    1 
ATOM   1387 N  N2    . G   A 1 75 ? 0.526   8.793   -7.063  1.00 29.61  ? 83 G   A N2    1 
ATOM   1388 N  N3    . G   A 1 75 ? 1.281   8.835   -9.235  1.00 29.64  ? 83 G   A N3    1 
ATOM   1389 C  C4    . G   A 1 75 ? 1.839   9.660   -10.146 1.00 29.50  ? 83 G   A C4    1 
ATOM   1390 P  P     . A   A 1 76 ? -1.070  7.287   -15.937 1.00 30.59  ? 84 A   A P     1 
ATOM   1391 O  OP1   . A   A 1 76 ? -0.774  6.172   -16.876 1.00 30.25  ? 84 A   A OP1   1 
ATOM   1392 O  OP2   . A   A 1 76 ? -0.718  8.678   -16.321 1.00 30.85  ? 84 A   A OP2   1 
ATOM   1393 O  "O5'" . A   A 1 76 ? -2.636  7.300   -15.662 1.00 29.05  ? 84 A   A "O5'" 1 
ATOM   1394 C  "C5'" . A   A 1 76 ? -3.516  6.565   -16.501 1.00 27.90  ? 84 A   A "C5'" 1 
ATOM   1395 C  "C4'" . A   A 1 76 ? -4.681  6.064   -15.697 1.00 26.01  ? 84 A   A "C4'" 1 
ATOM   1396 O  "O4'" . A   A 1 76 ? -4.137  5.527   -14.459 1.00 24.50  ? 84 A   A "O4'" 1 
ATOM   1397 C  "C3'" . A   A 1 76 ? -5.676  7.131   -15.270 1.00 25.94  ? 84 A   A "C3'" 1 
ATOM   1398 O  "O3'" . A   A 1 76 ? -6.730  7.248   -16.240 1.00 25.73  ? 84 A   A "O3'" 1 
ATOM   1399 C  "C2'" . A   A 1 76 ? -6.219  6.538   -13.974 1.00 25.20  ? 84 A   A "C2'" 1 
ATOM   1400 O  "O2'" . A   A 1 76 ? -7.232  5.581   -14.237 1.00 25.65  ? 84 A   A "O2'" 1 
ATOM   1401 C  "C1'" . A   A 1 76 ? -4.964  5.879   -13.379 1.00 23.42  ? 84 A   A "C1'" 1 
ATOM   1402 N  N9    . A   A 1 76 ? -4.181  6.781   -12.550 1.00 20.56  ? 84 A   A N9    1 
ATOM   1403 C  C8    . A   A 1 76 ? -3.344  7.745   -13.026 1.00 19.90  ? 84 A   A C8    1 
ATOM   1404 N  N7    . A   A 1 76 ? -2.779  8.461   -12.090 1.00 20.20  ? 84 A   A N7    1 
ATOM   1405 C  C5    . A   A 1 76 ? -3.268  7.918   -10.914 1.00 18.39  ? 84 A   A C5    1 
ATOM   1406 C  C6    . A   A 1 76 ? -3.049  8.241   -9.576  1.00 17.24  ? 84 A   A C6    1 
ATOM   1407 N  N6    . A   A 1 76 ? -2.231  9.223   -9.195  1.00 18.99  ? 84 A   A N6    1 
ATOM   1408 N  N1    . A   A 1 76 ? -3.695  7.520   -8.636  1.00 14.60  ? 84 A   A N1    1 
ATOM   1409 C  C2    . A   A 1 76 ? -4.492  6.540   -9.033  1.00 14.74  ? 84 A   A C2    1 
ATOM   1410 N  N3    . A   A 1 76 ? -4.777  6.133   -10.269 1.00 18.10  ? 84 A   A N3    1 
ATOM   1411 C  C4    . A   A 1 76 ? -4.125  6.876   -11.178 1.00 19.07  ? 84 A   A C4    1 
ATOM   1412 P  P     . A   A 1 77 ? -6.830  8.548   -17.206 1.00 26.52  ? 85 A   A P     1 
ATOM   1413 O  OP1   . A   A 1 77 ? -8.156  8.430   -17.861 1.00 26.67  ? 85 A   A OP1   1 
ATOM   1414 O  OP2   . A   A 1 77 ? -5.605  8.660   -18.034 1.00 26.14  ? 85 A   A OP2   1 
ATOM   1415 O  "O5'" . A   A 1 77 ? -6.855  9.853   -16.281 1.00 26.73  ? 85 A   A "O5'" 1 
ATOM   1416 C  "C5'" . A   A 1 77 ? -7.905  10.078  -15.336 1.00 27.55  ? 85 A   A "C5'" 1 
ATOM   1417 C  "C4'" . A   A 1 77 ? -9.241  10.156  -16.038 1.00 27.28  ? 85 A   A "C4'" 1 
ATOM   1418 O  "O4'" . A   A 1 77 ? -10.252 9.638   -15.154 1.00 28.55  ? 85 A   A "O4'" 1 
ATOM   1419 C  "C3'" . A   A 1 77 ? -9.681  11.569  -16.402 1.00 27.49  ? 85 A   A "C3'" 1 
ATOM   1420 O  "O3'" . A   A 1 77 ? -10.154 11.594  -17.761 1.00 27.32  ? 85 A   A "O3'" 1 
ATOM   1421 C  "C2'" . A   A 1 77 ? -10.611 12.010  -15.260 1.00 27.19  ? 85 A   A "C2'" 1 
ATOM   1422 O  "O2'" . A   A 1 77 ? -11.758 12.720  -15.661 1.00 28.46  ? 85 A   A "O2'" 1 
ATOM   1423 C  "C1'" . A   A 1 77 ? -11.121 10.665  -14.760 1.00 27.03  ? 85 A   A "C1'" 1 
ATOM   1424 N  N9    . A   A 1 77 ? -11.544 10.440  -13.385 1.00 24.96  ? 85 A   A N9    1 
ATOM   1425 C  C8    . A   A 1 77 ? -11.286 11.116  -12.225 1.00 24.90  ? 85 A   A C8    1 
ATOM   1426 N  N7    . A   A 1 77 ? -11.873 10.591  -11.171 1.00 23.83  ? 85 A   A N7    1 
ATOM   1427 C  C5    . A   A 1 77 ? -12.557 9.496   -11.682 1.00 21.66  ? 85 A   A C5    1 
ATOM   1428 C  C6    . A   A 1 77 ? -13.370 8.530   -11.087 1.00 20.72  ? 85 A   A C6    1 
ATOM   1429 N  N6    . A   A 1 77 ? -13.657 8.497   -9.787  1.00 20.96  ? 85 A   A N6    1 
ATOM   1430 N  N1    . A   A 1 77 ? -13.891 7.581   -11.883 1.00 20.32  ? 85 A   A N1    1 
ATOM   1431 C  C2    . A   A 1 77 ? -13.614 7.613   -13.188 1.00 19.80  ? 85 A   A C2    1 
ATOM   1432 N  N3    . A   A 1 77 ? -12.873 8.464   -13.863 1.00 19.47  ? 85 A   A N3    1 
ATOM   1433 C  C4    . A   A 1 77 ? -12.364 9.394   -13.040 1.00 22.23  ? 85 A   A C4    1 
ATOM   1434 P  P     . G   A 1 78 ? -10.775 12.940  -18.405 1.00 27.38  ? 86 G   A P     1 
ATOM   1435 O  OP1   . G   A 1 78 ? -10.071 13.180  -19.694 1.00 27.60  ? 86 G   A OP1   1 
ATOM   1436 O  OP2   . G   A 1 78 ? -10.815 14.030  -17.376 1.00 26.73  ? 86 G   A OP2   1 
ATOM   1437 O  "O5'" . G   A 1 78 ? -12.251 12.498  -18.789 1.00 25.61  ? 86 G   A "O5'" 1 
ATOM   1438 C  "C5'" . G   A 1 78 ? -13.378 13.115  -18.194 1.00 25.93  ? 86 G   A "C5'" 1 
ATOM   1439 C  "C4'" . G   A 1 78 ? -14.523 12.135  -18.133 1.00 26.40  ? 86 G   A "C4'" 1 
ATOM   1440 O  "O4'" . G   A 1 78 ? -14.215 11.047  -17.209 1.00 25.37  ? 86 G   A "O4'" 1 
ATOM   1441 C  "C3'" . G   A 1 78 ? -15.821 12.681  -17.575 1.00 26.79  ? 86 G   A "C3'" 1 
ATOM   1442 O  "O3'" . G   A 1 78 ? -16.497 13.473  -18.529 1.00 27.10  ? 86 G   A "O3'" 1 
ATOM   1443 C  "C2'" . G   A 1 78 ? -16.558 11.397  -17.201 1.00 25.70  ? 86 G   A "C2'" 1 
ATOM   1444 O  "O2'" . G   A 1 78 ? -17.104 10.676  -18.294 1.00 26.81  ? 86 G   A "O2'" 1 
ATOM   1445 C  "C1'" . G   A 1 78 ? -15.415 10.591  -16.592 1.00 23.62  ? 86 G   A "C1'" 1 
ATOM   1446 N  N9    . G   A 1 78 ? -15.339 10.889  -15.173 1.00 19.59  ? 86 G   A N9    1 
ATOM   1447 C  C8    . G   A 1 78 ? -14.648 11.910  -14.575 1.00 18.58  ? 86 G   A C8    1 
ATOM   1448 N  N7    . G   A 1 78 ? -14.805 11.942  -13.285 1.00 17.55  ? 86 G   A N7    1 
ATOM   1449 C  C5    . G   A 1 78 ? -15.638 10.869  -13.022 1.00 16.69  ? 86 G   A C5    1 
ATOM   1450 C  C6    . G   A 1 78 ? -16.147 10.397  -11.805 1.00 16.37  ? 86 G   A C6    1 
ATOM   1451 O  O6    . G   A 1 78 ? -15.958 10.848  -10.672 1.00 16.16  ? 86 G   A O6    1 
ATOM   1452 N  N1    . G   A 1 78 ? -16.959 9.282   -11.988 1.00 16.49  ? 86 G   A N1    1 
ATOM   1453 C  C2    . G   A 1 78 ? -17.241 8.704   -13.200 1.00 17.24  ? 86 G   A C2    1 
ATOM   1454 N  N2    . G   A 1 78 ? -18.060 7.643   -13.182 1.00 16.87  ? 86 G   A N2    1 
ATOM   1455 N  N3    . G   A 1 78 ? -16.758 9.138   -14.347 1.00 17.16  ? 86 G   A N3    1 
ATOM   1456 C  C4    . G   A 1 78 ? -15.971 10.214  -14.182 1.00 17.46  ? 86 G   A C4    1 
ATOM   1457 P  P     . U   A 1 79 ? -17.531 14.573  -18.025 1.00 27.60  ? 87 U   A P     1 
ATOM   1458 O  OP1   . U   A 1 79 ? -18.112 15.211  -19.232 1.00 27.93  ? 87 U   A OP1   1 
ATOM   1459 O  OP2   . U   A 1 79 ? -16.820 15.400  -17.018 1.00 27.54  ? 87 U   A OP2   1 
ATOM   1460 O  "O5'" . U   A 1 79 ? -18.666 13.723  -17.301 1.00 27.10  ? 87 U   A "O5'" 1 
ATOM   1461 C  "C5'" . U   A 1 79 ? -19.557 12.937  -18.071 1.00 28.64  ? 87 U   A "C5'" 1 
ATOM   1462 C  "C4'" . U   A 1 79 ? -20.485 12.171  -17.175 1.00 29.36  ? 87 U   A "C4'" 1 
ATOM   1463 O  "O4'" . U   A 1 79 ? -19.694 11.409  -16.246 1.00 30.60  ? 87 U   A "O4'" 1 
ATOM   1464 C  "C3'" . U   A 1 79 ? -21.374 12.994  -16.270 1.00 29.69  ? 87 U   A "C3'" 1 
ATOM   1465 O  "O3'" . U   A 1 79 ? -22.506 13.431  -16.989 1.00 30.24  ? 87 U   A "O3'" 1 
ATOM   1466 C  "C2'" . U   A 1 79 ? -21.722 11.999  -15.167 1.00 30.04  ? 87 U   A "C2'" 1 
ATOM   1467 O  "O2'" . U   A 1 79 ? -22.727 11.061  -15.460 1.00 30.58  ? 87 U   A "O2'" 1 
ATOM   1468 C  "C1'" . U   A 1 79 ? -20.419 11.226  -15.047 1.00 31.36  ? 87 U   A "C1'" 1 
ATOM   1469 N  N1    . U   A 1 79 ? -19.611 11.722  -13.935 1.00 33.93  ? 87 U   A N1    1 
ATOM   1470 C  C2    . U   A 1 79 ? -19.665 10.998  -12.787 1.00 34.86  ? 87 U   A C2    1 
ATOM   1471 O  O2    . U   A 1 79 ? -20.330 9.972   -12.702 1.00 34.97  ? 87 U   A O2    1 
ATOM   1472 N  N3    . U   A 1 79 ? -18.916 11.506  -11.751 1.00 35.64  ? 87 U   A N3    1 
ATOM   1473 C  C4    . U   A 1 79 ? -18.130 12.644  -11.767 1.00 34.72  ? 87 U   A C4    1 
ATOM   1474 O  O4    . U   A 1 79 ? -17.495 12.955  -10.762 1.00 35.45  ? 87 U   A O4    1 
ATOM   1475 C  C5    . U   A 1 79 ? -18.118 13.337  -13.009 1.00 34.77  ? 87 U   A C5    1 
ATOM   1476 C  C6    . U   A 1 79 ? -18.842 12.864  -14.031 1.00 35.29  ? 87 U   A C6    1 
ATOM   1477 P  P     . C   A 1 80 ? -23.236 14.782  -16.554 1.00 31.60  ? 88 C   A P     1 
ATOM   1478 O  OP1   . C   A 1 80 ? -24.210 15.112  -17.622 1.00 31.31  ? 88 C   A OP1   1 
ATOM   1479 O  OP2   . C   A 1 80 ? -22.211 15.785  -16.156 1.00 30.85  ? 88 C   A OP2   1 
ATOM   1480 O  "O5'" . C   A 1 80 ? -24.059 14.343  -15.267 1.00 31.44  ? 88 C   A "O5'" 1 
ATOM   1481 C  "C5'" . C   A 1 80 ? -25.223 13.535  -15.412 1.00 31.99  ? 88 C   A "C5'" 1 
ATOM   1482 C  "C4'" . C   A 1 80 ? -25.779 13.158  -14.064 1.00 31.73  ? 88 C   A "C4'" 1 
ATOM   1483 O  "O4'" . C   A 1 80 ? -24.854 12.263  -13.389 1.00 32.26  ? 88 C   A "O4'" 1 
ATOM   1484 C  "C3'" . C   A 1 80 ? -25.941 14.301  -13.081 1.00 31.76  ? 88 C   A "C3'" 1 
ATOM   1485 O  "O3'" . C   A 1 80 ? -27.148 15.006  -13.266 1.00 31.68  ? 88 C   A "O3'" 1 
ATOM   1486 C  "C2'" . C   A 1 80 ? -25.988 13.548  -11.776 1.00 32.08  ? 88 C   A "C2'" 1 
ATOM   1487 O  "O2'" . C   A 1 80 ? -27.234 12.899  -11.650 1.00 32.79  ? 88 C   A "O2'" 1 
ATOM   1488 C  "C1'" . C   A 1 80 ? -24.868 12.535  -11.997 1.00 32.22  ? 88 C   A "C1'" 1 
ATOM   1489 N  N1    . C   A 1 80 ? -23.583 13.142  -11.626 1.00 31.57  ? 88 C   A N1    1 
ATOM   1490 C  C2    . C   A 1 80 ? -23.329 13.380  -10.285 1.00 31.21  ? 88 C   A C2    1 
ATOM   1491 O  O2    . C   A 1 80 ? -24.184 13.047  -9.453  1.00 32.11  ? 88 C   A O2    1 
ATOM   1492 N  N3    . C   A 1 80 ? -22.169 13.969  -9.925  1.00 30.40  ? 88 C   A N3    1 
ATOM   1493 C  C4    . C   A 1 80 ? -21.283 14.312  -10.853 1.00 29.35  ? 88 C   A C4    1 
ATOM   1494 N  N4    . C   A 1 80 ? -20.164 14.894  -10.453 1.00 29.04  ? 88 C   A N4    1 
ATOM   1495 C  C5    . C   A 1 80 ? -21.509 14.071  -12.232 1.00 30.51  ? 88 C   A C5    1 
ATOM   1496 C  C6    . C   A 1 80 ? -22.662 13.486  -12.573 1.00 31.35  ? 88 C   A C6    1 
ATOM   1497 P  P     . G   A 1 81 ? -27.306 16.469  -12.626 1.00 32.00  ? 89 G   A P     1 
ATOM   1498 O  OP1   . G   A 1 81 ? -28.724 16.840  -12.822 1.00 32.84  ? 89 G   A OP1   1 
ATOM   1499 O  OP2   . G   A 1 81 ? -26.244 17.341  -13.208 1.00 31.22  ? 89 G   A OP2   1 
ATOM   1500 O  "O5'" . G   A 1 81 ? -27.055 16.225  -11.064 1.00 30.95  ? 89 G   A "O5'" 1 
ATOM   1501 C  "C5'" . G   A 1 81 ? -27.902 15.336  -10.331 1.00 30.80  ? 89 G   A "C5'" 1 
ATOM   1502 C  "C4'" . G   A 1 81 ? -27.413 15.150  -8.909  1.00 30.79  ? 89 G   A "C4'" 1 
ATOM   1503 O  "O4'" . G   A 1 81 ? -26.075 14.592  -8.877  1.00 30.52  ? 89 G   A "O4'" 1 
ATOM   1504 C  "C3'" . G   A 1 81 ? -27.295 16.401  -8.073  1.00 30.97  ? 89 G   A "C3'" 1 
ATOM   1505 O  "O3'" . G   A 1 81 ? -28.545 16.730  -7.529  1.00 31.78  ? 89 G   A "O3'" 1 
ATOM   1506 C  "C2'" . G   A 1 81 ? -26.371 15.945  -6.963  1.00 30.93  ? 89 G   A "C2'" 1 
ATOM   1507 O  "O2'" . G   A 1 81 ? -27.052 15.165  -6.017  1.00 30.41  ? 89 G   A "O2'" 1 
ATOM   1508 C  "C1'" . G   A 1 81 ? -25.388 15.079  -7.738  1.00 31.44  ? 89 G   A "C1'" 1 
ATOM   1509 N  N9    . G   A 1 81 ? -24.261 15.870  -8.206  1.00 34.41  ? 89 G   A N9    1 
ATOM   1510 C  C8    . G   A 1 81 ? -24.066 16.348  -9.478  1.00 36.35  ? 89 G   A C8    1 
ATOM   1511 N  N7    . G   A 1 81 ? -22.936 16.986  -9.619  1.00 37.82  ? 89 G   A N7    1 
ATOM   1512 C  C5    . G   A 1 81 ? -22.357 16.935  -8.359  1.00 37.67  ? 89 G   A C5    1 
ATOM   1513 C  C6    . G   A 1 81 ? -21.116 17.447  -7.897  1.00 38.72  ? 89 G   A C6    1 
ATOM   1514 O  O6    . G   A 1 81 ? -20.236 18.062  -8.537  1.00 39.72  ? 89 G   A O6    1 
ATOM   1515 N  N1    . G   A 1 81 ? -20.932 17.184  -6.546  1.00 37.61  ? 89 G   A N1    1 
ATOM   1516 C  C2    . G   A 1 81 ? -21.815 16.511  -5.749  1.00 36.50  ? 89 G   A C2    1 
ATOM   1517 N  N2    . G   A 1 81 ? -21.446 16.362  -4.481  1.00 37.21  ? 89 G   A N2    1 
ATOM   1518 N  N3    . G   A 1 81 ? -22.967 16.021  -6.164  1.00 35.77  ? 89 G   A N3    1 
ATOM   1519 C  C4    . G   A 1 81 ? -23.173 16.266  -7.471  1.00 35.81  ? 89 G   A C4    1 
ATOM   1520 P  P     . C   A 1 82 ? -28.858 18.246  -7.158  1.00 32.71  ? 90 C   A P     1 
ATOM   1521 O  OP1   . C   A 1 82 ? -30.278 18.310  -6.766  1.00 33.34  ? 90 C   A OP1   1 
ATOM   1522 O  OP2   . C   A 1 82 ? -28.366 19.083  -8.281  1.00 32.63  ? 90 C   A OP2   1 
ATOM   1523 O  "O5'" . C   A 1 82 ? -28.000 18.511  -5.850  1.00 34.32  ? 90 C   A "O5'" 1 
ATOM   1524 C  "C5'" . C   A 1 82 ? -28.460 18.038  -4.597  1.00 38.63  ? 90 C   A "C5'" 1 
ATOM   1525 C  "C4'" . C   A 1 82 ? -27.604 18.584  -3.486  1.00 42.37  ? 90 C   A "C4'" 1 
ATOM   1526 O  "O4'" . C   A 1 82 ? -26.246 18.114  -3.662  1.00 43.28  ? 90 C   A "O4'" 1 
ATOM   1527 C  "C3'" . C   A 1 82 ? -27.470 20.094  -3.428  1.00 44.21  ? 90 C   A "C3'" 1 
ATOM   1528 O  "O3'" . C   A 1 82 ? -28.585 20.670  -2.750  1.00 47.10  ? 90 C   A "O3'" 1 
ATOM   1529 C  "C2'" . C   A 1 82 ? -26.150 20.273  -2.675  1.00 43.59  ? 90 C   A "C2'" 1 
ATOM   1530 O  "O2'" . C   A 1 82 ? -26.251 20.144  -1.264  1.00 43.16  ? 90 C   A "O2'" 1 
ATOM   1531 C  "C1'" . C   A 1 82 ? -25.334 19.102  -3.220  1.00 43.19  ? 90 C   A "C1'" 1 
ATOM   1532 N  N1    . C   A 1 82 ? -24.479 19.446  -4.353  1.00 43.24  ? 90 C   A N1    1 
ATOM   1533 C  C2    . C   A 1 82 ? -23.101 19.358  -4.198  1.00 44.42  ? 90 C   A C2    1 
ATOM   1534 O  O2    . C   A 1 82 ? -22.642 19.032  -3.098  1.00 46.80  ? 90 C   A O2    1 
ATOM   1535 N  N3    . C   A 1 82 ? -22.300 19.627  -5.239  1.00 44.53  ? 90 C   A N3    1 
ATOM   1536 C  C4    . C   A 1 82 ? -22.829 19.982  -6.401  1.00 45.09  ? 90 C   A C4    1 
ATOM   1537 N  N4    . C   A 1 82 ? -22.000 20.239  -7.404  1.00 47.92  ? 90 C   A N4    1 
ATOM   1538 C  C5    . C   A 1 82 ? -24.234 20.094  -6.587  1.00 44.91  ? 90 C   A C5    1 
ATOM   1539 C  C6    . C   A 1 82 ? -25.016 19.822  -5.544  1.00 43.08  ? 90 C   A C6    1 
ATOM   1540 P  P     . A   A 1 83 ? -29.078 22.149  -3.148  1.00 48.99  ? 91 A   A P     1 
ATOM   1541 O  OP1   . A   A 1 83 ? -28.254 22.608  -4.294  1.00 49.31  ? 91 A   A OP1   1 
ATOM   1542 O  OP2   . A   A 1 83 ? -29.085 22.946  -1.887  1.00 48.69  ? 91 A   A OP2   1 
ATOM   1543 O  "O5'" . A   A 1 83 ? -30.566 21.946  -3.688  1.00 49.02  ? 91 A   A "O5'" 1 
ATOM   1544 C  "C5'" . A   A 1 83 ? -31.199 22.972  -4.438  1.00 51.19  ? 91 A   A "C5'" 1 
ATOM   1545 C  "C4'" . A   A 1 83 ? -32.673 23.007  -4.131  1.00 53.46  ? 91 A   A "C4'" 1 
ATOM   1546 O  "O4'" . A   A 1 83 ? -33.251 21.755  -4.561  1.00 54.90  ? 91 A   A "O4'" 1 
ATOM   1547 C  "C3'" . A   A 1 83 ? -33.072 23.116  -2.664  1.00 54.16  ? 91 A   A "C3'" 1 
ATOM   1548 O  "O3'" . A   A 1 83 ? -33.042 24.442  -2.095  1.00 52.94  ? 91 A   A "O3'" 1 
ATOM   1549 C  "C2'" . A   A 1 83 ? -34.484 22.536  -2.660  1.00 55.50  ? 91 A   A "C2'" 1 
ATOM   1550 O  "O2'" . A   A 1 83 ? -35.473 23.490  -3.002  1.00 55.15  ? 91 A   A "O2'" 1 
ATOM   1551 C  "C1'" . A   A 1 83 ? -34.387 21.467  -3.759  1.00 56.93  ? 91 A   A "C1'" 1 
ATOM   1552 N  N9    . A   A 1 83 ? -34.304 20.070  -3.311  1.00 59.68  ? 91 A   A N9    1 
ATOM   1553 C  C8    . A   A 1 83 ? -33.308 19.447  -2.592  1.00 59.91  ? 91 A   A C8    1 
ATOM   1554 N  N7    . A   A 1 83 ? -33.522 18.165  -2.391  1.00 60.26  ? 91 A   A N7    1 
ATOM   1555 C  C5    . A   A 1 83 ? -34.746 17.927  -3.009  1.00 61.27  ? 91 A   A C5    1 
ATOM   1556 C  C6    . A   A 1 83 ? -35.530 16.761  -3.159  1.00 61.56  ? 91 A   A C6    1 
ATOM   1557 N  N6    . A   A 1 83 ? -35.197 15.563  -2.674  1.00 61.91  ? 91 A   A N6    1 
ATOM   1558 N  N1    . A   A 1 83 ? -36.690 16.875  -3.838  1.00 62.30  ? 91 A   A N1    1 
ATOM   1559 C  C2    . A   A 1 83 ? -37.042 18.078  -4.329  1.00 62.20  ? 91 A   A C2    1 
ATOM   1560 N  N3    . A   A 1 83 ? -36.399 19.238  -4.252  1.00 61.49  ? 91 A   A N3    1 
ATOM   1561 C  C4    . A   A 1 83 ? -35.243 19.096  -3.572  1.00 61.12  ? 91 A   A C4    1 
HETATM 1562 MG MG    . MG  B 2 .  ? -3.927  -7.836  10.466  1.00 31.75  ? 93 MG  A MG    1 
HETATM 1563 MG MG    . MG  C 2 .  ? 6.045   14.185  -6.839  1.00 25.79  ? 94 MG  A MG    1 
HETATM 1564 CA CA    . CA  D 3 .  ? -1.954  -5.746  -9.439  1.00 38.61  ? 95 CA  A CA    1 
HETATM 1565 MG MG    . MG  E 2 .  ? 2.963   -14.417 -2.522  1.00 71.37  ? 96 MG  A MG    1 
HETATM 1566 C  CM2   . 218 F 4 .  ? 0.769   -4.596  1.000   1.00 57.08  ? 92 218 A CM2   1 
HETATM 1567 C  C2A   . 218 F 4 .  ? 1.638   -3.619  1.747   1.00 57.52  ? 92 218 A C2A   1 
HETATM 1568 N  N1A   . 218 F 4 .  ? 2.370   -2.722  1.051   1.00 57.45  ? 92 218 A N1A   1 
HETATM 1569 C  C6A   . 218 F 4 .  ? 3.172   -1.807  1.675   1.00 57.32  ? 92 218 A C6A   1 
HETATM 1570 C  C5A   . 218 F 4 .  ? 3.265   -1.781  3.093   1.00 57.66  ? 92 218 A C5A   1 
HETATM 1571 C  C7A   . 218 F 4 .  ? 4.147   -0.766  3.809   1.00 58.64  ? 92 218 A C7A   1 
HETATM 1572 N  N3    . 218 F 4 .  ? 5.195   -0.009  3.024   1.00 60.78  ? 92 218 A N3    1 
HETATM 1573 C  C2    . 218 F 4 .  ? 6.494   -0.491  3.029   1.00 60.75  ? 92 218 A C2    1 
HETATM 1574 C  C1    . 218 F 4 .  ? 7.529   0.159   2.335   1.00 60.92  ? 92 218 A C1    1 
HETATM 1575 C  C6    . 218 F 4 .  ? 7.233   1.350   1.611   1.00 60.74  ? 92 218 A C6    1 
HETATM 1576 C  C5    . 218 F 4 .  ? 5.905   1.888   1.577   1.00 61.03  ? 92 218 A C5    1 
HETATM 1577 C  CM6   . 218 F 4 .  ? 5.658   3.176   0.792   1.00 60.13  ? 92 218 A CM6   1 
HETATM 1578 C  CM7   . 218 F 4 .  ? 6.162   4.393   1.634   1.00 59.46  ? 92 218 A CM7   1 
HETATM 1579 O  OM7   . 218 F 4 .  ? 5.481   4.516   2.901   1.00 57.76  ? 92 218 A OM7   1 
HETATM 1580 C  C4    . 218 F 4 .  ? 4.850   1.183   2.307   1.00 61.65  ? 92 218 A C4    1 
HETATM 1581 C  CM4   . 218 F 4 .  ? 3.394   1.738   2.296   1.00 61.71  ? 92 218 A CM4   1 
HETATM 1582 C  C4A   . 218 F 4 .  ? 2.477   -2.749  3.809   1.00 57.41  ? 92 218 A C4A   1 
HETATM 1583 N  N4A   . 218 F 4 .  ? 2.509   -2.791  5.188   1.00 57.65  ? 92 218 A N4A   1 
HETATM 1584 N  N3A   . 218 F 4 .  ? 1.689   -3.640  3.108   1.00 57.57  ? 92 218 A N3A   1 
# 
